data_2C41
#
_entry.id   2C41
#
_cell.length_a   122.972
_cell.length_b   122.887
_cell.length_c   253.305
_cell.angle_alpha   90.00
_cell.angle_beta   90.00
_cell.angle_gamma   90.00
#
_symmetry.space_group_name_H-M   'C 2 2 21'
#
loop_
_entity.id
_entity.type
_entity.pdbx_description
1 polymer 'DPS FAMILY DNA-BINDING STRESS RESPONSE PROTEIN'
2 non-polymer 'CHLORIDE ION'
3 non-polymer 'TETRAETHYLENE GLYCOL'
4 non-polymer 'TRIETHYLENE GLYCOL'
5 water water
#
_entity_poly.entity_id   1
_entity_poly.type   'polypeptide(L)'
_entity_poly.pdbx_seq_one_letter_code
;MSATTTLKEQVLTTLKREQANAVVMYLNYKKYHWLTYGPLFRDLHLLFEEQGSEVFAMIDELAERSLMLDGQPVADPADY
LKVATVTPSSGQLTVKQMIEEAIANHELIITEMHQDAEIATEAGDIGTADLYTRLVQTHQKHRWFLKEFLAKGDGLVS
;
_entity_poly.pdbx_strand_id   A,B,C,D,E,F,G,H,I,J,K,L
#
loop_
_chem_comp.id
_chem_comp.type
_chem_comp.name
_chem_comp.formula
CL non-polymer 'CHLORIDE ION' 'Cl -1'
PG4 non-polymer 'TETRAETHYLENE GLYCOL' 'C8 H18 O5'
PGE non-polymer 'TRIETHYLENE GLYCOL' 'C6 H14 O4'
#
# COMPACT_ATOMS: atom_id res chain seq x y z
N THR A 4 38.73 -29.95 -23.22
CA THR A 4 37.99 -29.62 -24.48
C THR A 4 37.24 -28.28 -24.37
N THR A 5 36.58 -28.06 -23.23
CA THR A 5 35.68 -26.91 -23.08
C THR A 5 36.22 -25.83 -22.15
N THR A 6 35.87 -24.57 -22.43
CA THR A 6 36.19 -23.46 -21.56
C THR A 6 35.44 -23.62 -20.24
N LEU A 7 35.90 -22.94 -19.19
CA LEU A 7 35.19 -23.00 -17.91
C LEU A 7 33.88 -22.21 -17.99
N LYS A 8 33.84 -21.22 -18.87
CA LYS A 8 32.59 -20.59 -19.27
C LYS A 8 31.58 -21.66 -19.67
N GLU A 9 32.00 -22.54 -20.56
CA GLU A 9 31.14 -23.60 -21.10
C GLU A 9 30.61 -24.62 -20.06
N GLN A 10 31.45 -25.10 -19.13
CA GLN A 10 31.00 -26.04 -18.09
C GLN A 10 29.94 -25.39 -17.19
N VAL A 11 30.20 -24.17 -16.75
CA VAL A 11 29.24 -23.42 -15.92
C VAL A 11 27.95 -23.20 -16.71
N LEU A 12 28.09 -22.79 -17.98
CA LEU A 12 26.91 -22.57 -18.82
C LEU A 12 26.09 -23.84 -19.00
N THR A 13 26.78 -24.97 -19.14
CA THR A 13 26.09 -26.27 -19.20
C THR A 13 25.24 -26.52 -17.95
N THR A 14 25.80 -26.19 -16.78
CA THR A 14 25.06 -26.39 -15.53
C THR A 14 23.82 -25.52 -15.50
N LEU A 15 23.95 -24.27 -15.95
CA LEU A 15 22.83 -23.33 -15.90
C LEU A 15 21.67 -23.76 -16.80
N LYS A 16 21.99 -24.29 -17.98
CA LYS A 16 20.97 -24.83 -18.87
C LYS A 16 20.19 -25.98 -18.24
N ARG A 17 20.93 -26.92 -17.64
CA ARG A 17 20.31 -28.07 -16.97
C ARG A 17 19.47 -27.60 -15.78
N GLU A 18 20.02 -26.69 -14.98
CA GLU A 18 19.31 -26.17 -13.81
C GLU A 18 18.06 -25.38 -14.22
N GLN A 19 18.19 -24.57 -15.26
CA GLN A 19 17.05 -23.80 -15.77
C GLN A 19 15.94 -24.73 -16.26
N ALA A 20 16.31 -25.73 -17.07
CA ALA A 20 15.34 -26.71 -17.57
C ALA A 20 14.67 -27.47 -16.42
N ASN A 21 15.46 -27.84 -15.41
CA ASN A 21 14.92 -28.47 -14.21
C ASN A 21 13.90 -27.59 -13.50
N ALA A 22 14.17 -26.29 -13.42
CA ALA A 22 13.24 -25.35 -12.82
C ALA A 22 11.90 -25.33 -13.57
N VAL A 23 11.96 -25.33 -14.90
CA VAL A 23 10.75 -25.32 -15.74
C VAL A 23 9.93 -26.60 -15.53
N VAL A 24 10.59 -27.75 -15.62
CA VAL A 24 9.91 -29.03 -15.43
C VAL A 24 9.36 -29.15 -13.99
N MET A 25 10.16 -28.75 -13.01
CA MET A 25 9.73 -28.81 -11.62
C MET A 25 8.50 -27.91 -11.40
N TYR A 26 8.51 -26.73 -12.01
CA TYR A 26 7.37 -25.84 -11.93
C TYR A 26 6.11 -26.49 -12.54
N LEU A 27 6.25 -27.04 -13.74
CA LEU A 27 5.10 -27.66 -14.41
C LEU A 27 4.58 -28.88 -13.64
N ASN A 28 5.50 -29.64 -13.03
CA ASN A 28 5.13 -30.71 -12.10
C ASN A 28 4.27 -30.16 -10.95
N TYR A 29 4.72 -29.06 -10.33
CA TYR A 29 3.96 -28.46 -9.24
C TYR A 29 2.57 -28.02 -9.67
N LYS A 30 2.45 -27.51 -10.90
CA LYS A 30 1.13 -27.17 -11.44
C LYS A 30 0.23 -28.39 -11.56
N LYS A 31 0.79 -29.50 -12.05
CA LYS A 31 0.07 -30.77 -12.05
C LYS A 31 -0.48 -31.11 -10.66
N TYR A 32 0.39 -31.06 -9.65
CA TYR A 32 -0.03 -31.39 -8.28
C TYR A 32 -1.09 -30.42 -7.79
N HIS A 33 -0.86 -29.13 -8.00
CA HIS A 33 -1.83 -28.06 -7.70
C HIS A 33 -3.21 -28.40 -8.28
N TRP A 34 -3.25 -28.77 -9.57
CA TRP A 34 -4.52 -29.01 -10.25
C TRP A 34 -5.17 -30.34 -9.89
N LEU A 35 -4.36 -31.38 -9.70
CA LEU A 35 -4.89 -32.74 -9.60
C LEU A 35 -4.96 -33.29 -8.18
N THR A 36 -4.51 -32.50 -7.20
CA THR A 36 -4.63 -32.94 -5.81
C THR A 36 -6.11 -33.02 -5.42
N TYR A 37 -6.41 -33.86 -4.42
CA TYR A 37 -7.79 -34.22 -4.11
C TYR A 37 -7.86 -34.74 -2.69
N GLY A 38 -9.08 -34.90 -2.19
CA GLY A 38 -9.29 -35.47 -0.85
C GLY A 38 -9.48 -34.39 0.19
N PRO A 39 -9.67 -34.78 1.46
CA PRO A 39 -9.97 -33.84 2.55
C PRO A 39 -8.89 -32.81 2.87
N LEU A 40 -7.70 -32.96 2.29
CA LEU A 40 -6.61 -31.99 2.48
C LEU A 40 -6.54 -31.01 1.31
N PHE A 41 -7.57 -30.98 0.48
CA PHE A 41 -7.49 -30.26 -0.80
C PHE A 41 -7.01 -28.82 -0.68
N ARG A 42 -7.71 -28.00 0.10
CA ARG A 42 -7.34 -26.58 0.13
C ARG A 42 -5.88 -26.40 0.58
N ASP A 43 -5.51 -27.07 1.66
CA ASP A 43 -4.16 -26.97 2.22
C ASP A 43 -3.10 -27.35 1.18
N LEU A 44 -3.30 -28.48 0.51
CA LEU A 44 -2.36 -28.97 -0.50
C LEU A 44 -2.38 -28.17 -1.81
N HIS A 45 -3.57 -27.80 -2.26
CA HIS A 45 -3.74 -26.92 -3.42
C HIS A 45 -2.87 -25.67 -3.22
N LEU A 46 -2.93 -25.08 -2.02
CA LEU A 46 -2.10 -23.93 -1.67
C LEU A 46 -0.61 -24.26 -1.58
N LEU A 47 -0.27 -25.34 -0.88
CA LEU A 47 1.12 -25.78 -0.78
C LEU A 47 1.78 -25.87 -2.15
N PHE A 48 1.11 -26.57 -3.06
CA PHE A 48 1.68 -26.80 -4.39
C PHE A 48 1.83 -25.50 -5.17
N GLU A 49 0.87 -24.58 -5.01
CA GLU A 49 0.98 -23.27 -5.66
C GLU A 49 2.13 -22.44 -5.08
N GLU A 50 2.25 -22.45 -3.75
CA GLU A 50 3.29 -21.66 -3.05
C GLU A 50 4.68 -22.13 -3.41
N GLN A 51 4.93 -23.43 -3.28
CA GLN A 51 6.23 -23.99 -3.60
C GLN A 51 6.48 -23.88 -5.12
N GLY A 52 5.46 -24.15 -5.91
CA GLY A 52 5.53 -23.94 -7.36
C GLY A 52 5.95 -22.53 -7.73
N SER A 53 5.38 -21.53 -7.05
CA SER A 53 5.69 -20.12 -7.34
C SER A 53 7.16 -19.78 -7.04
N GLU A 54 7.69 -20.39 -5.98
CA GLU A 54 9.08 -20.19 -5.61
C GLU A 54 10.03 -20.83 -6.62
N VAL A 55 9.67 -22.02 -7.10
CA VAL A 55 10.44 -22.66 -8.17
C VAL A 55 10.33 -21.85 -9.47
N PHE A 56 9.14 -21.36 -9.76
CA PHE A 56 8.90 -20.54 -10.95
C PHE A 56 9.86 -19.35 -11.05
N ALA A 57 10.04 -18.64 -9.93
CA ALA A 57 10.90 -17.45 -9.90
C ALA A 57 12.34 -17.77 -10.30
N MET A 58 12.76 -19.01 -10.08
CA MET A 58 14.11 -19.45 -10.41
C MET A 58 14.37 -19.54 -11.91
N ILE A 59 13.31 -19.76 -12.70
CA ILE A 59 13.45 -19.94 -14.15
C ILE A 59 14.14 -18.73 -14.78
N ASP A 60 13.63 -17.53 -14.50
CA ASP A 60 14.20 -16.32 -15.08
C ASP A 60 15.61 -16.05 -14.55
N GLU A 61 15.82 -16.31 -13.26
CA GLU A 61 17.14 -16.10 -12.66
C GLU A 61 18.20 -16.96 -13.31
N LEU A 62 17.88 -18.24 -13.48
CA LEU A 62 18.85 -19.18 -14.04
C LEU A 62 19.06 -18.92 -15.53
N ALA A 63 18.00 -18.55 -16.23
CA ALA A 63 18.08 -18.26 -17.66
C ALA A 63 18.92 -17.00 -17.92
N GLU A 64 18.64 -15.94 -17.17
CA GLU A 64 19.35 -14.68 -17.37
C GLU A 64 20.81 -14.76 -16.89
N ARG A 65 21.10 -15.65 -15.95
CA ARG A 65 22.49 -15.87 -15.56
C ARG A 65 23.34 -16.27 -16.76
N SER A 66 22.80 -17.16 -17.61
CA SER A 66 23.49 -17.55 -18.84
C SER A 66 23.83 -16.35 -19.73
N LEU A 67 22.87 -15.44 -19.89
CA LEU A 67 23.09 -14.22 -20.69
C LEU A 67 24.16 -13.32 -20.09
N MET A 68 24.17 -13.21 -18.76
CA MET A 68 25.14 -12.38 -18.06
C MET A 68 26.56 -12.93 -18.20
N LEU A 69 26.67 -14.20 -18.57
CA LEU A 69 27.94 -14.89 -18.80
C LEU A 69 28.27 -14.98 -20.30
N ASP A 70 27.59 -14.16 -21.10
CA ASP A 70 27.76 -14.10 -22.56
C ASP A 70 27.37 -15.41 -23.26
N GLY A 71 26.50 -16.19 -22.62
CA GLY A 71 25.98 -17.41 -23.22
C GLY A 71 24.52 -17.25 -23.56
N GLN A 72 23.85 -18.36 -23.83
CA GLN A 72 22.41 -18.35 -24.02
C GLN A 72 21.73 -19.40 -23.14
N PRO A 73 20.51 -19.07 -22.66
CA PRO A 73 19.77 -20.06 -21.88
C PRO A 73 19.13 -21.09 -22.80
N VAL A 74 18.55 -22.13 -22.21
CA VAL A 74 17.59 -22.96 -22.94
C VAL A 74 16.42 -22.04 -23.25
N ALA A 75 15.86 -22.13 -24.45
CA ALA A 75 14.80 -21.20 -24.85
C ALA A 75 13.72 -21.83 -25.74
N ASP A 76 14.13 -22.74 -26.61
CA ASP A 76 13.20 -23.45 -27.47
C ASP A 76 12.38 -24.39 -26.59
N PRO A 77 11.04 -24.24 -26.56
CA PRO A 77 10.25 -25.13 -25.68
C PRO A 77 10.52 -26.63 -25.84
N ALA A 78 10.81 -27.08 -27.06
CA ALA A 78 11.14 -28.49 -27.32
C ALA A 78 12.41 -28.97 -26.62
N ASP A 79 13.27 -28.03 -26.24
CA ASP A 79 14.55 -28.35 -25.62
C ASP A 79 14.47 -28.71 -24.13
N TYR A 80 13.44 -28.20 -23.44
CA TYR A 80 13.39 -28.35 -21.98
C TYR A 80 13.46 -29.81 -21.50
N LEU A 81 12.64 -30.68 -22.09
CA LEU A 81 12.61 -32.09 -21.70
C LEU A 81 13.85 -32.87 -22.16
N LYS A 82 14.60 -32.31 -23.09
CA LYS A 82 15.83 -32.93 -23.60
C LYS A 82 17.04 -32.60 -22.72
N VAL A 83 16.92 -31.52 -21.95
CA VAL A 83 18.02 -31.01 -21.13
C VAL A 83 17.80 -31.29 -19.64
N ALA A 84 16.54 -31.28 -19.22
CA ALA A 84 16.20 -31.52 -17.82
C ALA A 84 16.62 -32.91 -17.35
N THR A 85 17.08 -32.99 -16.10
CA THR A 85 17.36 -34.29 -15.48
C THR A 85 16.31 -34.68 -14.44
N VAL A 86 15.49 -33.72 -14.00
CA VAL A 86 14.35 -34.07 -13.14
C VAL A 86 13.32 -34.86 -13.95
N THR A 87 12.58 -35.72 -13.26
CA THR A 87 11.58 -36.55 -13.90
C THR A 87 10.31 -35.72 -14.15
N PRO A 88 9.91 -35.57 -15.43
CA PRO A 88 8.63 -34.92 -15.70
C PRO A 88 7.52 -35.86 -15.23
N SER A 89 6.53 -35.33 -14.53
CA SER A 89 5.49 -36.17 -13.95
C SER A 89 4.65 -36.84 -15.02
N SER A 90 4.33 -38.11 -14.81
CA SER A 90 3.62 -38.90 -15.81
C SER A 90 2.49 -39.71 -15.19
N GLY A 91 1.29 -39.60 -15.76
CA GLY A 91 0.16 -40.46 -15.39
C GLY A 91 -0.60 -40.02 -14.15
N GLN A 92 -1.65 -40.79 -13.82
CA GLN A 92 -2.47 -40.52 -12.64
C GLN A 92 -1.71 -40.91 -11.38
N LEU A 93 -1.68 -40.01 -10.40
CA LEU A 93 -0.95 -40.23 -9.16
C LEU A 93 -1.86 -39.95 -7.98
N THR A 94 -1.63 -40.67 -6.88
CA THR A 94 -2.27 -40.32 -5.62
C THR A 94 -1.53 -39.11 -5.07
N VAL A 95 -2.15 -38.44 -4.09
CA VAL A 95 -1.48 -37.30 -3.45
C VAL A 95 -0.17 -37.73 -2.80
N LYS A 96 -0.17 -38.87 -2.10
CA LYS A 96 1.07 -39.41 -1.53
C LYS A 96 2.16 -39.56 -2.59
N GLN A 97 1.78 -40.11 -3.74
CA GLN A 97 2.73 -40.30 -4.85
C GLN A 97 3.27 -38.99 -5.42
N MET A 98 2.40 -37.98 -5.51
CA MET A 98 2.82 -36.65 -5.94
C MET A 98 3.88 -36.08 -5.01
N ILE A 99 3.62 -36.18 -3.70
CA ILE A 99 4.54 -35.69 -2.69
C ILE A 99 5.88 -36.45 -2.74
N GLU A 100 5.81 -37.77 -2.85
CA GLU A 100 7.01 -38.62 -2.98
C GLU A 100 7.85 -38.26 -4.22
N GLU A 101 7.17 -38.04 -5.34
CA GLU A 101 7.81 -37.65 -6.58
C GLU A 101 8.49 -36.28 -6.45
N ALA A 102 7.79 -35.34 -5.85
CA ALA A 102 8.31 -34.00 -5.61
C ALA A 102 9.59 -34.05 -4.77
N ILE A 103 9.57 -34.82 -3.68
CA ILE A 103 10.73 -34.98 -2.80
C ILE A 103 11.94 -35.52 -3.59
N ALA A 104 11.70 -36.57 -4.35
CA ALA A 104 12.76 -37.21 -5.16
C ALA A 104 13.38 -36.20 -6.12
N ASN A 105 12.54 -35.43 -6.82
CA ASN A 105 13.01 -34.41 -7.74
C ASN A 105 13.76 -33.29 -7.01
N HIS A 106 13.23 -32.84 -5.87
CA HIS A 106 13.93 -31.83 -5.07
C HIS A 106 15.30 -32.32 -4.64
N GLU A 107 15.40 -33.59 -4.25
CA GLU A 107 16.66 -34.17 -3.79
C GLU A 107 17.67 -34.22 -4.93
N LEU A 108 17.22 -34.53 -6.13
CA LEU A 108 18.07 -34.50 -7.31
C LEU A 108 18.58 -33.07 -7.53
N ILE A 109 17.68 -32.09 -7.49
CA ILE A 109 18.05 -30.69 -7.69
C ILE A 109 19.05 -30.22 -6.62
N ILE A 110 18.79 -30.58 -5.36
CA ILE A 110 19.67 -30.19 -4.25
C ILE A 110 21.09 -30.76 -4.47
N THR A 111 21.16 -32.02 -4.84
CA THR A 111 22.43 -32.65 -5.17
C THR A 111 23.12 -31.91 -6.31
N GLU A 112 22.39 -31.66 -7.39
CA GLU A 112 22.96 -30.97 -8.55
C GLU A 112 23.41 -29.54 -8.23
N MET A 113 22.64 -28.81 -7.42
CA MET A 113 23.02 -27.45 -7.08
C MET A 113 24.29 -27.38 -6.24
N HIS A 114 24.48 -28.35 -5.34
CA HIS A 114 25.77 -28.43 -4.62
C HIS A 114 26.93 -28.72 -5.58
N GLN A 115 26.74 -29.67 -6.50
CA GLN A 115 27.75 -29.99 -7.50
C GLN A 115 28.05 -28.77 -8.39
N ASP A 116 26.98 -28.11 -8.82
CA ASP A 116 27.07 -26.98 -9.73
C ASP A 116 27.68 -25.74 -9.08
N ALA A 117 27.40 -25.55 -7.79
CA ALA A 117 28.04 -24.47 -7.05
C ALA A 117 29.54 -24.70 -6.99
N GLU A 118 29.95 -25.95 -6.80
CA GLU A 118 31.39 -26.29 -6.74
C GLU A 118 32.07 -26.04 -8.09
N ILE A 119 31.40 -26.42 -9.18
CA ILE A 119 31.88 -26.15 -10.54
C ILE A 119 32.06 -24.64 -10.76
N ALA A 120 31.06 -23.85 -10.38
CA ALA A 120 31.12 -22.40 -10.50
C ALA A 120 32.28 -21.82 -9.68
N THR A 121 32.42 -22.30 -8.45
CA THR A 121 33.50 -21.83 -7.57
C THR A 121 34.88 -22.14 -8.17
N GLU A 122 35.03 -23.33 -8.71
CA GLU A 122 36.29 -23.70 -9.35
C GLU A 122 36.58 -22.85 -10.58
N ALA A 123 35.53 -22.39 -11.26
CA ALA A 123 35.68 -21.52 -12.41
C ALA A 123 35.90 -20.04 -12.01
N GLY A 124 35.84 -19.76 -10.71
CA GLY A 124 35.98 -18.40 -10.20
C GLY A 124 34.72 -17.56 -10.38
N ASP A 125 33.63 -18.23 -10.73
CA ASP A 125 32.34 -17.56 -10.98
C ASP A 125 31.57 -17.45 -9.68
N ILE A 126 31.96 -16.45 -8.88
CA ILE A 126 31.40 -16.27 -7.53
C ILE A 126 29.90 -15.96 -7.57
N GLY A 127 29.46 -15.24 -8.61
CA GLY A 127 28.03 -14.93 -8.79
C GLY A 127 27.17 -16.15 -9.01
N THR A 128 27.60 -17.04 -9.92
CA THR A 128 26.84 -18.25 -10.20
C THR A 128 26.84 -19.21 -9.01
N ALA A 129 27.98 -19.34 -8.34
CA ALA A 129 28.07 -20.13 -7.11
C ALA A 129 27.07 -19.60 -6.07
N ASP A 130 26.99 -18.29 -5.94
CA ASP A 130 26.06 -17.63 -5.02
C ASP A 130 24.59 -17.90 -5.39
N LEU A 131 24.29 -17.83 -6.68
CA LEU A 131 22.93 -18.11 -7.17
C LEU A 131 22.49 -19.49 -6.74
N TYR A 132 23.31 -20.50 -7.03
CA TYR A 132 23.01 -21.88 -6.61
C TYR A 132 22.91 -22.01 -5.09
N THR A 133 23.78 -21.30 -4.38
CA THR A 133 23.83 -21.34 -2.91
C THR A 133 22.53 -20.79 -2.28
N ARG A 134 22.01 -19.71 -2.87
CA ARG A 134 20.73 -19.14 -2.44
C ARG A 134 19.54 -20.04 -2.82
N LEU A 135 19.47 -20.44 -4.09
CA LEU A 135 18.35 -21.24 -4.57
C LEU A 135 18.22 -22.60 -3.90
N VAL A 136 19.35 -23.22 -3.56
CA VAL A 136 19.29 -24.56 -2.98
C VAL A 136 18.58 -24.58 -1.64
N GLN A 137 18.65 -23.47 -0.91
CA GLN A 137 18.00 -23.34 0.39
C GLN A 137 16.47 -23.38 0.28
N THR A 138 15.94 -22.77 -0.78
CA THR A 138 14.50 -22.87 -1.08
C THR A 138 14.10 -24.31 -1.35
N HIS A 139 14.89 -25.02 -2.16
CA HIS A 139 14.65 -26.43 -2.39
C HIS A 139 14.68 -27.26 -1.11
N GLN A 140 15.62 -26.93 -0.23
CA GLN A 140 15.73 -27.62 1.05
C GLN A 140 14.51 -27.36 1.93
N LYS A 141 13.99 -26.14 1.88
CA LYS A 141 12.73 -25.83 2.58
C LYS A 141 11.57 -26.65 2.01
N HIS A 142 11.43 -26.67 0.69
CA HIS A 142 10.36 -27.41 0.03
C HIS A 142 10.39 -28.89 0.38
N ARG A 143 11.60 -29.46 0.36
CA ARG A 143 11.79 -30.87 0.67
C ARG A 143 11.35 -31.16 2.11
N TRP A 144 11.74 -30.30 3.05
CA TRP A 144 11.31 -30.44 4.44
C TRP A 144 9.78 -30.44 4.57
N PHE A 145 9.13 -29.43 3.99
CA PHE A 145 7.66 -29.33 4.03
C PHE A 145 6.99 -30.60 3.53
N LEU A 146 7.44 -31.05 2.35
CA LEU A 146 6.89 -32.25 1.70
C LEU A 146 7.08 -33.50 2.55
N LYS A 147 8.28 -33.67 3.09
CA LYS A 147 8.60 -34.82 3.94
C LYS A 147 7.68 -34.89 5.15
N GLU A 148 7.36 -33.73 5.74
CA GLU A 148 6.46 -33.71 6.90
C GLU A 148 5.07 -34.29 6.61
N PHE A 149 4.57 -34.05 5.40
CA PHE A 149 3.26 -34.61 5.00
C PHE A 149 3.23 -36.13 4.98
N LEU A 150 4.42 -36.74 4.85
CA LEU A 150 4.57 -38.19 4.78
C LEU A 150 4.77 -38.85 6.15
N ALA A 151 4.98 -38.03 7.18
CA ALA A 151 5.15 -38.53 8.55
C ALA A 151 3.85 -39.10 9.08
N LYS A 152 3.94 -40.10 9.94
CA LYS A 152 2.75 -40.66 10.58
C LYS A 152 2.80 -40.49 12.09
N GLY A 153 1.71 -40.85 12.75
CA GLY A 153 1.64 -40.85 14.22
C GLY A 153 1.40 -39.47 14.81
N ASP A 154 0.70 -38.61 14.06
CA ASP A 154 0.34 -37.28 14.59
C ASP A 154 -0.68 -37.33 15.71
N GLY A 155 -1.46 -38.41 15.76
CA GLY A 155 -2.44 -38.64 16.81
C GLY A 155 -3.80 -38.05 16.49
N LEU A 156 -3.90 -37.38 15.34
CA LEU A 156 -5.16 -36.78 14.89
C LEU A 156 -5.73 -37.46 13.66
N VAL A 157 -4.90 -37.67 12.64
CA VAL A 157 -5.35 -38.31 11.39
C VAL A 157 -4.40 -39.41 10.91
N SER A 158 -3.29 -39.59 11.61
CA SER A 158 -2.28 -40.59 11.24
C SER A 158 -1.59 -41.13 12.49
N THR B 5 -22.35 -35.72 -23.03
CA THR B 5 -22.52 -35.52 -24.49
C THR B 5 -21.20 -35.24 -25.21
N THR B 6 -21.20 -35.35 -26.53
CA THR B 6 -19.99 -35.14 -27.28
C THR B 6 -19.62 -33.64 -27.33
N LEU B 7 -20.63 -32.76 -27.29
CA LEU B 7 -20.34 -31.31 -27.20
C LEU B 7 -19.60 -30.94 -25.90
N LYS B 8 -20.06 -31.47 -24.77
CA LYS B 8 -19.37 -31.26 -23.49
C LYS B 8 -17.94 -31.81 -23.53
N GLU B 9 -17.79 -33.01 -24.10
CA GLU B 9 -16.46 -33.60 -24.29
C GLU B 9 -15.63 -32.75 -25.24
N GLN B 10 -16.29 -32.23 -26.27
CA GLN B 10 -15.62 -31.33 -27.22
C GLN B 10 -15.08 -30.09 -26.51
N VAL B 11 -15.87 -29.53 -25.60
CA VAL B 11 -15.45 -28.36 -24.82
C VAL B 11 -14.15 -28.68 -24.06
N LEU B 12 -14.12 -29.83 -23.38
CA LEU B 12 -12.93 -30.25 -22.65
C LEU B 12 -11.71 -30.39 -23.56
N THR B 13 -11.92 -30.91 -24.76
CA THR B 13 -10.84 -31.01 -25.75
C THR B 13 -10.30 -29.62 -26.10
N THR B 14 -11.18 -28.65 -26.30
CA THR B 14 -10.72 -27.28 -26.62
C THR B 14 -9.89 -26.71 -25.48
N LEU B 15 -10.30 -26.95 -24.24
CA LEU B 15 -9.60 -26.39 -23.07
C LEU B 15 -8.19 -26.94 -22.95
N LYS B 16 -8.01 -28.22 -23.23
CA LYS B 16 -6.68 -28.84 -23.20
C LYS B 16 -5.76 -28.19 -24.24
N ARG B 17 -6.26 -28.04 -25.46
CA ARG B 17 -5.49 -27.41 -26.53
C ARG B 17 -5.17 -25.96 -26.19
N GLU B 18 -6.17 -25.23 -25.72
CA GLU B 18 -6.01 -23.83 -25.37
C GLU B 18 -5.01 -23.67 -24.22
N GLN B 19 -5.11 -24.53 -23.21
CA GLN B 19 -4.20 -24.47 -22.07
C GLN B 19 -2.76 -24.75 -22.52
N ALA B 20 -2.60 -25.78 -23.34
CA ALA B 20 -1.28 -26.15 -23.86
C ALA B 20 -0.70 -25.00 -24.68
N ASN B 21 -1.55 -24.35 -25.48
CA ASN B 21 -1.16 -23.19 -26.27
C ASN B 21 -0.68 -22.04 -25.38
N ALA B 22 -1.34 -21.85 -24.23
CA ALA B 22 -0.95 -20.78 -23.32
C ALA B 22 0.45 -21.07 -22.75
N VAL B 23 0.71 -22.32 -22.41
CA VAL B 23 2.01 -22.72 -21.88
C VAL B 23 3.13 -22.51 -22.91
N VAL B 24 2.92 -23.02 -24.12
CA VAL B 24 3.92 -22.86 -25.18
C VAL B 24 4.12 -21.38 -25.57
N MET B 25 3.01 -20.64 -25.68
CA MET B 25 3.07 -19.22 -26.02
C MET B 25 3.85 -18.45 -24.94
N TYR B 26 3.61 -18.81 -23.68
CA TYR B 26 4.35 -18.20 -22.58
C TYR B 26 5.85 -18.49 -22.68
N LEU B 27 6.20 -19.75 -22.91
CA LEU B 27 7.60 -20.14 -23.02
C LEU B 27 8.28 -19.46 -24.19
N ASN B 28 7.55 -19.32 -25.29
CA ASN B 28 8.02 -18.53 -26.45
C ASN B 28 8.34 -17.10 -26.05
N TYR B 29 7.41 -16.47 -25.32
CA TYR B 29 7.63 -15.09 -24.87
C TYR B 29 8.88 -14.97 -23.99
N LYS B 30 9.12 -15.97 -23.16
CA LYS B 30 10.33 -15.97 -22.34
C LYS B 30 11.58 -16.04 -23.23
N LYS B 31 11.53 -16.89 -24.26
CA LYS B 31 12.62 -16.92 -25.25
C LYS B 31 12.89 -15.53 -25.82
N TYR B 32 11.84 -14.83 -26.26
CA TYR B 32 12.02 -13.50 -26.86
C TYR B 32 12.54 -12.51 -25.83
N HIS B 33 11.98 -12.55 -24.63
CA HIS B 33 12.44 -11.75 -23.48
C HIS B 33 13.95 -11.92 -23.28
N TRP B 34 14.44 -13.17 -23.27
CA TRP B 34 15.84 -13.44 -22.99
C TRP B 34 16.77 -13.14 -24.17
N LEU B 35 16.30 -13.43 -25.37
CA LEU B 35 17.18 -13.42 -26.55
C LEU B 35 17.07 -12.17 -27.42
N THR B 36 16.16 -11.27 -27.09
CA THR B 36 16.07 -10.02 -27.83
C THR B 36 17.36 -9.22 -27.66
N TYR B 37 17.67 -8.39 -28.65
CA TYR B 37 18.96 -7.71 -28.73
C TYR B 37 18.84 -6.48 -29.61
N GLY B 38 19.89 -5.65 -29.61
CA GLY B 38 19.90 -4.44 -30.42
C GLY B 38 19.48 -3.21 -29.64
N PRO B 39 19.49 -2.04 -30.30
CA PRO B 39 19.18 -0.73 -29.72
C PRO B 39 17.79 -0.60 -29.07
N LEU B 40 16.89 -1.54 -29.34
CA LEU B 40 15.55 -1.55 -28.77
C LEU B 40 15.44 -2.47 -27.55
N PHE B 41 16.60 -2.89 -27.04
CA PHE B 41 16.61 -3.95 -26.03
C PHE B 41 15.68 -3.74 -24.84
N ARG B 42 15.83 -2.63 -24.13
CA ARG B 42 15.05 -2.46 -22.89
C ARG B 42 13.55 -2.48 -23.22
N ASP B 43 13.16 -1.70 -24.23
CA ASP B 43 11.75 -1.60 -24.63
C ASP B 43 11.16 -2.98 -24.95
N LEU B 44 11.87 -3.75 -25.79
CA LEU B 44 11.37 -5.06 -26.19
C LEU B 44 11.48 -6.13 -25.09
N HIS B 45 12.56 -6.08 -24.31
CA HIS B 45 12.74 -6.95 -23.14
C HIS B 45 11.49 -6.82 -22.25
N LEU B 46 11.05 -5.56 -22.06
CA LEU B 46 9.87 -5.28 -21.25
C LEU B 46 8.58 -5.73 -21.94
N LEU B 47 8.43 -5.40 -23.23
CA LEU B 47 7.27 -5.84 -24.00
C LEU B 47 7.03 -7.35 -23.87
N PHE B 48 8.07 -8.12 -24.11
CA PHE B 48 7.97 -9.58 -24.08
C PHE B 48 7.63 -10.11 -22.69
N GLU B 49 8.17 -9.49 -21.64
CA GLU B 49 7.82 -9.87 -20.26
C GLU B 49 6.36 -9.52 -19.95
N GLU B 50 5.94 -8.33 -20.37
CA GLU B 50 4.57 -7.86 -20.08
C GLU B 50 3.52 -8.72 -20.78
N GLN B 51 3.69 -8.93 -22.08
CA GLN B 51 2.72 -9.74 -22.83
C GLN B 51 2.84 -11.21 -22.39
N GLY B 52 4.08 -11.66 -22.16
CA GLY B 52 4.30 -13.01 -21.59
C GLY B 52 3.55 -13.23 -20.29
N SER B 53 3.58 -12.22 -19.41
CA SER B 53 2.94 -12.36 -18.10
C SER B 53 1.40 -12.44 -18.23
N GLU B 54 0.84 -11.76 -19.21
CA GLU B 54 -0.60 -11.81 -19.46
C GLU B 54 -1.01 -13.17 -20.01
N VAL B 55 -0.20 -13.71 -20.93
CA VAL B 55 -0.44 -15.08 -21.42
C VAL B 55 -0.27 -16.08 -20.26
N PHE B 56 0.75 -15.86 -19.44
CA PHE B 56 1.02 -16.75 -18.29
C PHE B 56 -0.22 -16.93 -17.41
N ALA B 57 -0.88 -15.81 -17.09
CA ALA B 57 -2.06 -15.84 -16.22
C ALA B 57 -3.17 -16.76 -16.77
N MET B 58 -3.20 -16.93 -18.09
CA MET B 58 -4.24 -17.74 -18.74
C MET B 58 -4.07 -19.24 -18.50
N ILE B 59 -2.83 -19.68 -18.21
CA ILE B 59 -2.52 -21.09 -18.01
C ILE B 59 -3.41 -21.68 -16.91
N ASP B 60 -3.37 -21.07 -15.74
CA ASP B 60 -4.16 -21.57 -14.60
C ASP B 60 -5.66 -21.45 -14.84
N GLU B 61 -6.09 -20.36 -15.49
CA GLU B 61 -7.50 -20.17 -15.81
C GLU B 61 -8.05 -21.27 -16.70
N LEU B 62 -7.32 -21.59 -17.76
CA LEU B 62 -7.74 -22.60 -18.72
C LEU B 62 -7.66 -24.01 -18.14
N ALA B 63 -6.62 -24.26 -17.33
CA ALA B 63 -6.45 -25.56 -16.71
C ALA B 63 -7.56 -25.81 -15.70
N GLU B 64 -7.79 -24.83 -14.82
CA GLU B 64 -8.78 -25.03 -13.78
C GLU B 64 -10.22 -25.05 -14.33
N ARG B 65 -10.44 -24.44 -15.50
CA ARG B 65 -11.75 -24.54 -16.16
C ARG B 65 -12.10 -26.01 -16.44
N SER B 66 -11.11 -26.78 -16.87
CA SER B 66 -11.31 -28.21 -17.09
C SER B 66 -11.80 -28.91 -15.82
N LEU B 67 -11.16 -28.59 -14.69
CA LEU B 67 -11.53 -29.18 -13.38
C LEU B 67 -12.96 -28.80 -12.98
N MET B 68 -13.33 -27.55 -13.25
CA MET B 68 -14.67 -27.04 -12.93
C MET B 68 -15.77 -27.71 -13.75
N LEU B 69 -15.36 -28.35 -14.85
CA LEU B 69 -16.27 -29.06 -15.75
C LEU B 69 -16.16 -30.57 -15.52
N ASP B 70 -15.57 -30.95 -14.39
CA ASP B 70 -15.42 -32.36 -14.00
C ASP B 70 -14.49 -33.14 -14.93
N GLY B 71 -13.60 -32.41 -15.59
CA GLY B 71 -12.56 -33.01 -16.42
C GLY B 71 -11.20 -32.84 -15.79
N GLN B 72 -10.15 -33.10 -16.58
CA GLN B 72 -8.78 -32.89 -16.15
C GLN B 72 -8.05 -32.01 -17.16
N PRO B 73 -7.14 -31.13 -16.69
CA PRO B 73 -6.36 -30.33 -17.62
C PRO B 73 -5.20 -31.17 -18.19
N VAL B 74 -4.48 -30.63 -19.17
CA VAL B 74 -3.16 -31.15 -19.47
C VAL B 74 -2.31 -30.92 -18.21
N ALA B 75 -1.48 -31.88 -17.84
CA ALA B 75 -0.71 -31.76 -16.60
C ALA B 75 0.69 -32.36 -16.68
N ASP B 76 0.81 -33.49 -17.38
CA ASP B 76 2.12 -34.12 -17.57
C ASP B 76 2.93 -33.18 -18.49
N PRO B 77 4.11 -32.71 -18.04
CA PRO B 77 4.90 -31.81 -18.88
C PRO B 77 5.16 -32.31 -20.30
N ALA B 78 5.31 -33.63 -20.47
CA ALA B 78 5.55 -34.24 -21.80
C ALA B 78 4.34 -34.09 -22.74
N ASP B 79 3.17 -33.80 -22.17
CA ASP B 79 1.94 -33.72 -22.97
C ASP B 79 1.75 -32.38 -23.68
N TYR B 80 2.39 -31.31 -23.18
CA TYR B 80 2.12 -29.97 -23.72
C TYR B 80 2.39 -29.85 -25.21
N LEU B 81 3.56 -30.33 -25.65
CA LEU B 81 3.93 -30.24 -27.06
C LEU B 81 3.15 -31.21 -27.95
N LYS B 82 2.52 -32.21 -27.32
CA LYS B 82 1.66 -33.17 -28.01
C LYS B 82 0.30 -32.58 -28.34
N VAL B 83 -0.16 -31.65 -27.49
CA VAL B 83 -1.52 -31.12 -27.65
C VAL B 83 -1.57 -29.68 -28.17
N ALA B 84 -0.50 -28.93 -27.96
CA ALA B 84 -0.42 -27.55 -28.45
C ALA B 84 -0.49 -27.50 -29.97
N THR B 85 -1.16 -26.46 -30.49
CA THR B 85 -1.17 -26.18 -31.93
C THR B 85 -0.33 -24.94 -32.28
N VAL B 86 -0.02 -24.12 -31.28
CA VAL B 86 0.93 -23.03 -31.48
C VAL B 86 2.32 -23.61 -31.78
N THR B 87 3.09 -22.90 -32.59
CA THR B 87 4.44 -23.35 -32.94
C THR B 87 5.40 -23.04 -31.81
N PRO B 88 6.05 -24.09 -31.25
CA PRO B 88 7.10 -23.79 -30.28
C PRO B 88 8.27 -23.17 -31.02
N SER B 89 8.82 -22.09 -30.47
CA SER B 89 9.92 -21.38 -31.13
C SER B 89 11.15 -22.27 -31.23
N SER B 90 11.81 -22.22 -32.39
CA SER B 90 13.01 -23.02 -32.59
C SER B 90 14.12 -22.21 -33.26
N GLY B 91 15.32 -22.36 -32.73
CA GLY B 91 16.53 -21.84 -33.35
C GLY B 91 16.79 -20.36 -33.11
N GLN B 92 17.90 -19.90 -33.67
CA GLN B 92 18.28 -18.49 -33.55
C GLN B 92 17.38 -17.65 -34.46
N LEU B 93 16.80 -16.60 -33.88
CA LEU B 93 15.90 -15.70 -34.60
C LEU B 93 16.34 -14.26 -34.46
N THR B 94 16.09 -13.46 -35.49
CA THR B 94 16.24 -12.01 -35.39
C THR B 94 15.06 -11.48 -34.58
N VAL B 95 15.16 -10.26 -34.08
CA VAL B 95 14.04 -9.64 -33.35
C VAL B 95 12.81 -9.57 -34.26
N LYS B 96 13.01 -9.13 -35.50
CA LYS B 96 11.91 -9.10 -36.49
C LYS B 96 11.22 -10.47 -36.58
N GLN B 97 12.01 -11.53 -36.70
CA GLN B 97 11.47 -12.90 -36.78
C GLN B 97 10.71 -13.35 -35.54
N MET B 98 11.22 -12.97 -34.36
CA MET B 98 10.52 -13.22 -33.10
C MET B 98 9.12 -12.61 -33.11
N ILE B 99 9.06 -11.34 -33.52
CA ILE B 99 7.78 -10.61 -33.56
C ILE B 99 6.82 -11.21 -34.59
N GLU B 100 7.35 -11.56 -35.76
CA GLU B 100 6.56 -12.23 -36.80
C GLU B 100 5.97 -13.55 -36.32
N GLU B 101 6.81 -14.34 -35.64
CA GLU B 101 6.40 -15.62 -35.07
C GLU B 101 5.32 -15.43 -34.02
N ALA B 102 5.52 -14.46 -33.13
CA ALA B 102 4.55 -14.15 -32.08
C ALA B 102 3.20 -13.78 -32.68
N ILE B 103 3.21 -12.91 -33.70
CA ILE B 103 1.96 -12.52 -34.38
C ILE B 103 1.23 -13.71 -34.97
N ALA B 104 1.96 -14.54 -35.71
CA ALA B 104 1.39 -15.76 -36.30
C ALA B 104 0.74 -16.67 -35.26
N ASN B 105 1.44 -16.88 -34.15
CA ASN B 105 0.91 -17.67 -33.04
C ASN B 105 -0.33 -17.02 -32.41
N HIS B 106 -0.26 -15.71 -32.16
CA HIS B 106 -1.43 -14.99 -31.64
C HIS B 106 -2.64 -15.11 -32.55
N GLU B 107 -2.40 -14.99 -33.87
CA GLU B 107 -3.48 -15.12 -34.85
C GLU B 107 -4.10 -16.51 -34.84
N LEU B 108 -3.27 -17.54 -34.68
CA LEU B 108 -3.78 -18.90 -34.52
C LEU B 108 -4.65 -19.02 -33.27
N ILE B 109 -4.14 -18.52 -32.14
CA ILE B 109 -4.91 -18.57 -30.88
C ILE B 109 -6.23 -17.81 -31.00
N ILE B 110 -6.18 -16.62 -31.61
CA ILE B 110 -7.39 -15.79 -31.81
C ILE B 110 -8.44 -16.55 -32.63
N THR B 111 -8.01 -17.15 -33.74
CA THR B 111 -8.92 -17.95 -34.55
C THR B 111 -9.50 -19.11 -33.72
N GLU B 112 -8.64 -19.83 -33.01
CA GLU B 112 -9.07 -20.95 -32.18
C GLU B 112 -10.03 -20.55 -31.05
N MET B 113 -9.75 -19.42 -30.40
CA MET B 113 -10.63 -18.94 -29.34
C MET B 113 -12.03 -18.59 -29.84
N HIS B 114 -12.12 -18.02 -31.03
CA HIS B 114 -13.43 -17.74 -31.63
C HIS B 114 -14.17 -19.04 -31.94
N GLN B 115 -13.45 -20.01 -32.52
CA GLN B 115 -14.01 -21.33 -32.79
C GLN B 115 -14.44 -22.03 -31.50
N ASP B 116 -13.57 -21.98 -30.51
CA ASP B 116 -13.80 -22.66 -29.24
C ASP B 116 -14.93 -22.02 -28.43
N ALA B 117 -15.05 -20.69 -28.51
CA ALA B 117 -16.17 -19.99 -27.89
C ALA B 117 -17.51 -20.42 -28.50
N GLU B 118 -17.53 -20.62 -29.82
CA GLU B 118 -18.71 -21.10 -30.52
C GLU B 118 -19.10 -22.51 -30.06
N ILE B 119 -18.11 -23.39 -29.94
CA ILE B 119 -18.31 -24.75 -29.43
C ILE B 119 -18.89 -24.72 -28.01
N ALA B 120 -18.29 -23.91 -27.12
CA ALA B 120 -18.79 -23.76 -25.76
C ALA B 120 -20.24 -23.26 -25.74
N THR B 121 -20.53 -22.26 -26.59
CA THR B 121 -21.88 -21.69 -26.69
C THR B 121 -22.89 -22.77 -27.12
N GLU B 122 -22.53 -23.55 -28.14
CA GLU B 122 -23.38 -24.66 -28.60
C GLU B 122 -23.63 -25.70 -27.51
N ALA B 123 -22.61 -25.90 -26.67
CA ALA B 123 -22.72 -26.83 -25.55
C ALA B 123 -23.53 -26.26 -24.39
N GLY B 124 -23.90 -24.97 -24.47
CA GLY B 124 -24.61 -24.29 -23.39
C GLY B 124 -23.69 -23.89 -22.25
N ASP B 125 -22.38 -23.99 -22.49
CA ASP B 125 -21.36 -23.68 -21.49
C ASP B 125 -21.02 -22.19 -21.54
N ILE B 126 -21.88 -21.39 -20.92
CA ILE B 126 -21.76 -19.93 -20.99
C ILE B 126 -20.47 -19.45 -20.32
N GLY B 127 -20.05 -20.15 -19.25
CA GLY B 127 -18.82 -19.81 -18.55
C GLY B 127 -17.56 -19.94 -19.40
N THR B 128 -17.42 -21.09 -20.07
CA THR B 128 -16.27 -21.33 -20.94
C THR B 128 -16.30 -20.40 -22.17
N ALA B 129 -17.48 -20.19 -22.75
CA ALA B 129 -17.62 -19.21 -23.83
C ALA B 129 -17.11 -17.84 -23.37
N ASP B 130 -17.48 -17.44 -22.16
CA ASP B 130 -17.06 -16.16 -21.60
C ASP B 130 -15.55 -16.09 -21.36
N LEU B 131 -14.98 -17.18 -20.86
CA LEU B 131 -13.54 -17.26 -20.64
C LEU B 131 -12.80 -16.98 -21.94
N TYR B 132 -13.16 -17.70 -22.99
CA TYR B 132 -12.54 -17.48 -24.30
C TYR B 132 -12.77 -16.05 -24.81
N THR B 133 -13.98 -15.54 -24.59
CA THR B 133 -14.37 -14.19 -25.04
C THR B 133 -13.50 -13.11 -24.38
N ARG B 134 -13.23 -13.28 -23.09
CA ARG B 134 -12.37 -12.37 -22.36
C ARG B 134 -10.90 -12.51 -22.79
N LEU B 135 -10.40 -13.75 -22.79
CA LEU B 135 -8.98 -13.98 -23.09
C LEU B 135 -8.59 -13.56 -24.52
N VAL B 136 -9.50 -13.74 -25.48
CA VAL B 136 -9.18 -13.43 -26.88
C VAL B 136 -8.84 -11.94 -27.04
N GLN B 137 -9.47 -11.09 -26.24
CA GLN B 137 -9.24 -9.64 -26.32
C GLN B 137 -7.81 -9.27 -25.93
N THR B 138 -7.25 -10.00 -24.97
CA THR B 138 -5.86 -9.81 -24.58
C THR B 138 -4.94 -10.20 -25.74
N HIS B 139 -5.24 -11.33 -26.38
CA HIS B 139 -4.48 -11.74 -27.57
C HIS B 139 -4.55 -10.71 -28.68
N GLN B 140 -5.74 -10.14 -28.88
CA GLN B 140 -5.94 -9.12 -29.90
C GLN B 140 -5.12 -7.88 -29.59
N LYS B 141 -5.01 -7.53 -28.29
CA LYS B 141 -4.16 -6.40 -27.89
C LYS B 141 -2.68 -6.71 -28.18
N HIS B 142 -2.23 -7.89 -27.79
CA HIS B 142 -0.84 -8.33 -28.06
C HIS B 142 -0.50 -8.29 -29.52
N ARG B 143 -1.40 -8.81 -30.35
CA ARG B 143 -1.21 -8.83 -31.80
C ARG B 143 -1.05 -7.42 -32.35
N TRP B 144 -1.89 -6.50 -31.89
CA TRP B 144 -1.83 -5.10 -32.32
C TRP B 144 -0.46 -4.49 -31.99
N PHE B 145 -0.05 -4.60 -30.73
CA PHE B 145 1.26 -4.10 -30.29
C PHE B 145 2.39 -4.62 -31.15
N LEU B 146 2.41 -5.94 -31.35
CA LEU B 146 3.47 -6.58 -32.12
C LEU B 146 3.48 -6.11 -33.57
N LYS B 147 2.29 -6.03 -34.17
CA LYS B 147 2.17 -5.56 -35.55
C LYS B 147 2.72 -4.15 -35.73
N GLU B 148 2.50 -3.30 -34.73
CA GLU B 148 3.02 -1.93 -34.82
C GLU B 148 4.56 -1.88 -34.92
N PHE B 149 5.26 -2.80 -34.23
CA PHE B 149 6.72 -2.86 -34.31
C PHE B 149 7.22 -3.15 -35.72
N LEU B 150 6.36 -3.75 -36.54
CA LEU B 150 6.68 -4.15 -37.90
C LEU B 150 6.34 -3.10 -38.96
N ALA B 151 5.62 -2.04 -38.55
CA ALA B 151 5.29 -0.94 -39.44
C ALA B 151 6.55 -0.12 -39.73
N LYS B 152 6.58 0.50 -40.90
CA LYS B 152 7.70 1.39 -41.24
C LYS B 152 7.22 2.78 -41.63
N GLY B 153 8.16 3.67 -41.92
CA GLY B 153 7.85 5.04 -42.29
C GLY B 153 7.49 5.92 -41.11
N ASP B 154 8.05 5.62 -39.93
CA ASP B 154 7.79 6.47 -38.75
C ASP B 154 8.49 7.83 -38.82
N GLY B 155 9.52 7.93 -39.67
CA GLY B 155 10.25 9.18 -39.88
C GLY B 155 11.39 9.41 -38.91
N LEU B 156 11.55 8.48 -37.96
CA LEU B 156 12.61 8.56 -36.94
C LEU B 156 13.68 7.48 -37.11
N VAL B 157 13.23 6.22 -37.24
CA VAL B 157 14.14 5.08 -37.37
C VAL B 157 13.72 4.11 -38.49
N SER B 158 12.58 4.38 -39.10
CA SER B 158 12.09 3.55 -40.20
C SER B 158 11.30 4.38 -41.20
N SER C 2 -28.38 -24.93 36.46
CA SER C 2 -28.06 -24.81 37.90
C SER C 2 -27.64 -23.37 38.25
N ALA C 3 -27.56 -23.10 39.55
CA ALA C 3 -27.10 -21.79 40.04
C ALA C 3 -25.68 -21.49 39.57
N THR C 4 -24.89 -22.53 39.40
CA THR C 4 -23.48 -22.43 38.99
C THR C 4 -23.29 -22.02 37.51
N THR C 5 -24.17 -22.52 36.65
CA THR C 5 -24.04 -22.35 35.20
C THR C 5 -25.08 -21.38 34.61
N THR C 6 -26.07 -20.97 35.39
CA THR C 6 -27.17 -20.15 34.86
C THR C 6 -26.72 -18.84 34.22
N LEU C 7 -25.83 -18.10 34.89
CA LEU C 7 -25.38 -16.82 34.35
C LEU C 7 -24.69 -16.98 33.00
N LYS C 8 -23.85 -18.00 32.88
CA LYS C 8 -23.18 -18.27 31.61
C LYS C 8 -24.15 -18.76 30.53
N GLU C 9 -25.16 -19.53 30.92
CA GLU C 9 -26.22 -19.91 30.00
C GLU C 9 -26.95 -18.65 29.51
N GLN C 10 -27.23 -17.76 30.44
CA GLN C 10 -27.87 -16.48 30.11
C GLN C 10 -27.01 -15.65 29.15
N VAL C 11 -25.69 -15.63 29.37
CA VAL C 11 -24.80 -14.91 28.46
C VAL C 11 -24.93 -15.44 27.02
N LEU C 12 -24.92 -16.76 26.88
CA LEU C 12 -25.06 -17.37 25.56
C LEU C 12 -26.39 -16.97 24.90
N THR C 13 -27.45 -16.93 25.70
CA THR C 13 -28.76 -16.49 25.19
C THR C 13 -28.67 -15.05 24.65
N THR C 14 -27.98 -14.17 25.38
CA THR C 14 -27.82 -12.78 24.92
C THR C 14 -27.06 -12.72 23.59
N LEU C 15 -26.03 -13.55 23.45
CA LEU C 15 -25.20 -13.50 22.23
C LEU C 15 -26.01 -13.93 21.00
N LYS C 16 -26.87 -14.93 21.17
CA LYS C 16 -27.71 -15.38 20.06
C LYS C 16 -28.66 -14.26 19.61
N ARG C 17 -29.31 -13.62 20.57
CA ARG C 17 -30.21 -12.50 20.29
C ARG C 17 -29.46 -11.35 19.62
N GLU C 18 -28.30 -11.00 20.18
CA GLU C 18 -27.50 -9.91 19.67
C GLU C 18 -27.00 -10.21 18.26
N GLN C 19 -26.55 -11.44 18.05
CA GLN C 19 -26.05 -11.87 16.73
C GLN C 19 -27.19 -11.78 15.70
N ALA C 20 -28.35 -12.33 16.06
CA ALA C 20 -29.53 -12.28 15.21
C ALA C 20 -29.92 -10.84 14.86
N ASN C 21 -29.87 -9.97 15.86
CA ASN C 21 -30.12 -8.54 15.66
C ASN C 21 -29.15 -7.89 14.68
N ALA C 22 -27.88 -8.28 14.76
CA ALA C 22 -26.87 -7.75 13.83
C ALA C 22 -27.20 -8.15 12.40
N VAL C 23 -27.60 -9.40 12.21
CA VAL C 23 -27.97 -9.90 10.88
C VAL C 23 -29.18 -9.14 10.31
N VAL C 24 -30.25 -9.01 11.10
CA VAL C 24 -31.45 -8.29 10.64
C VAL C 24 -31.17 -6.81 10.41
N MET C 25 -30.42 -6.19 11.32
CA MET C 25 -30.05 -4.79 11.19
C MET C 25 -29.22 -4.56 9.93
N TYR C 26 -28.30 -5.48 9.65
CA TYR C 26 -27.52 -5.40 8.43
C TYR C 26 -28.42 -5.47 7.20
N LEU C 27 -29.30 -6.47 7.15
CA LEU C 27 -30.19 -6.64 6.01
C LEU C 27 -31.15 -5.45 5.84
N ASN C 28 -31.60 -4.89 6.97
CA ASN C 28 -32.35 -3.62 6.93
C ASN C 28 -31.54 -2.51 6.27
N TYR C 29 -30.28 -2.36 6.67
CA TYR C 29 -29.39 -1.36 6.06
C TYR C 29 -29.25 -1.53 4.56
N LYS C 30 -29.18 -2.77 4.11
CA LYS C 30 -29.10 -3.04 2.68
C LYS C 30 -30.38 -2.59 1.97
N LYS C 31 -31.53 -2.86 2.58
CA LYS C 31 -32.79 -2.34 2.03
C LYS C 31 -32.73 -0.82 1.86
N TYR C 32 -32.30 -0.10 2.91
CA TYR C 32 -32.22 1.35 2.83
C TYR C 32 -31.24 1.79 1.74
N HIS C 33 -30.06 1.18 1.73
CA HIS C 33 -29.05 1.42 0.70
C HIS C 33 -29.67 1.28 -0.71
N TRP C 34 -30.40 0.19 -0.94
CA TRP C 34 -30.93 -0.08 -2.28
C TRP C 34 -32.12 0.81 -2.65
N LEU C 35 -32.98 1.09 -1.67
CA LEU C 35 -34.28 1.70 -1.94
C LEU C 35 -34.34 3.19 -1.67
N THR C 36 -33.26 3.77 -1.16
CA THR C 36 -33.24 5.20 -0.92
C THR C 36 -33.34 5.96 -2.27
N TYR C 37 -33.87 7.17 -2.21
CA TYR C 37 -34.20 7.91 -3.43
C TYR C 37 -34.26 9.40 -3.12
N GLY C 38 -34.33 10.22 -4.16
CA GLY C 38 -34.47 11.66 -4.01
C GLY C 38 -33.13 12.38 -4.12
N PRO C 39 -33.15 13.70 -3.98
CA PRO C 39 -31.97 14.55 -4.18
C PRO C 39 -30.79 14.27 -3.22
N LEU C 40 -31.03 13.49 -2.17
CA LEU C 40 -29.98 13.11 -1.23
C LEU C 40 -29.39 11.74 -1.54
N PHE C 41 -29.70 11.22 -2.73
CA PHE C 41 -29.41 9.82 -3.03
C PHE C 41 -27.96 9.38 -2.75
N ARG C 42 -26.99 10.05 -3.35
CA ARG C 42 -25.61 9.56 -3.22
C ARG C 42 -25.18 9.56 -1.75
N ASP C 43 -25.45 10.68 -1.07
CA ASP C 43 -25.08 10.85 0.34
C ASP C 43 -25.67 9.74 1.21
N LEU C 44 -26.97 9.49 1.05
CA LEU C 44 -27.64 8.46 1.85
C LEU C 44 -27.33 7.03 1.42
N HIS C 45 -27.21 6.81 0.11
CA HIS C 45 -26.76 5.51 -0.43
C HIS C 45 -25.46 5.12 0.28
N LEU C 46 -24.53 6.09 0.38
CA LEU C 46 -23.25 5.85 1.05
C LEU C 46 -23.42 5.67 2.56
N LEU C 47 -24.20 6.54 3.19
CA LEU C 47 -24.44 6.42 4.64
C LEU C 47 -24.92 5.02 5.01
N PHE C 48 -25.92 4.54 4.30
CA PHE C 48 -26.51 3.23 4.61
C PHE C 48 -25.51 2.09 4.39
N GLU C 49 -24.68 2.22 3.37
CA GLU C 49 -23.64 1.21 3.14
C GLU C 49 -22.58 1.25 4.23
N GLU C 50 -22.17 2.47 4.63
CA GLU C 50 -21.12 2.63 5.63
C GLU C 50 -21.55 2.09 6.99
N GLN C 51 -22.72 2.52 7.44
CA GLN C 51 -23.22 2.05 8.74
C GLN C 51 -23.61 0.57 8.66
N GLY C 52 -24.17 0.15 7.53
CA GLY C 52 -24.46 -1.25 7.29
C GLY C 52 -23.22 -2.13 7.38
N SER C 53 -22.11 -1.65 6.82
CA SER C 53 -20.83 -2.39 6.88
C SER C 53 -20.30 -2.55 8.30
N GLU C 54 -20.48 -1.52 9.12
CA GLU C 54 -20.06 -1.57 10.51
C GLU C 54 -20.90 -2.55 11.33
N VAL C 55 -22.21 -2.56 11.08
CA VAL C 55 -23.08 -3.56 11.70
C VAL C 55 -22.72 -4.96 11.20
N PHE C 56 -22.46 -5.08 9.90
CA PHE C 56 -22.08 -6.36 9.30
C PHE C 56 -20.94 -7.04 10.06
N ALA C 57 -19.89 -6.27 10.34
CA ALA C 57 -18.69 -6.78 11.01
C ALA C 57 -19.00 -7.41 12.36
N MET C 58 -20.09 -6.95 12.98
CA MET C 58 -20.48 -7.44 14.29
C MET C 58 -21.04 -8.85 14.26
N ILE C 59 -21.56 -9.27 13.11
CA ILE C 59 -22.18 -10.59 12.99
C ILE C 59 -21.18 -11.69 13.37
N ASP C 60 -20.02 -11.67 12.74
CA ASP C 60 -19.02 -12.71 13.01
C ASP C 60 -18.46 -12.61 14.43
N GLU C 61 -18.29 -11.39 14.94
CA GLU C 61 -17.78 -11.17 16.30
C GLU C 61 -18.71 -11.78 17.34
N LEU C 62 -20.01 -11.51 17.18
CA LEU C 62 -21.03 -12.01 18.12
C LEU C 62 -21.23 -13.51 17.98
N ALA C 63 -21.17 -14.01 16.75
CA ALA C 63 -21.32 -15.44 16.51
C ALA C 63 -20.15 -16.22 17.09
N GLU C 64 -18.94 -15.79 16.79
CA GLU C 64 -17.76 -16.52 17.27
C GLU C 64 -17.56 -16.40 18.78
N ARG C 65 -18.09 -15.33 19.39
CA ARG C 65 -18.07 -15.22 20.85
C ARG C 65 -18.76 -16.41 21.50
N SER C 66 -19.90 -16.83 20.93
CA SER C 66 -20.60 -18.02 21.43
C SER C 66 -19.71 -19.26 21.39
N LEU C 67 -19.00 -19.45 20.28
CA LEU C 67 -18.08 -20.58 20.13
C LEU C 67 -16.93 -20.53 21.16
N MET C 68 -16.44 -19.32 21.44
CA MET C 68 -15.35 -19.15 22.40
C MET C 68 -15.78 -19.46 23.84
N LEU C 69 -17.09 -19.46 24.04
CA LEU C 69 -17.70 -19.76 25.35
C LEU C 69 -18.25 -21.20 25.39
N ASP C 70 -17.80 -22.01 24.43
CA ASP C 70 -18.20 -23.42 24.33
C ASP C 70 -19.68 -23.63 24.03
N GLY C 71 -20.29 -22.60 23.42
CA GLY C 71 -21.67 -22.70 22.95
C GLY C 71 -21.73 -22.71 21.44
N GLN C 72 -22.92 -22.44 20.90
CA GLN C 72 -23.10 -22.34 19.46
C GLN C 72 -23.85 -21.05 19.13
N PRO C 73 -23.49 -20.42 17.99
CA PRO C 73 -24.22 -19.24 17.57
C PRO C 73 -25.53 -19.64 16.90
N VAL C 74 -26.38 -18.65 16.61
CA VAL C 74 -27.48 -18.87 15.67
C VAL C 74 -26.79 -19.18 14.35
N ALA C 75 -27.32 -20.14 13.59
CA ALA C 75 -26.67 -20.53 12.33
C ALA C 75 -27.64 -20.91 11.21
N ASP C 76 -28.74 -21.58 11.55
CA ASP C 76 -29.76 -21.90 10.56
C ASP C 76 -30.43 -20.60 10.10
N PRO C 77 -30.39 -20.28 8.79
CA PRO C 77 -31.03 -19.05 8.33
C PRO C 77 -32.48 -18.84 8.79
N ALA C 78 -33.25 -19.92 8.89
CA ALA C 78 -34.64 -19.81 9.35
C ALA C 78 -34.77 -19.35 10.82
N ASP C 79 -33.69 -19.46 11.59
CA ASP C 79 -33.72 -19.10 13.01
C ASP C 79 -33.59 -17.59 13.28
N TYR C 80 -32.99 -16.84 12.34
CA TYR C 80 -32.66 -15.44 12.63
C TYR C 80 -33.88 -14.60 13.01
N LEU C 81 -34.95 -14.71 12.23
CA LEU C 81 -36.15 -13.93 12.50
C LEU C 81 -36.95 -14.42 13.71
N LYS C 82 -36.64 -15.64 14.16
CA LYS C 82 -37.26 -16.21 15.37
C LYS C 82 -36.59 -15.71 16.63
N VAL C 83 -35.33 -15.30 16.52
CA VAL C 83 -34.49 -14.97 17.67
C VAL C 83 -34.31 -13.44 17.79
N ALA C 84 -34.28 -12.76 16.64
CA ALA C 84 -34.09 -11.31 16.62
C ALA C 84 -35.22 -10.57 17.33
N THR C 85 -34.85 -9.50 18.02
CA THR C 85 -35.82 -8.61 18.63
C THR C 85 -35.97 -7.27 17.90
N VAL C 86 -34.99 -6.92 17.05
CA VAL C 86 -35.15 -5.77 16.16
C VAL C 86 -36.23 -6.05 15.11
N THR C 87 -36.88 -4.99 14.65
CA THR C 87 -37.92 -5.12 13.65
C THR C 87 -37.32 -5.32 12.25
N PRO C 88 -37.63 -6.46 11.60
CA PRO C 88 -37.21 -6.57 10.21
C PRO C 88 -38.04 -5.61 9.36
N SER C 89 -37.38 -4.87 8.47
CA SER C 89 -38.07 -3.85 7.70
C SER C 89 -39.11 -4.48 6.78
N SER C 90 -40.28 -3.83 6.69
CA SER C 90 -41.39 -4.35 5.91
C SER C 90 -42.04 -3.24 5.08
N GLY C 91 -42.24 -3.53 3.79
CA GLY C 91 -43.01 -2.65 2.90
C GLY C 91 -42.28 -1.45 2.36
N GLN C 92 -42.97 -0.70 1.51
CA GLN C 92 -42.41 0.51 0.90
C GLN C 92 -42.34 1.62 1.95
N LEU C 93 -41.17 2.24 2.06
CA LEU C 93 -40.94 3.29 3.05
C LEU C 93 -40.38 4.54 2.40
N THR C 94 -40.72 5.71 2.94
CA THR C 94 -40.03 6.93 2.55
C THR C 94 -38.64 6.92 3.15
N VAL C 95 -37.76 7.78 2.65
CA VAL C 95 -36.42 7.91 3.23
C VAL C 95 -36.53 8.30 4.72
N LYS C 96 -37.40 9.26 5.04
CA LYS C 96 -37.61 9.66 6.44
C LYS C 96 -37.99 8.45 7.30
N GLN C 97 -38.92 7.63 6.82
CA GLN C 97 -39.35 6.42 7.52
C GLN C 97 -38.21 5.42 7.71
N MET C 98 -37.36 5.27 6.70
CA MET C 98 -36.20 4.37 6.82
C MET C 98 -35.29 4.80 7.96
N ILE C 99 -35.01 6.10 8.00
CA ILE C 99 -34.16 6.68 9.04
C ILE C 99 -34.78 6.52 10.43
N GLU C 100 -36.07 6.81 10.54
CA GLU C 100 -36.79 6.65 11.82
C GLU C 100 -36.77 5.19 12.29
N GLU C 101 -37.00 4.26 11.36
CA GLU C 101 -36.96 2.83 11.66
C GLU C 101 -35.57 2.43 12.15
N ALA C 102 -34.54 2.88 11.44
CA ALA C 102 -33.15 2.59 11.81
C ALA C 102 -32.84 3.08 13.22
N ILE C 103 -33.24 4.32 13.53
CA ILE C 103 -33.01 4.89 14.86
C ILE C 103 -33.67 4.03 15.93
N ALA C 104 -34.93 3.69 15.74
CA ALA C 104 -35.67 2.89 16.70
C ALA C 104 -34.98 1.55 16.96
N ASN C 105 -34.53 0.90 15.88
CA ASN C 105 -33.84 -0.38 15.98
C ASN C 105 -32.50 -0.22 16.69
N HIS C 106 -31.75 0.84 16.34
CA HIS C 106 -30.50 1.12 17.04
C HIS C 106 -30.72 1.36 18.54
N GLU C 107 -31.79 2.05 18.88
CA GLU C 107 -32.10 2.33 20.28
C GLU C 107 -32.42 1.04 21.05
N LEU C 108 -33.14 0.13 20.41
CA LEU C 108 -33.42 -1.18 21.02
C LEU C 108 -32.10 -1.92 21.26
N ILE C 109 -31.23 -1.95 20.25
CA ILE C 109 -29.94 -2.63 20.38
C ILE C 109 -29.06 -2.00 21.46
N ILE C 110 -29.02 -0.67 21.51
CA ILE C 110 -28.24 0.05 22.53
C ILE C 110 -28.73 -0.33 23.93
N THR C 111 -30.05 -0.31 24.12
CA THR C 111 -30.62 -0.73 25.40
C THR C 111 -30.23 -2.16 25.74
N GLU C 112 -30.41 -3.06 24.78
CA GLU C 112 -30.07 -4.47 24.97
C GLU C 112 -28.59 -4.71 25.26
N MET C 113 -27.71 -3.99 24.55
CA MET C 113 -26.28 -4.16 24.80
C MET C 113 -25.86 -3.70 26.19
N HIS C 114 -26.49 -2.65 26.70
CA HIS C 114 -26.22 -2.23 28.08
C HIS C 114 -26.70 -3.30 29.06
N GLN C 115 -27.89 -3.82 28.83
CA GLN C 115 -28.44 -4.90 29.68
C GLN C 115 -27.57 -6.15 29.60
N ASP C 116 -27.16 -6.51 28.39
CA ASP C 116 -26.37 -7.71 28.15
C ASP C 116 -24.94 -7.60 28.68
N ALA C 117 -24.37 -6.40 28.63
CA ALA C 117 -23.06 -6.14 29.24
C ALA C 117 -23.15 -6.37 30.75
N GLU C 118 -24.25 -5.93 31.36
CA GLU C 118 -24.44 -6.12 32.80
C GLU C 118 -24.53 -7.60 33.15
N ILE C 119 -25.26 -8.36 32.35
CA ILE C 119 -25.40 -9.81 32.53
C ILE C 119 -24.02 -10.48 32.43
N ALA C 120 -23.26 -10.13 31.39
CA ALA C 120 -21.91 -10.69 31.23
C ALA C 120 -21.01 -10.35 32.42
N THR C 121 -21.09 -9.10 32.87
CA THR C 121 -20.30 -8.64 34.01
C THR C 121 -20.64 -9.46 35.27
N GLU C 122 -21.93 -9.67 35.50
CA GLU C 122 -22.40 -10.50 36.63
C GLU C 122 -21.89 -11.93 36.52
N ALA C 123 -21.79 -12.45 35.30
CA ALA C 123 -21.29 -13.81 35.04
C ALA C 123 -19.77 -13.90 35.17
N GLY C 124 -19.11 -12.75 35.35
CA GLY C 124 -17.65 -12.69 35.39
C GLY C 124 -17.02 -12.78 34.00
N ASP C 125 -17.86 -12.66 32.97
CA ASP C 125 -17.41 -12.78 31.57
C ASP C 125 -16.94 -11.41 31.07
N ILE C 126 -15.73 -11.03 31.47
CA ILE C 126 -15.20 -9.71 31.14
C ILE C 126 -15.04 -9.49 29.63
N GLY C 127 -14.71 -10.56 28.90
CA GLY C 127 -14.57 -10.48 27.45
C GLY C 127 -15.87 -10.12 26.75
N THR C 128 -16.94 -10.81 27.10
CA THR C 128 -18.24 -10.55 26.49
C THR C 128 -18.78 -9.17 26.89
N ALA C 129 -18.58 -8.78 28.15
CA ALA C 129 -18.95 -7.43 28.57
C ALA C 129 -18.21 -6.38 27.73
N ASP C 130 -16.92 -6.65 27.48
CA ASP C 130 -16.09 -5.75 26.68
C ASP C 130 -16.59 -5.67 25.24
N LEU C 131 -16.95 -6.81 24.67
CA LEU C 131 -17.46 -6.87 23.31
C LEU C 131 -18.69 -5.96 23.18
N TYR C 132 -19.66 -6.14 24.09
CA TYR C 132 -20.86 -5.30 24.08
C TYR C 132 -20.54 -3.83 24.30
N THR C 133 -19.57 -3.56 25.17
CA THR C 133 -19.16 -2.20 25.50
C THR C 133 -18.55 -1.49 24.29
N ARG C 134 -17.74 -2.21 23.52
CA ARG C 134 -17.16 -1.67 22.28
C ARG C 134 -18.23 -1.47 21.20
N LEU C 135 -19.01 -2.52 20.95
CA LEU C 135 -19.99 -2.49 19.87
C LEU C 135 -21.08 -1.44 20.07
N VAL C 136 -21.50 -1.25 21.31
CA VAL C 136 -22.58 -0.29 21.58
C VAL C 136 -22.20 1.14 21.16
N GLN C 137 -20.91 1.47 21.21
CA GLN C 137 -20.44 2.81 20.83
C GLN C 137 -20.64 3.06 19.33
N THR C 138 -20.46 2.01 18.53
CA THR C 138 -20.72 2.11 17.09
C THR C 138 -22.22 2.35 16.84
N HIS C 139 -23.07 1.63 17.56
CA HIS C 139 -24.51 1.88 17.48
C HIS C 139 -24.88 3.30 17.90
N GLN C 140 -24.22 3.80 18.94
CA GLN C 140 -24.47 5.17 19.39
C GLN C 140 -24.04 6.20 18.34
N LYS C 141 -22.95 5.90 17.61
CA LYS C 141 -22.51 6.77 16.51
C LYS C 141 -23.55 6.78 15.39
N HIS C 142 -24.00 5.59 15.01
CA HIS C 142 -25.01 5.42 13.95
C HIS C 142 -26.29 6.17 14.27
N ARG C 143 -26.74 6.04 15.52
CA ARG C 143 -27.96 6.71 15.98
C ARG C 143 -27.83 8.23 15.89
N TRP C 144 -26.68 8.75 16.34
CA TRP C 144 -26.41 10.18 16.23
C TRP C 144 -26.49 10.68 14.77
N PHE C 145 -25.75 10.03 13.87
CA PHE C 145 -25.77 10.37 12.43
C PHE C 145 -27.20 10.41 11.88
N LEU C 146 -27.95 9.34 12.14
CA LEU C 146 -29.31 9.21 11.64
C LEU C 146 -30.22 10.33 12.18
N LYS C 147 -30.13 10.58 13.48
CA LYS C 147 -30.94 11.63 14.11
C LYS C 147 -30.68 13.00 13.50
N GLU C 148 -29.43 13.27 13.14
CA GLU C 148 -29.09 14.55 12.51
C GLU C 148 -29.88 14.78 11.22
N PHE C 149 -30.09 13.73 10.44
CA PHE C 149 -30.85 13.85 9.18
C PHE C 149 -32.30 14.27 9.40
N LEU C 150 -32.80 14.04 10.61
CA LEU C 150 -34.18 14.35 10.95
C LEU C 150 -34.36 15.74 11.56
N ALA C 151 -33.25 16.43 11.85
CA ALA C 151 -33.31 17.80 12.38
C ALA C 151 -33.76 18.77 11.29
N LYS C 152 -34.42 19.84 11.69
CA LYS C 152 -34.84 20.87 10.74
C LYS C 152 -34.24 22.23 11.09
N GLY C 153 -34.50 23.21 10.24
CA GLY C 153 -34.04 24.57 10.47
C GLY C 153 -32.58 24.80 10.14
N ASP C 154 -32.03 24.03 9.21
CA ASP C 154 -30.62 24.23 8.81
C ASP C 154 -30.41 25.53 8.02
N GLY C 155 -31.49 26.07 7.46
CA GLY C 155 -31.44 27.33 6.72
C GLY C 155 -31.13 27.18 5.23
N LEU C 156 -30.85 25.96 4.80
CA LEU C 156 -30.53 25.69 3.41
C LEU C 156 -31.62 24.87 2.71
N VAL C 157 -32.07 23.79 3.35
CA VAL C 157 -33.07 22.90 2.76
C VAL C 157 -34.17 22.52 3.76
N SER C 158 -34.03 22.99 4.99
CA SER C 158 -35.01 22.73 6.05
C SER C 158 -35.09 23.90 7.02
N THR D 5 -41.97 -5.14 -21.38
CA THR D 5 -42.42 -6.47 -21.89
C THR D 5 -42.50 -7.52 -20.76
N THR D 6 -43.17 -8.62 -21.04
CA THR D 6 -43.33 -9.70 -20.07
C THR D 6 -41.98 -10.37 -19.78
N LEU D 7 -41.14 -10.50 -20.81
CA LEU D 7 -39.80 -11.07 -20.65
C LEU D 7 -38.94 -10.27 -19.69
N LYS D 8 -39.06 -8.94 -19.76
CA LYS D 8 -38.33 -8.05 -18.86
C LYS D 8 -38.81 -8.22 -17.43
N GLU D 9 -40.12 -8.38 -17.26
CA GLU D 9 -40.68 -8.69 -15.94
C GLU D 9 -40.13 -10.04 -15.45
N GLN D 10 -40.01 -11.00 -16.36
CA GLN D 10 -39.45 -12.30 -16.06
C GLN D 10 -37.99 -12.19 -15.60
N VAL D 11 -37.22 -11.33 -16.26
CA VAL D 11 -35.82 -11.10 -15.87
C VAL D 11 -35.76 -10.57 -14.42
N LEU D 12 -36.64 -9.64 -14.08
CA LEU D 12 -36.69 -9.12 -12.72
C LEU D 12 -37.02 -10.21 -11.69
N THR D 13 -37.91 -11.12 -12.06
CA THR D 13 -38.24 -12.26 -11.21
C THR D 13 -37.01 -13.13 -10.96
N THR D 14 -36.21 -13.39 -11.99
CA THR D 14 -34.99 -14.17 -11.83
C THR D 14 -34.02 -13.50 -10.88
N LEU D 15 -33.89 -12.18 -10.99
CA LEU D 15 -32.93 -11.43 -10.16
C LEU D 15 -33.30 -11.51 -8.68
N LYS D 16 -34.59 -11.42 -8.38
CA LYS D 16 -35.04 -11.56 -6.99
C LYS D 16 -34.70 -12.94 -6.42
N ARG D 17 -35.00 -13.99 -7.18
CA ARG D 17 -34.69 -15.35 -6.76
C ARG D 17 -33.18 -15.53 -6.58
N GLU D 18 -32.41 -15.06 -7.55
CA GLU D 18 -30.96 -15.20 -7.51
C GLU D 18 -30.36 -14.42 -6.34
N GLN D 19 -30.84 -13.20 -6.13
CA GLN D 19 -30.41 -12.39 -5.00
C GLN D 19 -30.71 -13.08 -3.68
N ALA D 20 -31.94 -13.57 -3.51
CA ALA D 20 -32.34 -14.29 -2.31
C ALA D 20 -31.45 -15.52 -2.08
N ASN D 21 -31.19 -16.25 -3.17
CA ASN D 21 -30.28 -17.41 -3.11
C ASN D 21 -28.88 -17.03 -2.62
N ALA D 22 -28.37 -15.90 -3.09
CA ALA D 22 -27.06 -15.39 -2.64
C ALA D 22 -27.06 -15.15 -1.13
N VAL D 23 -28.13 -14.54 -0.62
CA VAL D 23 -28.23 -14.26 0.81
C VAL D 23 -28.27 -15.57 1.62
N VAL D 24 -29.12 -16.50 1.22
CA VAL D 24 -29.25 -17.76 1.95
C VAL D 24 -27.95 -18.58 1.85
N MET D 25 -27.37 -18.60 0.66
CA MET D 25 -26.12 -19.33 0.44
C MET D 25 -25.01 -18.75 1.32
N TYR D 26 -24.97 -17.43 1.39
CA TYR D 26 -24.01 -16.76 2.26
C TYR D 26 -24.20 -17.15 3.73
N LEU D 27 -25.43 -17.06 4.21
CA LEU D 27 -25.73 -17.42 5.60
C LEU D 27 -25.41 -18.89 5.88
N ASN D 28 -25.71 -19.77 4.92
CA ASN D 28 -25.28 -21.18 5.00
C ASN D 28 -23.76 -21.30 5.18
N TYR D 29 -22.99 -20.56 4.37
CA TYR D 29 -21.52 -20.57 4.50
C TYR D 29 -21.04 -20.11 5.87
N LYS D 30 -21.72 -19.11 6.44
CA LYS D 30 -21.37 -18.66 7.78
C LYS D 30 -21.63 -19.77 8.79
N LYS D 31 -22.75 -20.47 8.65
CA LYS D 31 -23.01 -21.64 9.48
C LYS D 31 -21.84 -22.63 9.43
N TYR D 32 -21.41 -22.97 8.22
CA TYR D 32 -20.31 -23.95 8.05
C TYR D 32 -19.03 -23.41 8.64
N HIS D 33 -18.73 -22.15 8.36
CA HIS D 33 -17.58 -21.44 8.93
C HIS D 33 -17.55 -21.56 10.45
N TRP D 34 -18.68 -21.28 11.10
CA TRP D 34 -18.76 -21.30 12.56
C TRP D 34 -18.78 -22.70 13.17
N LEU D 35 -19.47 -23.63 12.50
CA LEU D 35 -19.75 -24.95 13.10
C LEU D 35 -18.85 -26.08 12.63
N THR D 36 -17.96 -25.79 11.69
CA THR D 36 -17.00 -26.81 11.27
C THR D 36 -16.10 -27.22 12.46
N TYR D 37 -15.59 -28.44 12.42
CA TYR D 37 -14.85 -29.01 13.54
C TYR D 37 -13.95 -30.14 13.05
N GLY D 38 -13.08 -30.62 13.92
CA GLY D 38 -12.21 -31.74 13.60
C GLY D 38 -10.83 -31.26 13.17
N PRO D 39 -9.93 -32.22 12.85
CA PRO D 39 -8.54 -31.96 12.51
C PRO D 39 -8.32 -31.07 11.29
N LEU D 40 -9.36 -30.84 10.50
CA LEU D 40 -9.28 -29.99 9.31
C LEU D 40 -9.79 -28.58 9.61
N PHE D 41 -9.92 -28.25 10.88
CA PHE D 41 -10.63 -27.02 11.27
C PHE D 41 -10.12 -25.75 10.59
N ARG D 42 -8.84 -25.43 10.72
CA ARG D 42 -8.37 -24.15 10.19
C ARG D 42 -8.58 -24.08 8.67
N ASP D 43 -8.19 -25.15 7.97
CA ASP D 43 -8.35 -25.22 6.51
C ASP D 43 -9.80 -24.99 6.07
N LEU D 44 -10.74 -25.70 6.70
CA LEU D 44 -12.15 -25.57 6.35
C LEU D 44 -12.80 -24.28 6.85
N HIS D 45 -12.42 -23.83 8.04
CA HIS D 45 -12.87 -22.53 8.58
C HIS D 45 -12.56 -21.47 7.53
N LEU D 46 -11.33 -21.50 7.00
CA LEU D 46 -10.92 -20.57 5.95
C LEU D 46 -11.68 -20.76 4.63
N LEU D 47 -11.79 -22.02 4.19
CA LEU D 47 -12.51 -22.33 2.94
C LEU D 47 -13.90 -21.71 2.96
N PHE D 48 -14.64 -21.98 4.04
CA PHE D 48 -16.02 -21.50 4.16
C PHE D 48 -16.11 -19.98 4.19
N GLU D 49 -15.15 -19.33 4.84
CA GLU D 49 -15.10 -17.87 4.84
C GLU D 49 -14.80 -17.32 3.44
N GLU D 50 -13.85 -17.95 2.76
CA GLU D 50 -13.40 -17.50 1.45
C GLU D 50 -14.52 -17.62 0.42
N GLN D 51 -15.13 -18.80 0.34
CA GLN D 51 -16.20 -19.00 -0.64
C GLN D 51 -17.45 -18.22 -0.22
N GLY D 52 -17.71 -18.18 1.08
CA GLY D 52 -18.78 -17.33 1.62
C GLY D 52 -18.64 -15.87 1.22
N SER D 53 -17.42 -15.35 1.27
CA SER D 53 -17.18 -13.94 0.94
C SER D 53 -17.41 -13.66 -0.55
N GLU D 54 -17.11 -14.65 -1.40
CA GLU D 54 -17.34 -14.50 -2.83
C GLU D 54 -18.84 -14.54 -3.15
N VAL D 55 -19.57 -15.41 -2.48
CA VAL D 55 -21.04 -15.42 -2.60
C VAL D 55 -21.63 -14.11 -2.05
N PHE D 56 -21.11 -13.67 -0.91
CA PHE D 56 -21.56 -12.41 -0.30
C PHE D 56 -21.53 -11.23 -1.28
N ALA D 57 -20.43 -11.10 -2.03
CA ALA D 57 -20.25 -10.00 -2.98
C ALA D 57 -21.37 -9.96 -4.04
N MET D 58 -21.97 -11.12 -4.31
CA MET D 58 -23.01 -11.23 -5.33
C MET D 58 -24.34 -10.62 -4.89
N ILE D 59 -24.58 -10.56 -3.58
CA ILE D 59 -25.82 -10.03 -3.04
C ILE D 59 -26.10 -8.62 -3.58
N ASP D 60 -25.14 -7.71 -3.38
CA ASP D 60 -25.29 -6.34 -3.84
C ASP D 60 -25.38 -6.24 -5.36
N GLU D 61 -24.58 -7.04 -6.07
CA GLU D 61 -24.62 -7.04 -7.53
C GLU D 61 -25.99 -7.41 -8.08
N LEU D 62 -26.56 -8.48 -7.54
CA LEU D 62 -27.86 -8.98 -8.00
C LEU D 62 -29.00 -8.06 -7.58
N ALA D 63 -28.90 -7.49 -6.39
CA ALA D 63 -29.90 -6.53 -5.89
C ALA D 63 -29.90 -5.26 -6.72
N GLU D 64 -28.72 -4.69 -6.94
CA GLU D 64 -28.66 -3.42 -7.66
C GLU D 64 -28.98 -3.58 -9.15
N ARG D 65 -28.75 -4.77 -9.69
CA ARG D 65 -29.17 -5.05 -11.07
C ARG D 65 -30.68 -4.80 -11.25
N SER D 66 -31.49 -5.22 -10.27
CA SER D 66 -32.92 -4.96 -10.30
C SER D 66 -33.23 -3.46 -10.40
N LEU D 67 -32.53 -2.66 -9.60
CA LEU D 67 -32.68 -1.20 -9.62
C LEU D 67 -32.30 -0.59 -10.97
N MET D 68 -31.23 -1.10 -11.57
CA MET D 68 -30.74 -0.60 -12.86
C MET D 68 -31.73 -0.92 -13.99
N LEU D 69 -32.61 -1.87 -13.73
CA LEU D 69 -33.66 -2.26 -14.69
C LEU D 69 -35.02 -1.66 -14.33
N ASP D 70 -35.01 -0.63 -13.48
CA ASP D 70 -36.19 0.11 -13.04
C ASP D 70 -37.14 -0.74 -12.21
N GLY D 71 -36.60 -1.78 -11.57
CA GLY D 71 -37.37 -2.62 -10.66
C GLY D 71 -36.90 -2.43 -9.23
N GLN D 72 -37.26 -3.37 -8.37
CA GLN D 72 -36.81 -3.37 -6.98
C GLN D 72 -36.27 -4.76 -6.60
N PRO D 73 -35.22 -4.79 -5.78
CA PRO D 73 -34.71 -6.07 -5.30
C PRO D 73 -35.60 -6.62 -4.20
N VAL D 74 -35.34 -7.85 -3.78
CA VAL D 74 -35.85 -8.32 -2.49
C VAL D 74 -35.17 -7.43 -1.46
N ALA D 75 -35.90 -7.01 -0.43
CA ALA D 75 -35.33 -6.10 0.55
C ALA D 75 -35.81 -6.37 1.98
N ASP D 76 -37.08 -6.71 2.13
CA ASP D 76 -37.64 -7.06 3.43
C ASP D 76 -36.98 -8.37 3.90
N PRO D 77 -36.29 -8.36 5.07
CA PRO D 77 -35.64 -9.61 5.50
C PRO D 77 -36.55 -10.85 5.56
N ALA D 78 -37.84 -10.65 5.87
CA ALA D 78 -38.78 -11.76 5.91
C ALA D 78 -39.04 -12.38 4.53
N ASP D 79 -38.69 -11.68 3.47
CA ASP D 79 -38.99 -12.14 2.11
C ASP D 79 -37.95 -13.14 1.58
N TYR D 80 -36.74 -13.11 2.13
CA TYR D 80 -35.65 -13.92 1.57
C TYR D 80 -35.97 -15.41 1.53
N LEU D 81 -36.44 -15.97 2.64
CA LEU D 81 -36.75 -17.39 2.67
C LEU D 81 -38.03 -17.75 1.90
N LYS D 82 -38.82 -16.75 1.56
CA LYS D 82 -40.02 -16.95 0.72
C LYS D 82 -39.70 -17.04 -0.76
N VAL D 83 -38.59 -16.41 -1.16
CA VAL D 83 -38.22 -16.28 -2.57
C VAL D 83 -37.07 -17.22 -2.96
N ALA D 84 -36.17 -17.48 -2.02
CA ALA D 84 -35.01 -18.32 -2.27
C ALA D 84 -35.43 -19.76 -2.58
N THR D 85 -34.71 -20.38 -3.52
CA THR D 85 -34.93 -21.77 -3.89
C THR D 85 -33.83 -22.69 -3.34
N VAL D 86 -32.68 -22.12 -2.97
CA VAL D 86 -31.66 -22.90 -2.26
C VAL D 86 -32.17 -23.32 -0.88
N THR D 87 -31.68 -24.46 -0.41
CA THR D 87 -32.08 -25.02 0.87
C THR D 87 -31.38 -24.25 1.99
N PRO D 88 -32.15 -23.57 2.85
CA PRO D 88 -31.50 -22.99 4.04
C PRO D 88 -31.07 -24.12 4.98
N SER D 89 -29.85 -24.03 5.49
CA SER D 89 -29.30 -25.13 6.29
C SER D 89 -30.07 -25.30 7.59
N SER D 90 -30.32 -26.54 7.97
CA SER D 90 -31.13 -26.83 9.16
C SER D 90 -30.50 -27.94 10.01
N GLY D 91 -30.37 -27.67 11.31
CA GLY D 91 -29.93 -28.68 12.27
C GLY D 91 -28.43 -28.95 12.35
N GLN D 92 -28.06 -29.85 13.25
CA GLN D 92 -26.65 -30.23 13.42
C GLN D 92 -26.20 -31.08 12.25
N LEU D 93 -25.05 -30.74 11.68
CA LEU D 93 -24.49 -31.39 10.51
C LEU D 93 -23.05 -31.80 10.76
N THR D 94 -22.65 -32.94 10.19
CA THR D 94 -21.24 -33.27 10.16
C THR D 94 -20.59 -32.40 9.09
N VAL D 95 -19.27 -32.32 9.12
CA VAL D 95 -18.52 -31.56 8.11
C VAL D 95 -18.81 -32.11 6.71
N LYS D 96 -18.79 -33.44 6.57
CA LYS D 96 -19.15 -34.09 5.31
C LYS D 96 -20.53 -33.60 4.81
N GLN D 97 -21.50 -33.59 5.72
CA GLN D 97 -22.86 -33.17 5.38
C GLN D 97 -22.95 -31.71 4.96
N MET D 98 -22.19 -30.85 5.64
CA MET D 98 -22.11 -29.44 5.25
C MET D 98 -21.61 -29.28 3.81
N ILE D 99 -20.56 -30.03 3.48
CA ILE D 99 -19.96 -29.97 2.15
C ILE D 99 -20.94 -30.50 1.08
N GLU D 100 -21.59 -31.61 1.38
CA GLU D 100 -22.61 -32.20 0.50
C GLU D 100 -23.77 -31.22 0.24
N GLU D 101 -24.23 -30.58 1.31
CA GLU D 101 -25.31 -29.59 1.21
C GLU D 101 -24.88 -28.39 0.35
N ALA D 102 -23.68 -27.88 0.61
CA ALA D 102 -23.12 -26.77 -0.17
C ALA D 102 -23.05 -27.11 -1.66
N ILE D 103 -22.55 -28.31 -1.99
CA ILE D 103 -22.45 -28.74 -3.39
C ILE D 103 -23.83 -28.76 -4.06
N ALA D 104 -24.80 -29.36 -3.38
CA ALA D 104 -26.16 -29.45 -3.91
C ALA D 104 -26.74 -28.05 -4.18
N ASN D 105 -26.55 -27.14 -3.23
CA ASN D 105 -27.01 -25.77 -3.38
C ASN D 105 -26.28 -25.04 -4.52
N HIS D 106 -24.96 -25.21 -4.60
CA HIS D 106 -24.21 -24.66 -5.73
C HIS D 106 -24.73 -25.19 -7.07
N GLU D 107 -25.00 -26.49 -7.14
CA GLU D 107 -25.49 -27.09 -8.38
C GLU D 107 -26.84 -26.53 -8.78
N LEU D 108 -27.72 -26.30 -7.79
CA LEU D 108 -28.99 -25.66 -8.08
C LEU D 108 -28.78 -24.24 -8.63
N ILE D 109 -27.93 -23.47 -7.98
CA ILE D 109 -27.64 -22.08 -8.44
C ILE D 109 -27.05 -22.09 -9.85
N ILE D 110 -26.11 -23.00 -10.10
CA ILE D 110 -25.48 -23.14 -11.42
C ILE D 110 -26.55 -23.42 -12.50
N THR D 111 -27.42 -24.37 -12.20
CA THR D 111 -28.53 -24.69 -13.09
C THR D 111 -29.41 -23.46 -13.34
N GLU D 112 -29.80 -22.79 -12.26
CA GLU D 112 -30.62 -21.58 -12.36
C GLU D 112 -29.96 -20.45 -13.13
N MET D 113 -28.67 -20.22 -12.88
CA MET D 113 -27.97 -19.13 -13.57
C MET D 113 -27.86 -19.35 -15.08
N HIS D 114 -27.68 -20.60 -15.51
CA HIS D 114 -27.71 -20.92 -16.94
C HIS D 114 -29.10 -20.65 -17.52
N GLN D 115 -30.14 -21.09 -16.83
CA GLN D 115 -31.54 -20.81 -17.25
C GLN D 115 -31.79 -19.31 -17.29
N ASP D 116 -31.35 -18.61 -16.23
CA ASP D 116 -31.62 -17.19 -16.10
C ASP D 116 -30.83 -16.33 -17.10
N ALA D 117 -29.62 -16.77 -17.43
CA ALA D 117 -28.84 -16.10 -18.47
C ALA D 117 -29.55 -16.21 -19.83
N GLU D 118 -30.14 -17.36 -20.10
CA GLU D 118 -30.87 -17.53 -21.35
C GLU D 118 -32.14 -16.66 -21.41
N ILE D 119 -32.86 -16.56 -20.29
CA ILE D 119 -34.01 -15.66 -20.19
C ILE D 119 -33.60 -14.21 -20.46
N ALA D 120 -32.52 -13.76 -19.82
CA ALA D 120 -32.00 -12.42 -20.03
C ALA D 120 -31.62 -12.19 -21.50
N THR D 121 -30.93 -13.17 -22.09
CA THR D 121 -30.53 -13.08 -23.50
C THR D 121 -31.74 -12.96 -24.42
N GLU D 122 -32.77 -13.77 -24.16
CA GLU D 122 -34.00 -13.70 -24.95
C GLU D 122 -34.74 -12.36 -24.78
N ALA D 123 -34.61 -11.74 -23.62
CA ALA D 123 -35.15 -10.40 -23.37
C ALA D 123 -34.29 -9.28 -23.98
N GLY D 124 -33.13 -9.63 -24.52
CA GLY D 124 -32.18 -8.67 -25.08
C GLY D 124 -31.38 -7.95 -24.00
N ASP D 125 -31.48 -8.45 -22.78
CA ASP D 125 -30.79 -7.89 -21.61
C ASP D 125 -29.37 -8.44 -21.50
N ILE D 126 -28.48 -7.90 -22.33
CA ILE D 126 -27.11 -8.41 -22.42
C ILE D 126 -26.34 -8.24 -21.11
N GLY D 127 -26.62 -7.17 -20.37
CA GLY D 127 -25.97 -6.91 -19.08
C GLY D 127 -26.30 -7.96 -18.04
N THR D 128 -27.58 -8.27 -17.89
CA THR D 128 -28.00 -9.28 -16.92
C THR D 128 -27.49 -10.68 -17.32
N ALA D 129 -27.54 -10.99 -18.61
CA ALA D 129 -27.00 -12.26 -19.09
C ALA D 129 -25.52 -12.36 -18.74
N ASP D 130 -24.79 -11.26 -18.94
CA ASP D 130 -23.36 -11.21 -18.59
C ASP D 130 -23.12 -11.38 -17.09
N LEU D 131 -23.95 -10.74 -16.26
CA LEU D 131 -23.83 -10.86 -14.80
C LEU D 131 -23.92 -12.33 -14.40
N TYR D 132 -24.96 -13.01 -14.86
CA TYR D 132 -25.11 -14.42 -14.56
C TYR D 132 -23.95 -15.25 -15.11
N THR D 133 -23.48 -14.89 -16.31
CA THR D 133 -22.37 -15.60 -16.95
C THR D 133 -21.08 -15.51 -16.16
N ARG D 134 -20.83 -14.34 -15.57
CA ARG D 134 -19.65 -14.13 -14.73
C ARG D 134 -19.80 -14.84 -13.39
N LEU D 135 -20.94 -14.62 -12.73
CA LEU D 135 -21.16 -15.18 -11.40
C LEU D 135 -21.17 -16.72 -11.37
N VAL D 136 -21.74 -17.33 -12.42
CA VAL D 136 -21.85 -18.78 -12.45
C VAL D 136 -20.47 -19.47 -12.40
N GLN D 137 -19.43 -18.80 -12.93
CA GLN D 137 -18.08 -19.36 -12.92
C GLN D 137 -17.51 -19.44 -11.51
N THR D 138 -17.85 -18.47 -10.66
CA THR D 138 -17.47 -18.51 -9.25
C THR D 138 -18.13 -19.70 -8.54
N HIS D 139 -19.42 -19.90 -8.81
CA HIS D 139 -20.12 -21.07 -8.29
C HIS D 139 -19.50 -22.38 -8.76
N GLN D 140 -19.09 -22.44 -10.02
CA GLN D 140 -18.44 -23.63 -10.57
C GLN D 140 -17.11 -23.89 -9.88
N LYS D 141 -16.36 -22.82 -9.59
CA LYS D 141 -15.14 -22.96 -8.81
C LYS D 141 -15.40 -23.52 -7.42
N HIS D 142 -16.37 -22.94 -6.72
CA HIS D 142 -16.74 -23.39 -5.36
C HIS D 142 -17.14 -24.86 -5.36
N ARG D 143 -17.96 -25.25 -6.34
CA ARG D 143 -18.42 -26.62 -6.47
C ARG D 143 -17.23 -27.58 -6.62
N TRP D 144 -16.28 -27.22 -7.50
CA TRP D 144 -15.10 -28.04 -7.70
C TRP D 144 -14.29 -28.21 -6.40
N PHE D 145 -13.98 -27.10 -5.72
CA PHE D 145 -13.28 -27.15 -4.43
C PHE D 145 -13.96 -28.10 -3.46
N LEU D 146 -15.27 -27.92 -3.28
CA LEU D 146 -16.03 -28.70 -2.31
C LEU D 146 -16.01 -30.19 -2.67
N LYS D 147 -16.21 -30.48 -3.96
CA LYS D 147 -16.21 -31.87 -4.44
C LYS D 147 -14.88 -32.57 -4.15
N GLU D 148 -13.78 -31.84 -4.28
CA GLU D 148 -12.46 -32.40 -3.99
C GLU D 148 -12.34 -32.93 -2.55
N PHE D 149 -12.93 -32.21 -1.60
CA PHE D 149 -12.90 -32.65 -0.20
C PHE D 149 -13.58 -33.99 0.03
N LEU D 150 -14.49 -34.35 -0.88
CA LEU D 150 -15.26 -35.60 -0.78
C LEU D 150 -14.60 -36.79 -1.48
N ALA D 151 -13.54 -36.51 -2.23
CA ALA D 151 -12.78 -37.57 -2.92
C ALA D 151 -12.02 -38.40 -1.90
N LYS D 152 -11.82 -39.68 -2.22
CA LYS D 152 -11.04 -40.56 -1.35
C LYS D 152 -9.83 -41.17 -2.06
N GLY D 153 -9.03 -41.91 -1.32
CA GLY D 153 -7.86 -42.58 -1.89
C GLY D 153 -6.68 -41.65 -2.16
N ASP D 154 -6.56 -40.60 -1.37
CA ASP D 154 -5.41 -39.70 -1.50
C ASP D 154 -4.09 -40.32 -1.01
N GLY D 155 -4.19 -41.38 -0.21
CA GLY D 155 -3.03 -42.11 0.29
C GLY D 155 -2.42 -41.56 1.56
N LEU D 156 -2.98 -40.46 2.07
CA LEU D 156 -2.48 -39.83 3.29
C LEU D 156 -3.49 -39.93 4.44
N VAL D 157 -4.75 -39.58 4.16
CA VAL D 157 -5.81 -39.57 5.19
C VAL D 157 -7.08 -40.24 4.70
N SER D 158 -7.09 -40.64 3.42
CA SER D 158 -8.27 -41.27 2.83
C SER D 158 -7.87 -42.29 1.77
N THR E 5 27.96 -37.59 7.78
CA THR E 5 29.39 -37.33 8.09
C THR E 5 29.55 -36.67 9.47
N THR E 6 30.79 -36.63 9.97
CA THR E 6 31.07 -36.00 11.27
C THR E 6 30.86 -34.49 11.23
N LEU E 7 31.29 -33.87 10.14
CA LEU E 7 31.14 -32.42 9.97
C LEU E 7 29.67 -32.03 9.83
N LYS E 8 28.89 -32.95 9.26
CA LYS E 8 27.45 -32.77 9.09
C LYS E 8 26.69 -32.65 10.41
N GLU E 9 26.99 -33.56 11.35
CA GLU E 9 26.36 -33.50 12.68
C GLU E 9 26.86 -32.30 13.47
N GLN E 10 28.12 -31.94 13.23
CA GLN E 10 28.72 -30.74 13.80
C GLN E 10 27.96 -29.49 13.37
N VAL E 11 27.55 -29.45 12.11
CA VAL E 11 26.77 -28.31 11.59
C VAL E 11 25.48 -28.15 12.40
N LEU E 12 24.80 -29.26 12.67
CA LEU E 12 23.58 -29.24 13.46
C LEU E 12 23.82 -28.71 14.88
N THR E 13 24.97 -29.07 15.47
CA THR E 13 25.32 -28.53 16.80
C THR E 13 25.50 -27.01 16.75
N THR E 14 26.11 -26.50 15.68
CA THR E 14 26.31 -25.06 15.54
C THR E 14 24.98 -24.33 15.45
N LEU E 15 24.02 -24.91 14.71
CA LEU E 15 22.73 -24.26 14.52
C LEU E 15 21.94 -24.17 15.83
N LYS E 16 22.01 -25.21 16.64
CA LYS E 16 21.35 -25.18 17.95
C LYS E 16 21.92 -24.05 18.83
N ARG E 17 23.25 -23.96 18.90
CA ARG E 17 23.92 -22.89 19.66
C ARG E 17 23.56 -21.52 19.12
N GLU E 18 23.65 -21.38 17.79
CA GLU E 18 23.36 -20.10 17.14
C GLU E 18 21.90 -19.67 17.36
N GLN E 19 20.99 -20.63 17.19
CA GLN E 19 19.56 -20.36 17.41
C GLN E 19 19.30 -19.93 18.86
N ALA E 20 19.86 -20.68 19.81
CA ALA E 20 19.73 -20.33 21.24
C ALA E 20 20.31 -18.93 21.54
N ASN E 21 21.47 -18.62 20.94
CA ASN E 21 22.07 -17.29 21.03
C ASN E 21 21.14 -16.19 20.52
N ALA E 22 20.45 -16.45 19.41
CA ALA E 22 19.50 -15.48 18.83
C ALA E 22 18.37 -15.20 19.82
N VAL E 23 17.84 -16.25 20.42
CA VAL E 23 16.76 -16.11 21.43
C VAL E 23 17.23 -15.29 22.63
N VAL E 24 18.36 -15.66 23.23
CA VAL E 24 18.88 -14.93 24.39
C VAL E 24 19.25 -13.49 24.03
N MET E 25 19.89 -13.31 22.87
CA MET E 25 20.27 -11.97 22.43
C MET E 25 19.04 -11.09 22.23
N TYR E 26 17.98 -11.68 21.69
CA TYR E 26 16.73 -10.95 21.52
C TYR E 26 16.14 -10.54 22.87
N LEU E 27 16.05 -11.49 23.79
CA LEU E 27 15.52 -11.21 25.12
C LEU E 27 16.35 -10.14 25.83
N ASN E 28 17.68 -10.19 25.67
CA ASN E 28 18.56 -9.12 26.14
C ASN E 28 18.16 -7.75 25.55
N TYR E 29 17.96 -7.70 24.24
CA TYR E 29 17.55 -6.46 23.56
C TYR E 29 16.23 -5.91 24.12
N LYS E 30 15.29 -6.80 24.42
CA LYS E 30 14.03 -6.40 25.04
C LYS E 30 14.26 -5.78 26.43
N LYS E 31 15.11 -6.39 27.24
CA LYS E 31 15.56 -5.77 28.50
C LYS E 31 16.05 -4.33 28.30
N TYR E 32 16.98 -4.13 27.36
CA TYR E 32 17.54 -2.80 27.11
C TYR E 32 16.45 -1.83 26.63
N HIS E 33 15.62 -2.29 25.70
CA HIS E 33 14.46 -1.54 25.21
C HIS E 33 13.58 -1.04 26.36
N TRP E 34 13.25 -1.94 27.29
CA TRP E 34 12.34 -1.60 28.39
C TRP E 34 13.01 -0.77 29.49
N LEU E 35 14.28 -1.03 29.76
CA LEU E 35 14.93 -0.49 30.95
C LEU E 35 15.84 0.68 30.67
N THR E 36 16.01 1.04 29.42
CA THR E 36 16.80 2.21 29.09
C THR E 36 16.13 3.49 29.64
N TYR E 37 16.94 4.50 29.92
CA TYR E 37 16.48 5.70 30.63
C TYR E 37 17.40 6.87 30.33
N GLY E 38 17.00 8.06 30.77
CA GLY E 38 17.81 9.26 30.60
C GLY E 38 17.42 10.04 29.36
N PRO E 39 18.12 11.16 29.11
CA PRO E 39 17.77 12.09 28.03
C PRO E 39 17.87 11.52 26.61
N LEU E 40 18.47 10.33 26.47
CA LEU E 40 18.54 9.67 25.17
C LEU E 40 17.43 8.63 25.00
N PHE E 41 16.41 8.70 25.85
CA PHE E 41 15.44 7.61 25.92
C PHE E 41 14.79 7.21 24.59
N ARG E 42 14.17 8.15 23.89
CA ARG E 42 13.45 7.77 22.65
C ARG E 42 14.41 7.13 21.65
N ASP E 43 15.55 7.79 21.44
CA ASP E 43 16.54 7.32 20.46
C ASP E 43 16.98 5.90 20.79
N LEU E 44 17.33 5.65 22.05
CA LEU E 44 17.82 4.33 22.45
C LEU E 44 16.72 3.27 22.55
N HIS E 45 15.53 3.68 23.01
CA HIS E 45 14.36 2.80 23.07
C HIS E 45 14.12 2.25 21.66
N LEU E 46 14.19 3.12 20.66
CA LEU E 46 14.05 2.72 19.27
C LEU E 46 15.20 1.86 18.79
N LEU E 47 16.43 2.28 19.06
CA LEU E 47 17.60 1.49 18.66
C LEU E 47 17.49 0.04 19.13
N PHE E 48 17.19 -0.15 20.42
CA PHE E 48 17.11 -1.48 20.99
C PHE E 48 15.99 -2.31 20.36
N GLU E 49 14.86 -1.67 20.04
CA GLU E 49 13.76 -2.37 19.37
C GLU E 49 14.14 -2.76 17.93
N GLU E 50 14.78 -1.83 17.21
CA GLU E 50 15.17 -2.04 15.83
C GLU E 50 16.19 -3.17 15.70
N GLN E 51 17.28 -3.09 16.46
CA GLN E 51 18.30 -4.15 16.42
C GLN E 51 17.75 -5.46 17.00
N GLY E 52 16.96 -5.35 18.06
CA GLY E 52 16.26 -6.50 18.63
C GLY E 52 15.39 -7.21 17.60
N SER E 53 14.65 -6.44 16.80
CA SER E 53 13.78 -7.06 15.80
C SER E 53 14.55 -7.78 14.69
N GLU E 54 15.74 -7.27 14.35
CA GLU E 54 16.60 -7.92 13.37
C GLU E 54 17.19 -9.21 13.92
N VAL E 55 17.58 -9.21 15.19
CA VAL E 55 18.02 -10.46 15.85
C VAL E 55 16.84 -11.45 15.94
N PHE E 56 15.66 -10.93 16.28
CA PHE E 56 14.46 -11.76 16.39
C PHE E 56 14.21 -12.59 15.13
N ALA E 57 14.32 -11.96 13.97
CA ALA E 57 14.03 -12.64 12.70
C ALA E 57 14.96 -13.83 12.46
N MET E 58 16.14 -13.81 13.08
CA MET E 58 17.12 -14.88 12.91
C MET E 58 16.71 -16.18 13.63
N ILE E 59 15.88 -16.05 14.65
CA ILE E 59 15.46 -17.21 15.45
C ILE E 59 14.82 -18.28 14.57
N ASP E 60 13.81 -17.90 13.80
CA ASP E 60 13.11 -18.84 12.95
C ASP E 60 14.00 -19.36 11.82
N GLU E 61 14.84 -18.49 11.25
CA GLU E 61 15.77 -18.91 10.19
C GLU E 61 16.72 -19.99 10.66
N LEU E 62 17.29 -19.79 11.85
CA LEU E 62 18.27 -20.73 12.40
C LEU E 62 17.63 -22.03 12.86
N ALA E 63 16.44 -21.92 13.44
CA ALA E 63 15.67 -23.09 13.87
C ALA E 63 15.25 -23.95 12.69
N GLU E 64 14.68 -23.32 11.67
CA GLU E 64 14.19 -24.07 10.53
C GLU E 64 15.33 -24.66 9.68
N ARG E 65 16.49 -24.02 9.71
CA ARG E 65 17.67 -24.59 9.05
C ARG E 65 17.96 -26.01 9.56
N SER E 66 17.83 -26.22 10.87
CA SER E 66 18.01 -27.55 11.45
C SER E 66 17.05 -28.55 10.85
N LEU E 67 15.79 -28.16 10.72
CA LEU E 67 14.76 -29.03 10.13
C LEU E 67 15.04 -29.36 8.67
N MET E 68 15.57 -28.40 7.93
CA MET E 68 15.89 -28.57 6.52
C MET E 68 17.07 -29.51 6.31
N LEU E 69 17.83 -29.75 7.39
CA LEU E 69 18.96 -30.67 7.38
C LEU E 69 18.62 -31.99 8.07
N ASP E 70 17.32 -32.24 8.21
CA ASP E 70 16.78 -33.47 8.81
C ASP E 70 17.14 -33.61 10.30
N GLY E 71 17.39 -32.49 10.95
CA GLY E 71 17.62 -32.45 12.39
C GLY E 71 16.48 -31.77 13.11
N GLN E 72 16.71 -31.40 14.36
CA GLN E 72 15.73 -30.69 15.18
C GLN E 72 16.37 -29.46 15.79
N PRO E 73 15.62 -28.35 15.86
CA PRO E 73 16.11 -27.15 16.51
C PRO E 73 16.04 -27.32 18.02
N VAL E 74 16.64 -26.39 18.77
CA VAL E 74 16.29 -26.22 20.17
C VAL E 74 14.83 -25.80 20.18
N ALA E 75 14.04 -26.34 21.11
CA ALA E 75 12.61 -26.02 21.16
C ALA E 75 12.02 -25.94 22.58
N ASP E 76 12.50 -26.79 23.48
CA ASP E 76 12.05 -26.73 24.87
C ASP E 76 12.57 -25.42 25.48
N PRO E 77 11.67 -24.54 25.99
CA PRO E 77 12.16 -23.28 26.55
C PRO E 77 13.27 -23.41 27.61
N ALA E 78 13.23 -24.49 28.38
CA ALA E 78 14.25 -24.76 29.41
C ALA E 78 15.64 -25.00 28.84
N ASP E 79 15.71 -25.35 27.55
CA ASP E 79 16.98 -25.69 26.90
C ASP E 79 17.78 -24.48 26.43
N TYR E 80 17.11 -23.35 26.18
CA TYR E 80 17.78 -22.19 25.60
C TYR E 80 19.01 -21.71 26.38
N LEU E 81 18.86 -21.56 27.71
CA LEU E 81 19.97 -21.08 28.53
C LEU E 81 21.04 -22.15 28.78
N LYS E 82 20.70 -23.40 28.48
CA LYS E 82 21.65 -24.53 28.58
C LYS E 82 22.57 -24.60 27.35
N VAL E 83 22.05 -24.09 26.23
CA VAL E 83 22.69 -24.25 24.91
C VAL E 83 23.37 -22.95 24.46
N ALA E 84 22.78 -21.81 24.80
CA ALA E 84 23.32 -20.52 24.46
C ALA E 84 24.68 -20.27 25.09
N THR E 85 25.57 -19.64 24.34
CA THR E 85 26.87 -19.22 24.83
C THR E 85 26.92 -17.71 25.12
N VAL E 86 26.00 -16.94 24.54
CA VAL E 86 25.87 -15.52 24.86
C VAL E 86 25.49 -15.37 26.33
N THR E 87 25.93 -14.29 26.94
CA THR E 87 25.63 -14.04 28.34
C THR E 87 24.21 -13.48 28.46
N PRO E 88 23.33 -14.18 29.21
CA PRO E 88 22.01 -13.62 29.46
C PRO E 88 22.16 -12.45 30.43
N SER E 89 21.48 -11.35 30.15
CA SER E 89 21.65 -10.13 30.93
C SER E 89 21.14 -10.35 32.35
N SER E 90 21.88 -9.80 33.32
CA SER E 90 21.56 -10.00 34.73
C SER E 90 21.70 -8.72 35.53
N GLY E 91 20.65 -8.40 36.29
CA GLY E 91 20.68 -7.28 37.23
C GLY E 91 20.48 -5.89 36.64
N GLN E 92 20.48 -4.89 37.52
CA GLN E 92 20.31 -3.51 37.13
C GLN E 92 21.57 -3.01 36.41
N LEU E 93 21.39 -2.39 35.25
CA LEU E 93 22.49 -1.90 34.44
C LEU E 93 22.30 -0.44 34.07
N THR E 94 23.39 0.31 33.97
CA THR E 94 23.34 1.66 33.37
C THR E 94 23.18 1.47 31.86
N VAL E 95 22.77 2.52 31.17
CA VAL E 95 22.65 2.48 29.72
C VAL E 95 24.01 2.15 29.08
N LYS E 96 25.06 2.80 29.58
CA LYS E 96 26.43 2.48 29.14
C LYS E 96 26.73 0.99 29.25
N GLN E 97 26.39 0.39 30.40
CA GLN E 97 26.63 -1.04 30.64
C GLN E 97 25.81 -1.93 29.72
N MET E 98 24.56 -1.55 29.46
CA MET E 98 23.72 -2.26 28.50
C MET E 98 24.38 -2.32 27.12
N ILE E 99 24.88 -1.17 26.65
CA ILE E 99 25.53 -1.06 25.36
C ILE E 99 26.83 -1.89 25.32
N GLU E 100 27.64 -1.78 26.37
CA GLU E 100 28.87 -2.57 26.49
C GLU E 100 28.60 -4.08 26.46
N GLU E 101 27.57 -4.50 27.19
CA GLU E 101 27.15 -5.89 27.22
C GLU E 101 26.71 -6.37 25.83
N ALA E 102 25.87 -5.57 25.18
CA ALA E 102 25.38 -5.85 23.83
C ALA E 102 26.55 -6.04 22.86
N ILE E 103 27.52 -5.13 22.91
CA ILE E 103 28.72 -5.21 22.05
C ILE E 103 29.47 -6.52 22.28
N ALA E 104 29.74 -6.84 23.55
CA ALA E 104 30.42 -8.08 23.91
C ALA E 104 29.69 -9.31 23.35
N ASN E 105 28.36 -9.35 23.51
CA ASN E 105 27.57 -10.48 23.02
C ASN E 105 27.57 -10.54 21.49
N HIS E 106 27.45 -9.38 20.85
CA HIS E 106 27.55 -9.33 19.38
C HIS E 106 28.90 -9.86 18.91
N GLU E 107 29.97 -9.49 19.61
CA GLU E 107 31.32 -9.89 19.23
C GLU E 107 31.49 -11.40 19.35
N LEU E 108 30.93 -11.98 20.41
CA LEU E 108 30.90 -13.43 20.56
C LEU E 108 30.15 -14.09 19.40
N ILE E 109 28.95 -13.58 19.10
CA ILE E 109 28.14 -14.14 18.00
C ILE E 109 28.87 -14.01 16.64
N ILE E 110 29.46 -12.84 16.39
CA ILE E 110 30.22 -12.61 15.14
C ILE E 110 31.37 -13.62 15.00
N THR E 111 32.13 -13.79 16.08
CA THR E 111 33.21 -14.77 16.13
C THR E 111 32.67 -16.16 15.82
N GLU E 112 31.62 -16.57 16.53
CA GLU E 112 31.01 -17.88 16.34
C GLU E 112 30.45 -18.08 14.93
N MET E 113 29.81 -17.06 14.36
CA MET E 113 29.29 -17.19 13.00
C MET E 113 30.38 -17.40 11.94
N HIS E 114 31.52 -16.76 12.13
CA HIS E 114 32.68 -16.99 11.25
C HIS E 114 33.20 -18.43 11.40
N GLN E 115 33.32 -18.88 12.63
CA GLN E 115 33.73 -20.27 12.92
C GLN E 115 32.73 -21.27 12.34
N ASP E 116 31.45 -20.99 12.53
CA ASP E 116 30.39 -21.90 12.11
C ASP E 116 30.20 -21.92 10.59
N ALA E 117 30.42 -20.78 9.94
CA ALA E 117 30.44 -20.73 8.48
C ALA E 117 31.54 -21.63 7.92
N GLU E 118 32.71 -21.59 8.56
CA GLU E 118 33.84 -22.44 8.17
C GLU E 118 33.52 -23.93 8.31
N ILE E 119 32.88 -24.30 9.43
CA ILE E 119 32.41 -25.66 9.68
C ILE E 119 31.42 -26.13 8.59
N ALA E 120 30.43 -25.28 8.29
CA ALA E 120 29.44 -25.59 7.25
C ALA E 120 30.10 -25.78 5.88
N THR E 121 31.05 -24.90 5.56
CA THR E 121 31.81 -24.97 4.30
C THR E 121 32.60 -26.28 4.21
N GLU E 122 33.29 -26.65 5.30
CA GLU E 122 33.98 -27.94 5.39
C GLU E 122 33.05 -29.12 5.12
N ALA E 123 31.81 -29.02 5.62
CA ALA E 123 30.80 -30.07 5.48
C ALA E 123 30.16 -30.10 4.09
N GLY E 124 30.47 -29.08 3.27
CA GLY E 124 29.88 -28.93 1.93
C GLY E 124 28.47 -28.35 1.98
N ASP E 125 28.09 -27.83 3.16
CA ASP E 125 26.77 -27.28 3.41
C ASP E 125 26.76 -25.81 3.02
N ILE E 126 26.66 -25.54 1.72
CA ILE E 126 26.75 -24.19 1.21
C ILE E 126 25.61 -23.30 1.71
N GLY E 127 24.45 -23.89 1.91
CA GLY E 127 23.27 -23.16 2.41
C GLY E 127 23.48 -22.60 3.80
N THR E 128 23.95 -23.45 4.72
CA THR E 128 24.17 -23.03 6.10
C THR E 128 25.32 -22.02 6.18
N ALA E 129 26.38 -22.25 5.41
CA ALA E 129 27.48 -21.27 5.33
C ALA E 129 26.94 -19.91 4.90
N ASP E 130 26.07 -19.92 3.89
CA ASP E 130 25.47 -18.70 3.39
C ASP E 130 24.61 -18.01 4.44
N LEU E 131 23.81 -18.79 5.16
CA LEU E 131 22.95 -18.27 6.21
C LEU E 131 23.79 -17.51 7.22
N TYR E 132 24.84 -18.15 7.74
CA TYR E 132 25.76 -17.49 8.67
C TYR E 132 26.43 -16.25 8.08
N THR E 133 26.78 -16.32 6.81
CA THR E 133 27.47 -15.23 6.11
C THR E 133 26.58 -13.99 5.97
N ARG E 134 25.30 -14.23 5.71
CA ARG E 134 24.32 -13.15 5.65
C ARG E 134 24.03 -12.57 7.04
N LEU E 135 23.74 -13.43 8.00
CA LEU E 135 23.34 -12.98 9.34
C LEU E 135 24.47 -12.22 10.07
N VAL E 136 25.71 -12.66 9.86
CA VAL E 136 26.82 -12.03 10.56
C VAL E 136 26.96 -10.54 10.22
N GLN E 137 26.60 -10.18 8.99
CA GLN E 137 26.67 -8.78 8.54
C GLN E 137 25.71 -7.88 9.32
N THR E 138 24.55 -8.43 9.68
CA THR E 138 23.58 -7.70 10.51
C THR E 138 24.18 -7.47 11.90
N HIS E 139 24.79 -8.51 12.46
CA HIS E 139 25.50 -8.37 13.73
C HIS E 139 26.62 -7.35 13.68
N GLN E 140 27.35 -7.31 12.56
CA GLN E 140 28.43 -6.34 12.41
C GLN E 140 27.90 -4.92 12.33
N LYS E 141 26.73 -4.75 11.72
CA LYS E 141 26.06 -3.45 11.71
C LYS E 141 25.67 -3.03 13.13
N HIS E 142 25.02 -3.94 13.87
CA HIS E 142 24.58 -3.66 15.23
C HIS E 142 25.76 -3.28 16.12
N ARG E 143 26.87 -4.01 15.99
CA ARG E 143 28.08 -3.74 16.76
C ARG E 143 28.60 -2.33 16.48
N TRP E 144 28.68 -1.95 15.20
CA TRP E 144 29.13 -0.62 14.81
C TRP E 144 28.25 0.47 15.46
N PHE E 145 26.93 0.37 15.28
CA PHE E 145 25.99 1.33 15.87
C PHE E 145 26.22 1.50 17.37
N LEU E 146 26.31 0.38 18.07
CA LEU E 146 26.45 0.39 19.52
C LEU E 146 27.78 1.02 19.94
N LYS E 147 28.86 0.65 19.25
CA LYS E 147 30.17 1.22 19.52
C LYS E 147 30.19 2.73 19.37
N GLU E 148 29.46 3.26 18.39
CA GLU E 148 29.41 4.70 18.19
C GLU E 148 28.85 5.44 19.41
N PHE E 149 27.86 4.85 20.09
CA PHE E 149 27.29 5.46 21.29
C PHE E 149 28.31 5.62 22.43
N LEU E 150 29.37 4.81 22.38
CA LEU E 150 30.41 4.81 23.41
C LEU E 150 31.56 5.77 23.10
N ALA E 151 31.57 6.31 21.88
CA ALA E 151 32.60 7.30 21.50
C ALA E 151 32.40 8.62 22.24
N LYS E 152 33.50 9.32 22.50
CA LYS E 152 33.41 10.63 23.11
C LYS E 152 34.04 11.72 22.24
N GLY E 153 33.94 12.95 22.71
CA GLY E 153 34.49 14.12 22.00
C GLY E 153 33.69 14.57 20.80
N ASP E 154 32.37 14.35 20.83
CA ASP E 154 31.51 14.83 19.74
C ASP E 154 31.36 16.37 19.71
N GLY E 155 31.63 17.01 20.84
CA GLY E 155 31.62 18.46 20.94
C GLY E 155 30.26 19.05 21.32
N LEU E 156 29.26 18.17 21.45
CA LEU E 156 27.91 18.58 21.81
C LEU E 156 27.52 18.10 23.21
N VAL E 157 27.74 16.82 23.48
CA VAL E 157 27.33 16.22 24.77
C VAL E 157 28.44 15.36 25.37
N SER E 158 29.52 15.19 24.62
CA SER E 158 30.66 14.38 25.06
C SER E 158 31.97 14.95 24.52
N ALA F 3 -5.08 3.34 46.04
CA ALA F 3 -4.59 1.95 46.30
C ALA F 3 -3.36 1.96 47.17
N THR F 4 -3.29 1.01 48.11
CA THR F 4 -2.11 0.85 48.96
C THR F 4 -0.88 0.49 48.13
N THR F 5 0.30 0.76 48.68
CA THR F 5 1.54 0.30 48.09
C THR F 5 1.53 -1.21 47.88
N THR F 6 1.02 -1.96 48.87
CA THR F 6 0.98 -3.41 48.76
C THR F 6 0.18 -3.82 47.51
N LEU F 7 -1.00 -3.23 47.36
CA LEU F 7 -1.88 -3.57 46.25
C LEU F 7 -1.28 -3.15 44.90
N LYS F 8 -0.70 -1.95 44.84
CA LYS F 8 -0.02 -1.51 43.60
C LYS F 8 1.09 -2.48 43.25
N GLU F 9 1.83 -2.92 44.26
CA GLU F 9 2.86 -3.93 44.05
C GLU F 9 2.22 -5.23 43.56
N GLN F 10 0.99 -5.52 44.03
CA GLN F 10 0.33 -6.75 43.58
C GLN F 10 -0.06 -6.71 42.11
N VAL F 11 -0.53 -5.56 41.62
CA VAL F 11 -0.80 -5.43 40.20
C VAL F 11 0.50 -5.63 39.41
N LEU F 12 1.57 -5.01 39.88
CA LEU F 12 2.88 -5.18 39.22
C LEU F 12 3.31 -6.65 39.21
N THR F 13 3.05 -7.38 40.30
CA THR F 13 3.37 -8.80 40.34
C THR F 13 2.58 -9.59 39.29
N THR F 14 1.31 -9.25 39.10
CA THR F 14 0.50 -9.93 38.09
C THR F 14 1.08 -9.69 36.70
N LEU F 15 1.52 -8.46 36.44
CA LEU F 15 2.05 -8.13 35.11
C LEU F 15 3.33 -8.88 34.80
N LYS F 16 4.19 -9.05 35.80
CA LYS F 16 5.41 -9.83 35.62
C LYS F 16 5.10 -11.30 35.29
N ARG F 17 4.17 -11.90 36.03
CA ARG F 17 3.76 -13.28 35.77
C ARG F 17 3.12 -13.41 34.39
N GLU F 18 2.21 -12.48 34.07
CA GLU F 18 1.54 -12.50 32.79
C GLU F 18 2.53 -12.31 31.62
N GLN F 19 3.48 -11.39 31.78
CA GLN F 19 4.49 -11.16 30.77
C GLN F 19 5.34 -12.42 30.56
N ALA F 20 5.79 -13.02 31.67
CA ALA F 20 6.61 -14.24 31.60
C ALA F 20 5.83 -15.36 30.94
N ASN F 21 4.54 -15.48 31.27
CA ASN F 21 3.66 -16.46 30.61
C ASN F 21 3.57 -16.24 29.09
N ALA F 22 3.48 -14.99 28.66
CA ALA F 22 3.44 -14.66 27.23
C ALA F 22 4.72 -15.12 26.53
N VAL F 23 5.87 -14.90 27.16
CA VAL F 23 7.17 -15.32 26.63
C VAL F 23 7.23 -16.85 26.49
N VAL F 24 6.91 -17.58 27.56
CA VAL F 24 6.93 -19.05 27.51
C VAL F 24 5.89 -19.59 26.53
N MET F 25 4.69 -19.02 26.56
CA MET F 25 3.64 -19.47 25.64
C MET F 25 4.08 -19.27 24.19
N TYR F 26 4.73 -18.14 23.92
CA TYR F 26 5.25 -17.86 22.60
C TYR F 26 6.29 -18.90 22.17
N LEU F 27 7.26 -19.15 23.05
CA LEU F 27 8.32 -20.13 22.77
C LEU F 27 7.72 -21.53 22.58
N ASN F 28 6.72 -21.88 23.38
CA ASN F 28 5.95 -23.12 23.17
C ASN F 28 5.36 -23.19 21.76
N TYR F 29 4.72 -22.10 21.33
CA TYR F 29 4.14 -22.04 19.99
C TYR F 29 5.19 -22.25 18.89
N LYS F 30 6.38 -21.68 19.09
CA LYS F 30 7.47 -21.88 18.13
C LYS F 30 7.87 -23.35 18.07
N LYS F 31 7.95 -24.02 19.22
CA LYS F 31 8.20 -25.45 19.25
C LYS F 31 7.17 -26.21 18.40
N TYR F 32 5.89 -25.91 18.59
CA TYR F 32 4.82 -26.59 17.85
C TYR F 32 4.93 -26.28 16.34
N HIS F 33 5.14 -25.01 16.01
CA HIS F 33 5.39 -24.55 14.63
C HIS F 33 6.49 -25.40 13.97
N TRP F 34 7.62 -25.53 14.67
CA TRP F 34 8.79 -26.21 14.11
C TRP F 34 8.64 -27.73 14.04
N LEU F 35 8.01 -28.31 15.06
CA LEU F 35 8.04 -29.76 15.26
C LEU F 35 6.77 -30.48 14.84
N THR F 36 5.75 -29.72 14.41
CA THR F 36 4.54 -30.35 13.90
C THR F 36 4.85 -31.16 12.63
N TYR F 37 4.04 -32.17 12.37
CA TYR F 37 4.33 -33.15 11.31
C TYR F 37 3.03 -33.83 10.90
N GLY F 38 3.09 -34.60 9.81
CA GLY F 38 1.95 -35.36 9.35
C GLY F 38 1.19 -34.64 8.25
N PRO F 39 0.11 -35.24 7.76
CA PRO F 39 -0.66 -34.74 6.61
C PRO F 39 -1.33 -33.39 6.83
N LEU F 40 -1.36 -32.90 8.07
CA LEU F 40 -1.91 -31.58 8.38
C LEU F 40 -0.80 -30.52 8.49
N PHE F 41 0.40 -30.85 8.02
CA PHE F 41 1.56 -30.00 8.29
C PHE F 41 1.36 -28.52 7.97
N ARG F 42 1.00 -28.20 6.73
CA ARG F 42 0.96 -26.79 6.34
C ARG F 42 -0.06 -26.04 7.21
N ASP F 43 -1.26 -26.63 7.32
CA ASP F 43 -2.35 -26.02 8.08
C ASP F 43 -1.94 -25.73 9.52
N LEU F 44 -1.33 -26.73 10.17
CA LEU F 44 -0.92 -26.56 11.57
C LEU F 44 0.32 -25.70 11.74
N HIS F 45 1.30 -25.86 10.84
CA HIS F 45 2.48 -24.99 10.80
C HIS F 45 2.02 -23.53 10.83
N LEU F 46 1.03 -23.19 9.99
CA LEU F 46 0.48 -21.84 9.95
C LEU F 46 -0.30 -21.48 11.22
N LEU F 47 -1.17 -22.38 11.67
CA LEU F 47 -1.93 -22.15 12.92
C LEU F 47 -1.01 -21.75 14.07
N PHE F 48 0.03 -22.55 14.28
CA PHE F 48 0.96 -22.31 15.37
C PHE F 48 1.70 -20.98 15.24
N GLU F 49 2.06 -20.62 14.02
CA GLU F 49 2.71 -19.32 13.78
C GLU F 49 1.73 -18.17 14.02
N GLU F 50 0.50 -18.31 13.53
CA GLU F 50 -0.51 -17.25 13.65
C GLU F 50 -0.86 -16.98 15.12
N GLN F 51 -1.16 -18.04 15.85
CA GLN F 51 -1.52 -17.87 17.26
C GLN F 51 -0.29 -17.47 18.07
N GLY F 52 0.87 -18.06 17.74
CA GLY F 52 2.13 -17.64 18.36
C GLY F 52 2.40 -16.16 18.17
N SER F 53 2.13 -15.63 16.97
CA SER F 53 2.36 -14.23 16.68
C SER F 53 1.47 -13.30 17.51
N GLU F 54 0.25 -13.74 17.77
CA GLU F 54 -0.68 -12.96 18.59
C GLU F 54 -0.27 -12.96 20.05
N VAL F 55 0.20 -14.12 20.54
CA VAL F 55 0.75 -14.19 21.89
C VAL F 55 2.02 -13.33 21.99
N PHE F 56 2.88 -13.42 20.96
CA PHE F 56 4.10 -12.63 20.89
C PHE F 56 3.87 -11.14 21.15
N ALA F 57 2.86 -10.59 20.49
CA ALA F 57 2.54 -9.17 20.59
C ALA F 57 2.25 -8.73 22.02
N MET F 58 1.73 -9.66 22.81
CA MET F 58 1.40 -9.41 24.22
C MET F 58 2.62 -9.17 25.11
N ILE F 59 3.77 -9.73 24.73
CA ILE F 59 4.99 -9.60 25.54
C ILE F 59 5.32 -8.14 25.82
N ASP F 60 5.44 -7.34 24.77
CA ASP F 60 5.78 -5.94 24.90
C ASP F 60 4.68 -5.13 25.61
N GLU F 61 3.42 -5.46 25.34
CA GLU F 61 2.31 -4.77 25.99
C GLU F 61 2.34 -4.96 27.51
N LEU F 62 2.55 -6.20 27.93
CA LEU F 62 2.55 -6.54 29.35
C LEU F 62 3.79 -6.01 30.04
N ALA F 63 4.92 -6.05 29.34
CA ALA F 63 6.17 -5.54 29.89
C ALA F 63 6.11 -4.02 30.07
N GLU F 64 5.64 -3.32 29.05
CA GLU F 64 5.63 -1.86 29.11
C GLU F 64 4.55 -1.35 30.06
N ARG F 65 3.51 -2.15 30.29
CA ARG F 65 2.50 -1.79 31.29
C ARG F 65 3.15 -1.59 32.66
N SER F 66 4.10 -2.48 33.01
CA SER F 66 4.85 -2.35 34.26
C SER F 66 5.56 -1.01 34.35
N LEU F 67 6.23 -0.62 33.27
CA LEU F 67 6.95 0.66 33.20
C LEU F 67 6.02 1.86 33.35
N MET F 68 4.82 1.76 32.78
CA MET F 68 3.83 2.83 32.83
C MET F 68 3.28 3.01 34.24
N LEU F 69 3.46 1.97 35.05
CA LEU F 69 3.02 1.97 36.46
C LEU F 69 4.19 2.26 37.41
N ASP F 70 5.29 2.76 36.84
CA ASP F 70 6.49 3.13 37.62
C ASP F 70 7.19 1.90 38.22
N GLY F 71 6.98 0.75 37.60
CA GLY F 71 7.64 -0.49 38.00
C GLY F 71 8.61 -0.96 36.93
N GLN F 72 9.06 -2.20 37.05
CA GLN F 72 9.92 -2.80 36.02
C GLN F 72 9.36 -4.15 35.59
N PRO F 73 9.48 -4.49 34.29
CA PRO F 73 9.04 -5.80 33.83
C PRO F 73 10.06 -6.86 34.20
N VAL F 74 9.71 -8.12 33.98
CA VAL F 74 10.72 -9.18 33.95
C VAL F 74 11.62 -8.83 32.76
N ALA F 75 12.92 -9.02 32.92
CA ALA F 75 13.86 -8.61 31.87
C ALA F 75 15.06 -9.52 31.70
N ASP F 76 15.59 -10.02 32.82
CA ASP F 76 16.72 -10.95 32.79
C ASP F 76 16.20 -12.29 32.22
N PRO F 77 16.78 -12.78 31.11
CA PRO F 77 16.30 -14.03 30.50
C PRO F 77 16.17 -15.20 31.49
N ALA F 78 17.08 -15.28 32.45
CA ALA F 78 17.05 -16.35 33.45
C ALA F 78 15.82 -16.29 34.37
N ASP F 79 15.16 -15.14 34.42
CA ASP F 79 14.01 -14.95 35.31
C ASP F 79 12.69 -15.48 34.76
N TYR F 80 12.57 -15.60 33.43
CA TYR F 80 11.29 -15.99 32.83
C TYR F 80 10.70 -17.30 33.35
N LEU F 81 11.52 -18.35 33.39
CA LEU F 81 11.06 -19.65 33.84
C LEU F 81 10.86 -19.72 35.35
N LYS F 82 11.40 -18.75 36.07
CA LYS F 82 11.22 -18.64 37.53
C LYS F 82 9.90 -17.96 37.88
N VAL F 83 9.38 -17.16 36.96
CA VAL F 83 8.21 -16.34 37.21
C VAL F 83 6.96 -16.92 36.53
N ALA F 84 7.16 -17.53 35.36
CA ALA F 84 6.05 -18.07 34.59
C ALA F 84 5.34 -19.21 35.30
N THR F 85 4.01 -19.25 35.16
CA THR F 85 3.20 -20.33 35.72
C THR F 85 2.71 -21.29 34.64
N VAL F 86 2.77 -20.88 33.37
CA VAL F 86 2.48 -21.81 32.28
C VAL F 86 3.57 -22.87 32.20
N THR F 87 3.22 -24.06 31.73
CA THR F 87 4.17 -25.15 31.61
C THR F 87 5.05 -24.94 30.38
N PRO F 88 6.38 -24.81 30.58
CA PRO F 88 7.24 -24.79 29.39
C PRO F 88 7.26 -26.18 28.75
N SER F 89 7.13 -26.25 27.43
CA SER F 89 7.00 -27.53 26.75
C SER F 89 8.28 -28.35 26.91
N SER F 90 8.13 -29.65 27.13
CA SER F 90 9.25 -30.54 27.40
C SER F 90 9.14 -31.85 26.63
N GLY F 91 10.18 -32.19 25.87
CA GLY F 91 10.29 -33.50 25.25
C GLY F 91 9.55 -33.65 23.94
N GLN F 92 9.66 -34.83 23.35
CA GLN F 92 9.01 -35.15 22.08
C GLN F 92 7.52 -35.31 22.29
N LEU F 93 6.73 -34.64 21.47
CA LEU F 93 5.26 -34.68 21.59
C LEU F 93 4.61 -35.01 20.27
N THR F 94 3.48 -35.70 20.31
CA THR F 94 2.64 -35.86 19.14
C THR F 94 1.93 -34.53 18.87
N VAL F 95 1.40 -34.36 17.66
CA VAL F 95 0.65 -33.15 17.34
C VAL F 95 -0.56 -33.02 18.28
N LYS F 96 -1.26 -34.12 18.52
CA LYS F 96 -2.39 -34.11 19.47
C LYS F 96 -1.94 -33.60 20.85
N GLN F 97 -0.80 -34.10 21.32
CA GLN F 97 -0.24 -33.68 22.62
C GLN F 97 0.13 -32.19 22.66
N MET F 98 0.68 -31.68 21.55
CA MET F 98 0.99 -30.25 21.44
C MET F 98 -0.27 -29.40 21.62
N ILE F 99 -1.33 -29.80 20.92
CA ILE F 99 -2.61 -29.09 20.96
C ILE F 99 -3.22 -29.15 22.37
N GLU F 100 -3.17 -30.33 22.99
CA GLU F 100 -3.67 -30.51 24.35
C GLU F 100 -2.91 -29.64 25.35
N GLU F 101 -1.59 -29.59 25.20
CA GLU F 101 -0.73 -28.79 26.06
C GLU F 101 -1.06 -27.31 25.90
N ALA F 102 -1.19 -26.87 24.64
CA ALA F 102 -1.53 -25.47 24.33
C ALA F 102 -2.86 -25.08 24.96
N ILE F 103 -3.87 -25.94 24.82
CA ILE F 103 -5.18 -25.66 25.43
C ILE F 103 -5.07 -25.50 26.94
N ALA F 104 -4.39 -26.44 27.59
CA ALA F 104 -4.19 -26.37 29.04
C ALA F 104 -3.52 -25.07 29.47
N ASN F 105 -2.45 -24.68 28.77
CA ASN F 105 -1.77 -23.43 29.05
C ASN F 105 -2.64 -22.21 28.80
N HIS F 106 -3.37 -22.20 27.68
CA HIS F 106 -4.33 -21.11 27.41
C HIS F 106 -5.38 -21.02 28.53
N GLU F 107 -5.88 -22.17 28.98
CA GLU F 107 -6.87 -22.18 30.06
C GLU F 107 -6.33 -21.60 31.36
N LEU F 108 -5.07 -21.93 31.68
CA LEU F 108 -4.40 -21.32 32.83
C LEU F 108 -4.31 -19.80 32.67
N ILE F 109 -3.85 -19.35 31.50
CA ILE F 109 -3.71 -17.92 31.24
C ILE F 109 -5.07 -17.20 31.32
N ILE F 110 -6.10 -17.82 30.75
CA ILE F 110 -7.47 -17.24 30.78
C ILE F 110 -7.94 -17.06 32.22
N THR F 111 -7.76 -18.09 33.03
CA THR F 111 -8.10 -18.05 34.46
C THR F 111 -7.34 -16.92 35.15
N GLU F 112 -6.03 -16.87 34.92
CA GLU F 112 -5.19 -15.84 35.53
C GLU F 112 -5.56 -14.42 35.09
N MET F 113 -5.88 -14.23 33.82
CA MET F 113 -6.25 -12.91 33.32
C MET F 113 -7.55 -12.40 33.92
N HIS F 114 -8.51 -13.30 34.16
CA HIS F 114 -9.75 -12.92 34.86
C HIS F 114 -9.44 -12.51 36.30
N GLN F 115 -8.63 -13.32 36.99
CA GLN F 115 -8.20 -12.99 38.34
C GLN F 115 -7.42 -11.67 38.39
N ASP F 116 -6.48 -11.50 37.46
CA ASP F 116 -5.63 -10.31 37.44
C ASP F 116 -6.40 -9.04 37.07
N ALA F 117 -7.43 -9.18 36.23
CA ALA F 117 -8.31 -8.05 35.93
C ALA F 117 -9.05 -7.62 37.19
N GLU F 118 -9.48 -8.59 37.99
CA GLU F 118 -10.15 -8.29 39.28
C GLU F 118 -9.23 -7.51 40.20
N ILE F 119 -7.98 -7.97 40.28
CA ILE F 119 -6.98 -7.33 41.14
C ILE F 119 -6.74 -5.89 40.70
N ALA F 120 -6.55 -5.70 39.39
CA ALA F 120 -6.35 -4.37 38.84
C ALA F 120 -7.55 -3.47 39.12
N THR F 121 -8.76 -4.00 38.98
CA THR F 121 -9.99 -3.23 39.19
C THR F 121 -10.09 -2.78 40.64
N GLU F 122 -9.76 -3.70 41.55
CA GLU F 122 -9.70 -3.41 42.98
C GLU F 122 -8.72 -2.28 43.28
N ALA F 123 -7.62 -2.25 42.52
CA ALA F 123 -6.60 -1.21 42.67
C ALA F 123 -6.99 0.13 42.03
N GLY F 124 -8.12 0.15 41.33
CA GLY F 124 -8.54 1.32 40.58
C GLY F 124 -7.76 1.51 39.29
N ASP F 125 -7.00 0.49 38.91
CA ASP F 125 -6.15 0.53 37.74
C ASP F 125 -6.93 0.08 36.51
N ILE F 126 -7.76 0.99 36.01
CA ILE F 126 -8.68 0.66 34.90
C ILE F 126 -7.93 0.28 33.62
N GLY F 127 -6.76 0.87 33.40
CA GLY F 127 -5.95 0.58 32.21
C GLY F 127 -5.46 -0.86 32.20
N THR F 128 -4.92 -1.31 33.33
CA THR F 128 -4.42 -2.68 33.44
C THR F 128 -5.56 -3.69 33.35
N ALA F 129 -6.67 -3.39 34.00
CA ALA F 129 -7.87 -4.23 33.90
C ALA F 129 -8.30 -4.36 32.44
N ASP F 130 -8.28 -3.24 31.73
CA ASP F 130 -8.63 -3.23 30.30
C ASP F 130 -7.67 -4.08 29.46
N LEU F 131 -6.37 -3.96 29.73
CA LEU F 131 -5.34 -4.72 29.02
C LEU F 131 -5.66 -6.21 29.13
N TYR F 132 -5.87 -6.69 30.36
CA TYR F 132 -6.22 -8.08 30.57
C TYR F 132 -7.54 -8.47 29.89
N THR F 133 -8.51 -7.56 29.95
CA THR F 133 -9.83 -7.79 29.34
C THR F 133 -9.75 -7.96 27.82
N ARG F 134 -8.89 -7.16 27.19
CA ARG F 134 -8.66 -7.29 25.76
C ARG F 134 -7.87 -8.56 25.41
N LEU F 135 -6.75 -8.76 26.09
CA LEU F 135 -5.87 -9.89 25.79
C LEU F 135 -6.54 -11.26 26.01
N VAL F 136 -7.37 -11.37 27.04
CA VAL F 136 -7.98 -12.66 27.35
C VAL F 136 -8.86 -13.17 26.20
N GLN F 137 -9.47 -12.25 25.44
CA GLN F 137 -10.32 -12.61 24.31
C GLN F 137 -9.54 -13.32 23.20
N THR F 138 -8.28 -12.89 23.01
CA THR F 138 -7.40 -13.54 22.04
C THR F 138 -7.09 -14.97 22.50
N HIS F 139 -6.80 -15.13 23.79
CA HIS F 139 -6.57 -16.47 24.35
C HIS F 139 -7.81 -17.36 24.22
N GLN F 140 -8.99 -16.78 24.44
CA GLN F 140 -10.24 -17.51 24.27
C GLN F 140 -10.44 -17.94 22.81
N LYS F 141 -10.05 -17.08 21.86
CA LYS F 141 -10.10 -17.47 20.44
C LYS F 141 -9.15 -18.64 20.15
N HIS F 142 -7.91 -18.52 20.62
CA HIS F 142 -6.90 -19.57 20.45
C HIS F 142 -7.36 -20.90 21.02
N ARG F 143 -7.95 -20.85 22.21
CA ARG F 143 -8.43 -22.05 22.88
C ARG F 143 -9.52 -22.73 22.05
N TRP F 144 -10.47 -21.94 21.55
CA TRP F 144 -11.53 -22.44 20.68
C TRP F 144 -10.96 -23.15 19.45
N PHE F 145 -10.08 -22.46 18.71
CA PHE F 145 -9.46 -23.04 17.50
C PHE F 145 -8.81 -24.38 17.81
N LEU F 146 -8.01 -24.43 18.87
CA LEU F 146 -7.27 -25.63 19.24
C LEU F 146 -8.20 -26.79 19.64
N LYS F 147 -9.22 -26.48 20.44
CA LYS F 147 -10.22 -27.47 20.83
C LYS F 147 -10.88 -28.12 19.62
N GLU F 148 -11.15 -27.31 18.58
CA GLU F 148 -11.80 -27.84 17.39
C GLU F 148 -10.99 -28.95 16.72
N PHE F 149 -9.67 -28.82 16.74
CA PHE F 149 -8.80 -29.85 16.15
C PHE F 149 -8.92 -31.20 16.85
N LEU F 150 -9.37 -31.17 18.10
CA LEU F 150 -9.50 -32.37 18.94
C LEU F 150 -10.87 -33.03 18.83
N ALA F 151 -11.80 -32.37 18.13
CA ALA F 151 -13.13 -32.92 17.92
C ALA F 151 -13.08 -34.07 16.92
N LYS F 152 -13.98 -35.04 17.08
CA LYS F 152 -14.07 -36.17 16.18
C LYS F 152 -15.43 -36.25 15.48
N GLY F 153 -15.56 -37.18 14.54
CA GLY F 153 -16.81 -37.39 13.84
C GLY F 153 -17.14 -36.36 12.78
N ASP F 154 -16.11 -35.80 12.15
CA ASP F 154 -16.33 -34.85 11.05
C ASP F 154 -16.85 -35.52 9.78
N GLY F 155 -16.61 -36.83 9.67
CA GLY F 155 -17.12 -37.62 8.54
C GLY F 155 -16.18 -37.68 7.36
N LEU F 156 -15.06 -36.95 7.45
CA LEU F 156 -14.04 -36.94 6.40
C LEU F 156 -12.75 -37.63 6.80
N VAL F 157 -12.24 -37.30 8.00
CA VAL F 157 -10.98 -37.86 8.49
C VAL F 157 -11.06 -38.32 9.94
N SER F 158 -12.21 -38.10 10.57
CA SER F 158 -12.44 -38.46 11.97
C SER F 158 -13.89 -38.88 12.19
N THR G 5 16.17 43.13 9.29
CA THR G 5 15.65 44.50 9.04
C THR G 5 14.24 44.69 9.65
N THR G 6 13.69 45.89 9.48
CA THR G 6 12.33 46.20 9.89
C THR G 6 11.34 45.39 9.05
N LEU G 7 11.60 45.27 7.75
CA LEU G 7 10.75 44.47 6.86
C LEU G 7 10.81 42.98 7.23
N LYS G 8 11.95 42.53 7.72
CA LYS G 8 12.08 41.15 8.20
C LYS G 8 11.25 40.92 9.45
N GLU G 9 11.28 41.88 10.37
CA GLU G 9 10.46 41.78 11.59
C GLU G 9 8.96 41.86 11.24
N GLN G 10 8.64 42.63 10.21
CA GLN G 10 7.28 42.72 9.68
C GLN G 10 6.79 41.38 9.14
N VAL G 11 7.65 40.68 8.40
CA VAL G 11 7.32 39.34 7.91
C VAL G 11 7.00 38.39 9.07
N LEU G 12 7.82 38.42 10.12
CA LEU G 12 7.57 37.60 11.29
C LEU G 12 6.23 37.92 11.95
N THR G 13 5.87 39.20 11.99
CA THR G 13 4.55 39.62 12.51
C THR G 13 3.42 38.99 11.68
N THR G 14 3.56 38.98 10.35
CA THR G 14 2.54 38.37 9.48
C THR G 14 2.38 36.88 9.76
N LEU G 15 3.49 36.18 9.95
CA LEU G 15 3.44 34.74 10.17
C LEU G 15 2.73 34.39 11.48
N LYS G 16 2.96 35.18 12.53
CA LYS G 16 2.26 34.96 13.80
C LYS G 16 0.75 35.11 13.62
N ARG G 17 0.32 36.18 12.95
CA ARG G 17 -1.09 36.42 12.71
C ARG G 17 -1.71 35.33 11.82
N GLU G 18 -1.01 34.96 10.75
CA GLU G 18 -1.50 33.91 9.84
C GLU G 18 -1.58 32.56 10.55
N GLN G 19 -0.56 32.24 11.34
CA GLN G 19 -0.54 30.99 12.10
C GLN G 19 -1.73 30.94 13.06
N ALA G 20 -1.93 32.01 13.81
CA ALA G 20 -3.05 32.10 14.76
C ALA G 20 -4.39 31.98 14.04
N ASN G 21 -4.51 32.64 12.88
CA ASN G 21 -5.69 32.51 12.04
C ASN G 21 -5.96 31.07 11.60
N ALA G 22 -4.90 30.34 11.27
CA ALA G 22 -5.06 28.93 10.88
C ALA G 22 -5.61 28.08 12.03
N VAL G 23 -5.09 28.33 13.24
CA VAL G 23 -5.56 27.63 14.44
C VAL G 23 -7.03 27.92 14.71
N VAL G 24 -7.40 29.20 14.71
CA VAL G 24 -8.79 29.57 14.98
C VAL G 24 -9.73 29.06 13.88
N MET G 25 -9.29 29.17 12.63
CA MET G 25 -10.07 28.71 11.50
C MET G 25 -10.29 27.21 11.58
N TYR G 26 -9.24 26.49 11.97
CA TYR G 26 -9.37 25.05 12.16
C TYR G 26 -10.38 24.71 13.25
N LEU G 27 -10.26 25.37 14.41
CA LEU G 27 -11.21 25.11 15.51
C LEU G 27 -12.64 25.48 15.10
N ASN G 28 -12.80 26.58 14.36
CA ASN G 28 -14.11 26.92 13.78
C ASN G 28 -14.66 25.77 12.93
N TYR G 29 -13.82 25.22 12.05
CA TYR G 29 -14.23 24.09 11.22
C TYR G 29 -14.67 22.87 12.04
N LYS G 30 -13.96 22.61 13.14
CA LYS G 30 -14.35 21.53 14.03
C LYS G 30 -15.73 21.78 14.63
N LYS G 31 -16.00 23.02 15.04
CA LYS G 31 -17.33 23.39 15.50
C LYS G 31 -18.41 23.05 14.46
N TYR G 32 -18.17 23.48 13.20
CA TYR G 32 -19.13 23.21 12.12
C TYR G 32 -19.29 21.70 11.88
N HIS G 33 -18.17 20.99 11.84
CA HIS G 33 -18.14 19.52 11.73
C HIS G 33 -19.04 18.87 12.79
N TRP G 34 -18.87 19.29 14.05
CA TRP G 34 -19.62 18.67 15.14
C TRP G 34 -21.08 19.09 15.22
N LEU G 35 -21.35 20.36 14.96
CA LEU G 35 -22.68 20.95 15.19
C LEU G 35 -23.58 21.06 13.98
N THR G 36 -23.07 20.70 12.80
CA THR G 36 -23.94 20.69 11.62
C THR G 36 -25.06 19.66 11.79
N TYR G 37 -26.18 19.90 11.12
CA TYR G 37 -27.39 19.13 11.34
C TYR G 37 -28.29 19.24 10.12
N GLY G 38 -29.33 18.41 10.08
CA GLY G 38 -30.31 18.46 9.01
C GLY G 38 -30.03 17.43 7.93
N PRO G 39 -30.88 17.39 6.89
CA PRO G 39 -30.80 16.38 5.82
C PRO G 39 -29.50 16.36 5.01
N LEU G 40 -28.66 17.39 5.16
CA LEU G 40 -27.36 17.43 4.48
C LEU G 40 -26.23 16.97 5.40
N PHE G 41 -26.58 16.33 6.51
CA PHE G 41 -25.62 16.06 7.56
C PHE G 41 -24.32 15.39 7.08
N ARG G 42 -24.43 14.22 6.43
CA ARG G 42 -23.21 13.46 6.10
C ARG G 42 -22.32 14.30 5.18
N ASP G 43 -22.92 14.84 4.13
CA ASP G 43 -22.20 15.65 3.14
C ASP G 43 -21.46 16.81 3.80
N LEU G 44 -22.16 17.57 4.65
CA LEU G 44 -21.54 18.72 5.30
C LEU G 44 -20.57 18.35 6.43
N HIS G 45 -20.89 17.32 7.19
CA HIS G 45 -19.99 16.76 8.21
C HIS G 45 -18.63 16.47 7.55
N LEU G 46 -18.67 15.82 6.38
CA LEU G 46 -17.46 15.53 5.62
C LEU G 46 -16.79 16.80 5.07
N LEU G 47 -17.59 17.68 4.47
CA LEU G 47 -17.07 18.94 3.95
C LEU G 47 -16.22 19.69 5.00
N PHE G 48 -16.80 19.86 6.19
CA PHE G 48 -16.14 20.61 7.24
C PHE G 48 -14.88 19.92 7.76
N GLU G 49 -14.91 18.58 7.80
CA GLU G 49 -13.71 17.82 8.17
C GLU G 49 -12.61 17.97 7.10
N GLU G 50 -13.00 17.86 5.84
CA GLU G 50 -12.04 17.93 4.72
C GLU G 50 -11.37 19.30 4.63
N GLN G 51 -12.17 20.36 4.64
CA GLN G 51 -11.62 21.71 4.56
C GLN G 51 -10.87 22.05 5.86
N GLY G 52 -11.44 21.63 6.99
CA GLY G 52 -10.77 21.76 8.28
C GLY G 52 -9.38 21.14 8.29
N SER G 53 -9.25 19.94 7.71
CA SER G 53 -7.98 19.23 7.66
C SER G 53 -6.93 19.94 6.81
N GLU G 54 -7.38 20.58 5.73
CA GLU G 54 -6.47 21.35 4.89
C GLU G 54 -5.99 22.63 5.59
N VAL G 55 -6.90 23.30 6.30
CA VAL G 55 -6.50 24.44 7.14
C VAL G 55 -5.53 23.98 8.24
N PHE G 56 -5.85 22.83 8.86
CA PHE G 56 -5.03 22.28 9.93
C PHE G 56 -3.56 22.15 9.52
N ALA G 57 -3.32 21.59 8.33
CA ALA G 57 -1.98 21.35 7.83
C ALA G 57 -1.16 22.65 7.76
N MET G 58 -1.85 23.77 7.59
CA MET G 58 -1.18 25.08 7.48
C MET G 58 -0.58 25.55 8.80
N ILE G 59 -1.12 25.08 9.93
CA ILE G 59 -0.65 25.52 11.26
C ILE G 59 0.85 25.27 11.43
N ASP G 60 1.28 24.05 11.19
CA ASP G 60 2.68 23.69 11.35
C ASP G 60 3.56 24.39 10.32
N GLU G 61 3.09 24.50 9.09
CA GLU G 61 3.84 25.22 8.04
C GLU G 61 4.13 26.67 8.40
N LEU G 62 3.10 27.36 8.89
CA LEU G 62 3.21 28.78 9.22
C LEU G 62 4.03 28.98 10.48
N ALA G 63 3.86 28.07 11.44
CA ALA G 63 4.63 28.11 12.68
C ALA G 63 6.11 27.88 12.42
N GLU G 64 6.43 26.84 11.66
CA GLU G 64 7.83 26.50 11.44
C GLU G 64 8.52 27.50 10.51
N ARG G 65 7.74 28.22 9.69
CA ARG G 65 8.31 29.27 8.84
C ARG G 65 8.98 30.33 9.73
N SER G 66 8.32 30.70 10.82
CA SER G 66 8.89 31.63 11.80
C SER G 66 10.25 31.15 12.32
N LEU G 67 10.35 29.87 12.68
CA LEU G 67 11.61 29.31 13.15
C LEU G 67 12.71 29.33 12.10
N MET G 68 12.33 29.08 10.85
CA MET G 68 13.28 29.07 9.73
C MET G 68 13.83 30.46 9.44
N LEU G 69 13.15 31.49 9.95
CA LEU G 69 13.56 32.88 9.79
C LEU G 69 14.20 33.40 11.09
N ASP G 70 14.61 32.48 11.95
CA ASP G 70 15.27 32.81 13.22
C ASP G 70 14.36 33.56 14.21
N GLY G 71 13.05 33.40 14.03
CA GLY G 71 12.06 33.96 14.96
C GLY G 71 11.39 32.86 15.74
N GLN G 72 10.26 33.19 16.36
CA GLN G 72 9.46 32.22 17.07
C GLN G 72 8.01 32.33 16.67
N PRO G 73 7.31 31.18 16.58
CA PRO G 73 5.89 31.20 16.26
C PRO G 73 5.07 31.60 17.48
N VAL G 74 3.77 31.81 17.30
CA VAL G 74 2.84 31.83 18.42
C VAL G 74 2.89 30.42 18.98
N ALA G 75 2.90 30.29 20.30
CA ALA G 75 3.05 28.96 20.90
C ALA G 75 2.22 28.77 22.17
N ASP G 76 2.17 29.80 23.01
CA ASP G 76 1.33 29.78 24.20
C ASP G 76 -0.14 29.73 23.76
N PRO G 77 -0.89 28.67 24.15
CA PRO G 77 -2.30 28.62 23.75
C PRO G 77 -3.15 29.86 24.05
N ALA G 78 -2.86 30.56 25.14
CA ALA G 78 -3.56 31.79 25.50
C ALA G 78 -3.34 32.92 24.49
N ASP G 79 -2.28 32.81 23.68
CA ASP G 79 -1.92 33.87 22.72
C ASP G 79 -2.73 33.84 21.43
N TYR G 80 -3.25 32.67 21.05
CA TYR G 80 -3.90 32.55 19.73
C TYR G 80 -5.03 33.54 19.51
N LEU G 81 -5.94 33.66 20.48
CA LEU G 81 -7.07 34.58 20.33
C LEU G 81 -6.68 36.06 20.47
N LYS G 82 -5.49 36.31 21.01
CA LYS G 82 -4.95 37.68 21.11
C LYS G 82 -4.37 38.15 19.78
N VAL G 83 -3.88 37.20 18.98
CA VAL G 83 -3.15 37.53 17.75
C VAL G 83 -4.02 37.33 16.49
N ALA G 84 -4.95 36.38 16.54
CA ALA G 84 -5.82 36.08 15.41
C ALA G 84 -6.70 37.26 15.04
N THR G 85 -6.89 37.46 13.74
CA THR G 85 -7.80 38.46 13.22
C THR G 85 -9.10 37.85 12.69
N VAL G 86 -9.11 36.54 12.42
CA VAL G 86 -10.36 35.87 12.07
C VAL G 86 -11.28 35.80 13.29
N THR G 87 -12.58 35.77 13.04
CA THR G 87 -13.56 35.73 14.12
C THR G 87 -13.69 34.32 14.65
N PRO G 88 -13.37 34.13 15.96
CA PRO G 88 -13.66 32.82 16.54
C PRO G 88 -15.17 32.65 16.64
N SER G 89 -15.66 31.47 16.27
CA SER G 89 -17.10 31.24 16.20
C SER G 89 -17.71 31.28 17.60
N SER G 90 -18.87 31.94 17.70
CA SER G 90 -19.53 32.11 18.99
C SER G 90 -21.03 31.79 18.90
N GLY G 91 -21.50 30.97 19.83
CA GLY G 91 -22.94 30.72 19.98
C GLY G 91 -23.54 29.72 19.02
N GLN G 92 -24.83 29.47 19.20
CA GLN G 92 -25.56 28.53 18.34
C GLN G 92 -25.78 29.16 16.97
N LEU G 93 -25.47 28.39 15.93
CA LEU G 93 -25.61 28.86 14.56
C LEU G 93 -26.41 27.87 13.73
N THR G 94 -27.17 28.39 12.76
CA THR G 94 -27.74 27.51 11.72
C THR G 94 -26.62 27.08 10.79
N VAL G 95 -26.87 26.04 10.01
CA VAL G 95 -25.88 25.60 9.01
C VAL G 95 -25.57 26.73 8.02
N LYS G 96 -26.61 27.41 7.54
CA LYS G 96 -26.43 28.59 6.68
C LYS G 96 -25.46 29.60 7.30
N GLN G 97 -25.70 29.93 8.57
CA GLN G 97 -24.84 30.86 9.31
C GLN G 97 -23.39 30.39 9.45
N MET G 98 -23.20 29.08 9.69
CA MET G 98 -21.85 28.51 9.76
C MET G 98 -21.10 28.75 8.45
N ILE G 99 -21.78 28.45 7.34
CA ILE G 99 -21.19 28.60 6.00
C ILE G 99 -20.87 30.08 5.70
N GLU G 100 -21.79 30.97 6.05
CA GLU G 100 -21.60 32.42 5.85
C GLU G 100 -20.40 32.93 6.66
N GLU G 101 -20.31 32.49 7.91
CA GLU G 101 -19.20 32.81 8.79
C GLU G 101 -17.87 32.30 8.22
N ALA G 102 -17.87 31.05 7.77
CA ALA G 102 -16.69 30.43 7.16
C ALA G 102 -16.20 31.24 5.96
N ILE G 103 -17.12 31.59 5.06
CA ILE G 103 -16.79 32.40 3.88
C ILE G 103 -16.17 33.73 4.25
N ALA G 104 -16.78 34.43 5.20
CA ALA G 104 -16.27 35.73 5.64
C ALA G 104 -14.85 35.62 6.22
N ASN G 105 -14.61 34.60 7.06
CA ASN G 105 -13.29 34.34 7.59
C ASN G 105 -12.27 33.98 6.49
N HIS G 106 -12.67 33.12 5.56
CA HIS G 106 -11.80 32.78 4.43
C HIS G 106 -11.44 34.03 3.61
N GLU G 107 -12.43 34.91 3.39
CA GLU G 107 -12.19 36.13 2.62
C GLU G 107 -11.20 37.06 3.33
N LEU G 108 -11.31 37.17 4.66
CA LEU G 108 -10.33 37.89 5.45
C LEU G 108 -8.92 37.29 5.29
N ILE G 109 -8.82 35.97 5.42
CA ILE G 109 -7.53 35.28 5.27
C ILE G 109 -6.95 35.48 3.86
N ILE G 110 -7.80 35.34 2.85
CA ILE G 110 -7.37 35.54 1.44
C ILE G 110 -6.80 36.95 1.25
N THR G 111 -7.54 37.94 1.73
CA THR G 111 -7.07 39.33 1.68
C THR G 111 -5.71 39.48 2.38
N GLU G 112 -5.62 38.95 3.60
CA GLU G 112 -4.37 39.01 4.38
C GLU G 112 -3.20 38.30 3.72
N MET G 113 -3.44 37.12 3.14
CA MET G 113 -2.36 36.38 2.48
C MET G 113 -1.80 37.12 1.27
N HIS G 114 -2.66 37.81 0.52
CA HIS G 114 -2.19 38.65 -0.59
C HIS G 114 -1.34 39.80 -0.05
N GLN G 115 -1.84 40.47 0.99
CA GLN G 115 -1.08 41.54 1.65
C GLN G 115 0.26 41.03 2.19
N ASP G 116 0.22 39.89 2.87
CA ASP G 116 1.41 39.32 3.51
C ASP G 116 2.43 38.77 2.51
N ALA G 117 1.95 38.26 1.38
CA ALA G 117 2.86 37.84 0.31
C ALA G 117 3.62 39.05 -0.24
N GLU G 118 2.92 40.17 -0.38
CA GLU G 118 3.52 41.42 -0.84
C GLU G 118 4.59 41.92 0.12
N ILE G 119 4.29 41.87 1.43
CA ILE G 119 5.23 42.22 2.48
C ILE G 119 6.49 41.34 2.41
N ALA G 120 6.29 40.03 2.29
CA ALA G 120 7.41 39.10 2.14
C ALA G 120 8.26 39.39 0.91
N THR G 121 7.60 39.67 -0.22
CA THR G 121 8.29 39.98 -1.48
C THR G 121 9.14 41.22 -1.33
N GLU G 122 8.57 42.26 -0.72
CA GLU G 122 9.30 43.50 -0.43
C GLU G 122 10.53 43.26 0.44
N ALA G 123 10.43 42.30 1.36
CA ALA G 123 11.55 41.94 2.23
C ALA G 123 12.58 41.02 1.54
N GLY G 124 12.30 40.63 0.30
CA GLY G 124 13.15 39.69 -0.44
C GLY G 124 13.01 38.26 0.03
N ASP G 125 11.97 38.00 0.83
CA ASP G 125 11.72 36.69 1.42
C ASP G 125 10.84 35.87 0.48
N ILE G 126 11.50 35.34 -0.55
CA ILE G 126 10.80 34.60 -1.61
C ILE G 126 10.12 33.34 -1.10
N GLY G 127 10.72 32.68 -0.10
CA GLY G 127 10.13 31.47 0.50
C GLY G 127 8.80 31.75 1.17
N THR G 128 8.76 32.80 2.00
CA THR G 128 7.52 33.15 2.70
C THR G 128 6.45 33.63 1.72
N ALA G 129 6.83 34.44 0.74
CA ALA G 129 5.91 34.85 -0.32
C ALA G 129 5.30 33.61 -1.00
N ASP G 130 6.15 32.61 -1.27
CA ASP G 130 5.69 31.38 -1.91
C ASP G 130 4.72 30.59 -1.02
N LEU G 131 5.02 30.54 0.28
CA LEU G 131 4.15 29.86 1.23
C LEU G 131 2.74 30.44 1.17
N TYR G 132 2.66 31.77 1.29
CA TYR G 132 1.39 32.45 1.22
C TYR G 132 0.68 32.24 -0.12
N THR G 133 1.47 32.25 -1.20
CA THR G 133 0.97 32.09 -2.57
C THR G 133 0.33 30.71 -2.77
N ARG G 134 0.97 29.68 -2.21
CA ARG G 134 0.41 28.33 -2.26
C ARG G 134 -0.83 28.18 -1.34
N LEU G 135 -0.71 28.60 -0.10
CA LEU G 135 -1.80 28.42 0.88
C LEU G 135 -3.07 29.17 0.49
N VAL G 136 -2.93 30.36 -0.11
CA VAL G 136 -4.10 31.17 -0.44
C VAL G 136 -5.02 30.44 -1.44
N GLN G 137 -4.43 29.63 -2.32
CA GLN G 137 -5.22 28.89 -3.32
C GLN G 137 -6.15 27.87 -2.67
N THR G 138 -5.69 27.26 -1.57
CA THR G 138 -6.53 26.35 -0.80
C THR G 138 -7.71 27.11 -0.18
N HIS G 139 -7.44 28.27 0.42
CA HIS G 139 -8.52 29.13 0.92
C HIS G 139 -9.50 29.54 -0.17
N GLN G 140 -9.00 29.82 -1.36
CA GLN G 140 -9.86 30.19 -2.48
C GLN G 140 -10.74 29.00 -2.91
N LYS G 141 -10.19 27.79 -2.88
CA LYS G 141 -10.98 26.57 -3.12
C LYS G 141 -12.09 26.42 -2.09
N HIS G 142 -11.73 26.55 -0.81
CA HIS G 142 -12.68 26.44 0.29
C HIS G 142 -13.82 27.45 0.16
N ARG G 143 -13.45 28.70 -0.15
CA ARG G 143 -14.43 29.78 -0.34
C ARG G 143 -15.43 29.43 -1.45
N TRP G 144 -14.93 28.92 -2.57
CA TRP G 144 -15.75 28.53 -3.70
C TRP G 144 -16.75 27.44 -3.31
N PHE G 145 -16.26 26.36 -2.71
CA PHE G 145 -17.12 25.27 -2.23
C PHE G 145 -18.23 25.80 -1.34
N LEU G 146 -17.86 26.60 -0.35
CA LEU G 146 -18.83 27.11 0.62
C LEU G 146 -19.88 28.01 -0.04
N LYS G 147 -19.41 28.90 -0.91
CA LYS G 147 -20.33 29.79 -1.64
C LYS G 147 -21.36 29.02 -2.45
N GLU G 148 -20.95 27.89 -3.03
CA GLU G 148 -21.88 27.06 -3.81
C GLU G 148 -23.06 26.58 -2.98
N PHE G 149 -22.82 26.24 -1.71
CA PHE G 149 -23.90 25.75 -0.85
C PHE G 149 -24.98 26.82 -0.60
N LEU G 150 -24.60 28.10 -0.82
CA LEU G 150 -25.48 29.24 -0.59
C LEU G 150 -26.27 29.66 -1.84
N ALA G 151 -25.93 29.07 -2.97
CA ALA G 151 -26.63 29.32 -4.23
C ALA G 151 -28.03 28.72 -4.19
N LYS G 152 -28.97 29.36 -4.90
CA LYS G 152 -30.32 28.85 -4.99
C LYS G 152 -30.72 28.53 -6.43
N GLY G 153 -31.91 27.95 -6.60
CA GLY G 153 -32.44 27.67 -7.92
C GLY G 153 -31.82 26.44 -8.59
N ASP G 154 -31.39 25.46 -7.79
CA ASP G 154 -30.85 24.22 -8.38
C ASP G 154 -31.93 23.35 -9.03
N GLY G 155 -33.19 23.56 -8.66
CA GLY G 155 -34.32 22.89 -9.26
C GLY G 155 -34.67 21.57 -8.57
N LEU G 156 -33.88 21.21 -7.56
CA LEU G 156 -34.09 19.98 -6.80
C LEU G 156 -34.51 20.25 -5.36
N VAL G 157 -33.77 21.11 -4.67
CA VAL G 157 -34.05 21.44 -3.26
C VAL G 157 -34.04 22.94 -2.99
N SER G 158 -33.72 23.73 -4.02
CA SER G 158 -33.68 25.19 -3.90
C SER G 158 -34.10 25.86 -5.22
N THR H 5 -29.10 18.07 38.92
CA THR H 5 -28.12 17.56 37.92
C THR H 5 -27.93 16.03 37.99
N THR H 6 -28.45 15.34 36.98
CA THR H 6 -28.31 13.90 36.83
C THR H 6 -26.85 13.52 36.60
N LEU H 7 -26.53 12.25 36.77
CA LEU H 7 -25.18 11.78 36.46
C LEU H 7 -24.95 11.69 34.95
N LYS H 8 -26.03 11.70 34.17
CA LYS H 8 -25.93 11.85 32.69
C LYS H 8 -25.45 13.25 32.31
N GLU H 9 -26.02 14.27 32.97
CA GLU H 9 -25.54 15.64 32.81
C GLU H 9 -24.11 15.77 33.31
N GLN H 10 -23.81 15.07 34.41
CA GLN H 10 -22.46 15.04 34.95
C GLN H 10 -21.47 14.42 33.96
N VAL H 11 -21.87 13.33 33.30
CA VAL H 11 -21.03 12.70 32.28
C VAL H 11 -20.70 13.70 31.17
N LEU H 12 -21.72 14.43 30.70
CA LEU H 12 -21.51 15.44 29.66
C LEU H 12 -20.54 16.53 30.10
N THR H 13 -20.63 16.92 31.37
CA THR H 13 -19.68 17.88 31.93
C THR H 13 -18.24 17.35 31.88
N THR H 14 -18.06 16.08 32.21
CA THR H 14 -16.72 15.49 32.16
C THR H 14 -16.18 15.50 30.72
N LEU H 15 -17.04 15.20 29.75
CA LEU H 15 -16.60 15.13 28.34
C LEU H 15 -16.13 16.49 27.83
N LYS H 16 -16.84 17.55 28.21
CA LYS H 16 -16.45 18.90 27.81
C LYS H 16 -15.08 19.26 28.38
N ARG H 17 -14.86 18.98 29.67
CA ARG H 17 -13.58 19.25 30.31
C ARG H 17 -12.45 18.42 29.68
N GLU H 18 -12.72 17.14 29.47
CA GLU H 18 -11.72 16.24 28.88
C GLU H 18 -11.40 16.63 27.43
N GLN H 19 -12.43 16.98 26.66
CA GLN H 19 -12.23 17.45 25.30
C GLN H 19 -11.36 18.72 25.27
N ALA H 20 -11.71 19.69 26.11
CA ALA H 20 -10.95 20.94 26.21
C ALA H 20 -9.50 20.66 26.62
N ASN H 21 -9.32 19.75 27.58
CA ASN H 21 -7.98 19.32 28.00
C ASN H 21 -7.16 18.74 26.84
N ALA H 22 -7.80 17.96 25.98
CA ALA H 22 -7.14 17.37 24.81
C ALA H 22 -6.66 18.48 23.86
N VAL H 23 -7.50 19.49 23.66
CA VAL H 23 -7.15 20.61 22.77
C VAL H 23 -5.94 21.36 23.34
N VAL H 24 -6.00 21.72 24.62
CA VAL H 24 -4.92 22.51 25.22
C VAL H 24 -3.63 21.68 25.30
N MET H 25 -3.77 20.41 25.67
CA MET H 25 -2.62 19.52 25.74
C MET H 25 -1.96 19.36 24.37
N TYR H 26 -2.79 19.25 23.33
CA TYR H 26 -2.26 19.17 21.96
C TYR H 26 -1.48 20.44 21.59
N LEU H 27 -2.08 21.60 21.84
CA LEU H 27 -1.41 22.86 21.54
C LEU H 27 -0.12 23.05 22.33
N ASN H 28 -0.11 22.61 23.59
CA ASN H 28 1.11 22.55 24.39
C ASN H 28 2.19 21.72 23.70
N TYR H 29 1.81 20.51 23.26
CA TYR H 29 2.75 19.64 22.52
C TYR H 29 3.32 20.30 21.28
N LYS H 30 2.47 21.04 20.56
CA LYS H 30 2.95 21.81 19.39
C LYS H 30 4.01 22.84 19.80
N LYS H 31 3.75 23.56 20.89
CA LYS H 31 4.76 24.48 21.44
C LYS H 31 6.09 23.77 21.70
N TYR H 32 6.06 22.63 22.38
CA TYR H 32 7.27 21.87 22.67
C TYR H 32 7.96 21.40 21.38
N HIS H 33 7.16 20.88 20.45
CA HIS H 33 7.63 20.49 19.12
C HIS H 33 8.40 21.64 18.45
N TRP H 34 7.80 22.84 18.43
CA TRP H 34 8.40 23.98 17.74
C TRP H 34 9.59 24.57 18.46
N LEU H 35 9.52 24.62 19.79
CA LEU H 35 10.48 25.38 20.61
C LEU H 35 11.60 24.55 21.23
N THR H 36 11.55 23.23 21.06
CA THR H 36 12.65 22.38 21.56
C THR H 36 13.95 22.78 20.88
N TYR H 37 15.06 22.55 21.59
CA TYR H 37 16.38 22.99 21.14
C TYR H 37 17.46 22.16 21.79
N GLY H 38 18.68 22.31 21.31
CA GLY H 38 19.82 21.60 21.88
C GLY H 38 20.14 20.33 21.14
N PRO H 39 21.17 19.61 21.61
CA PRO H 39 21.71 18.42 20.93
C PRO H 39 20.71 17.26 20.79
N LEU H 40 19.59 17.32 21.50
CA LEU H 40 18.54 16.29 21.43
C LEU H 40 17.42 16.68 20.46
N PHE H 41 17.67 17.70 19.64
CA PHE H 41 16.60 18.33 18.87
C PHE H 41 15.75 17.36 18.05
N ARG H 42 16.37 16.57 17.17
CA ARG H 42 15.58 15.72 16.28
C ARG H 42 14.75 14.72 17.09
N ASP H 43 15.38 14.06 18.06
CA ASP H 43 14.71 13.05 18.88
C ASP H 43 13.49 13.64 19.59
N LEU H 44 13.68 14.79 20.24
CA LEU H 44 12.58 15.42 20.96
C LEU H 44 11.54 16.12 20.08
N HIS H 45 11.99 16.74 18.98
CA HIS H 45 11.08 17.29 17.97
C HIS H 45 10.09 16.19 17.54
N LEU H 46 10.62 14.98 17.30
CA LEU H 46 9.78 13.85 16.92
C LEU H 46 8.91 13.34 18.07
N LEU H 47 9.49 13.19 19.27
CA LEU H 47 8.70 12.78 20.42
C LEU H 47 7.46 13.66 20.62
N PHE H 48 7.67 14.98 20.60
CA PHE H 48 6.56 15.91 20.85
C PHE H 48 5.50 15.83 19.77
N GLU H 49 5.93 15.65 18.52
CA GLU H 49 4.98 15.47 17.42
C GLU H 49 4.21 14.15 17.56
N GLU H 50 4.91 13.07 17.91
CA GLU H 50 4.30 11.75 18.05
C GLU H 50 3.25 11.71 19.16
N GLN H 51 3.64 12.13 20.35
CA GLN H 51 2.72 12.15 21.49
C GLN H 51 1.63 13.21 21.25
N GLY H 52 2.00 14.34 20.68
CA GLY H 52 1.02 15.37 20.29
C GLY H 52 -0.05 14.81 19.35
N SER H 53 0.37 14.00 18.37
CA SER H 53 -0.59 13.45 17.42
C SER H 53 -1.56 12.46 18.05
N GLU H 54 -1.09 11.72 19.05
CA GLU H 54 -1.98 10.80 19.77
C GLU H 54 -2.98 11.53 20.65
N VAL H 55 -2.53 12.62 21.28
CA VAL H 55 -3.45 13.48 22.03
C VAL H 55 -4.46 14.12 21.07
N PHE H 56 -3.96 14.57 19.91
CA PHE H 56 -4.81 15.21 18.90
C PHE H 56 -6.00 14.34 18.53
N ALA H 57 -5.77 13.05 18.28
CA ALA H 57 -6.83 12.13 17.89
C ALA H 57 -7.95 12.04 18.92
N MET H 58 -7.63 12.33 20.17
CA MET H 58 -8.63 12.28 21.25
C MET H 58 -9.65 13.41 21.17
N ILE H 59 -9.27 14.53 20.55
CA ILE H 59 -10.15 15.71 20.48
C ILE H 59 -11.49 15.33 19.84
N ASP H 60 -11.44 14.77 18.63
CA ASP H 60 -12.67 14.39 17.94
C ASP H 60 -13.44 13.29 18.67
N GLU H 61 -12.72 12.32 19.25
CA GLU H 61 -13.38 11.24 19.98
C GLU H 61 -14.20 11.76 21.16
N LEU H 62 -13.60 12.65 21.93
CA LEU H 62 -14.23 13.20 23.13
C LEU H 62 -15.35 14.17 22.77
N ALA H 63 -15.15 14.94 21.70
CA ALA H 63 -16.20 15.86 21.23
C ALA H 63 -17.42 15.09 20.71
N GLU H 64 -17.19 14.09 19.87
CA GLU H 64 -18.29 13.37 19.26
C GLU H 64 -19.01 12.47 20.26
N ARG H 65 -18.31 12.06 21.32
CA ARG H 65 -18.97 11.33 22.41
C ARG H 65 -20.13 12.15 22.98
N SER H 66 -19.91 13.45 23.18
CA SER H 66 -20.97 14.35 23.65
C SER H 66 -22.20 14.31 22.74
N LEU H 67 -21.96 14.34 21.43
CA LEU H 67 -23.02 14.30 20.43
C LEU H 67 -23.80 12.99 20.48
N MET H 68 -23.08 11.88 20.67
CA MET H 68 -23.68 10.56 20.73
C MET H 68 -24.56 10.39 21.98
N LEU H 69 -24.34 11.25 22.97
CA LEU H 69 -25.13 11.26 24.19
C LEU H 69 -26.20 12.36 24.16
N ASP H 70 -26.49 12.85 22.96
CA ASP H 70 -27.50 13.89 22.73
C ASP H 70 -27.16 15.24 23.39
N GLY H 71 -25.87 15.47 23.63
CA GLY H 71 -25.38 16.74 24.14
C GLY H 71 -24.58 17.48 23.08
N GLN H 72 -23.85 18.51 23.49
CA GLN H 72 -22.96 19.23 22.58
C GLN H 72 -21.56 19.32 23.17
N PRO H 73 -20.53 19.22 22.31
CA PRO H 73 -19.17 19.38 22.78
C PRO H 73 -18.85 20.85 23.01
N VAL H 74 -17.69 21.14 23.60
CA VAL H 74 -17.12 22.49 23.52
C VAL H 74 -16.85 22.72 22.05
N ALA H 75 -17.11 23.94 21.57
CA ALA H 75 -17.00 24.22 20.13
C ALA H 75 -16.51 25.64 19.82
N ASP H 76 -16.95 26.61 20.61
CA ASP H 76 -16.48 27.99 20.46
C ASP H 76 -15.02 28.04 20.89
N PRO H 77 -14.11 28.47 19.99
CA PRO H 77 -12.70 28.53 20.36
C PRO H 77 -12.41 29.29 21.67
N ALA H 78 -13.20 30.32 21.96
CA ALA H 78 -13.03 31.10 23.18
C ALA H 78 -13.36 30.32 24.46
N ASP H 79 -14.07 29.20 24.30
CA ASP H 79 -14.48 28.38 25.45
C ASP H 79 -13.41 27.42 25.97
N TYR H 80 -12.45 27.05 25.12
CA TYR H 80 -11.50 25.99 25.49
C TYR H 80 -10.70 26.29 26.76
N LEU H 81 -10.09 27.47 26.84
CA LEU H 81 -9.33 27.84 28.04
C LEU H 81 -10.20 28.05 29.28
N LYS H 82 -11.49 28.34 29.09
CA LYS H 82 -12.43 28.50 30.21
C LYS H 82 -12.80 27.15 30.82
N VAL H 83 -12.78 26.11 30.00
CA VAL H 83 -13.28 24.78 30.39
C VAL H 83 -12.13 23.83 30.80
N ALA H 84 -10.98 24.00 30.16
CA ALA H 84 -9.85 23.11 30.40
C ALA H 84 -9.30 23.29 31.81
N THR H 85 -8.83 22.19 32.40
CA THR H 85 -8.19 22.21 33.70
C THR H 85 -6.67 21.98 33.58
N VAL H 86 -6.22 21.54 32.41
CA VAL H 86 -4.77 21.45 32.14
C VAL H 86 -4.21 22.87 32.05
N THR H 87 -2.97 23.03 32.43
CA THR H 87 -2.33 24.34 32.39
C THR H 87 -1.86 24.64 30.96
N PRO H 88 -2.36 25.75 30.36
CA PRO H 88 -1.84 26.12 29.05
C PRO H 88 -0.41 26.60 29.23
N SER H 89 0.48 26.19 28.34
CA SER H 89 1.89 26.53 28.48
C SER H 89 2.12 28.02 28.31
N SER H 90 2.92 28.60 29.20
CA SER H 90 3.17 30.06 29.22
C SER H 90 4.66 30.36 29.27
N GLY H 91 5.13 31.20 28.34
CA GLY H 91 6.48 31.75 28.41
C GLY H 91 7.57 30.87 27.87
N GLN H 92 8.79 31.40 27.86
CA GLN H 92 9.97 30.63 27.45
C GLN H 92 10.29 29.57 28.48
N LEU H 93 10.51 28.35 27.99
CA LEU H 93 10.84 27.20 28.83
C LEU H 93 12.09 26.49 28.34
N THR H 94 12.85 25.92 29.28
CA THR H 94 13.91 24.97 28.91
C THR H 94 13.26 23.67 28.47
N VAL H 95 14.02 22.84 27.78
CA VAL H 95 13.51 21.52 27.37
C VAL H 95 13.11 20.70 28.61
N LYS H 96 13.94 20.75 29.65
CA LYS H 96 13.62 20.06 30.92
C LYS H 96 12.28 20.54 31.46
N GLN H 97 12.06 21.86 31.46
CA GLN H 97 10.80 22.44 31.94
C GLN H 97 9.58 22.06 31.10
N MET H 98 9.77 21.95 29.77
CA MET H 98 8.68 21.49 28.88
C MET H 98 8.25 20.08 29.26
N ILE H 99 9.23 19.21 29.46
CA ILE H 99 8.99 17.83 29.83
C ILE H 99 8.30 17.73 31.21
N GLU H 100 8.80 18.49 32.18
CA GLU H 100 8.19 18.55 33.52
C GLU H 100 6.73 19.03 33.47
N GLU H 101 6.49 20.06 32.67
CA GLU H 101 5.14 20.59 32.48
C GLU H 101 4.21 19.57 31.83
N ALA H 102 4.72 18.88 30.80
CA ALA H 102 3.96 17.84 30.11
C ALA H 102 3.56 16.72 31.07
N ILE H 103 4.51 16.26 31.87
CA ILE H 103 4.26 15.20 32.85
C ILE H 103 3.17 15.63 33.84
N ALA H 104 3.27 16.84 34.36
CA ALA H 104 2.29 17.33 35.32
C ALA H 104 0.89 17.38 34.72
N ASN H 105 0.79 17.86 33.48
CA ASN H 105 -0.47 17.91 32.77
C ASN H 105 -1.02 16.51 32.47
N HIS H 106 -0.14 15.61 32.02
CA HIS H 106 -0.55 14.20 31.83
C HIS H 106 -1.08 13.58 33.13
N GLU H 107 -0.41 13.87 34.24
CA GLU H 107 -0.83 13.33 35.54
C GLU H 107 -2.20 13.87 35.97
N LEU H 108 -2.45 15.14 35.68
CA LEU H 108 -3.79 15.73 35.88
C LEU H 108 -4.83 14.98 35.05
N ILE H 109 -4.55 14.81 33.76
CA ILE H 109 -5.50 14.13 32.86
C ILE H 109 -5.74 12.69 33.28
N ILE H 110 -4.66 11.99 33.67
CA ILE H 110 -4.77 10.61 34.13
C ILE H 110 -5.69 10.52 35.35
N THR H 111 -5.47 11.40 36.32
CA THR H 111 -6.32 11.47 37.51
C THR H 111 -7.77 11.71 37.12
N GLU H 112 -7.99 12.71 36.27
CA GLU H 112 -9.33 13.07 35.82
C GLU H 112 -10.01 11.95 35.06
N MET H 113 -9.29 11.27 34.18
CA MET H 113 -9.88 10.16 33.41
C MET H 113 -10.33 9.00 34.29
N HIS H 114 -9.59 8.73 35.36
CA HIS H 114 -10.00 7.69 36.32
C HIS H 114 -11.27 8.12 37.04
N GLN H 115 -11.30 9.38 37.50
CA GLN H 115 -12.49 9.94 38.13
C GLN H 115 -13.69 9.93 37.18
N ASP H 116 -13.45 10.38 35.96
CA ASP H 116 -14.50 10.51 34.95
C ASP H 116 -15.02 9.14 34.49
N ALA H 117 -14.14 8.13 34.42
CA ALA H 117 -14.56 6.76 34.10
C ALA H 117 -15.50 6.23 35.18
N GLU H 118 -15.20 6.54 36.43
CA GLU H 118 -16.05 6.11 37.55
C GLU H 118 -17.44 6.78 37.50
N ILE H 119 -17.47 8.08 37.18
CA ILE H 119 -18.72 8.81 37.00
C ILE H 119 -19.56 8.18 35.88
N ALA H 120 -18.92 7.88 34.74
CA ALA H 120 -19.61 7.23 33.61
C ALA H 120 -20.16 5.86 34.00
N THR H 121 -19.35 5.07 34.69
CA THR H 121 -19.77 3.75 35.17
C THR H 121 -20.98 3.86 36.10
N GLU H 122 -20.95 4.83 37.02
CA GLU H 122 -22.08 5.04 37.93
C GLU H 122 -23.35 5.46 37.18
N ALA H 123 -23.18 6.15 36.07
CA ALA H 123 -24.28 6.57 35.20
C ALA H 123 -24.81 5.44 34.32
N GLY H 124 -24.12 4.30 34.32
CA GLY H 124 -24.44 3.18 33.44
C GLY H 124 -23.97 3.39 32.00
N ASP H 125 -23.14 4.42 31.81
CA ASP H 125 -22.63 4.79 30.50
C ASP H 125 -21.34 4.01 30.22
N ILE H 126 -21.52 2.75 29.83
CA ILE H 126 -20.39 1.84 29.62
C ILE H 126 -19.47 2.30 28.48
N GLY H 127 -20.05 2.91 27.45
CA GLY H 127 -19.27 3.43 26.31
C GLY H 127 -18.31 4.53 26.72
N THR H 128 -18.80 5.51 27.48
CA THR H 128 -17.97 6.64 27.91
C THR H 128 -16.90 6.15 28.90
N ALA H 129 -17.28 5.25 29.80
CA ALA H 129 -16.30 4.65 30.72
C ALA H 129 -15.19 3.97 29.91
N ASP H 130 -15.59 3.27 28.86
CA ASP H 130 -14.63 2.57 28.00
C ASP H 130 -13.69 3.54 27.29
N LEU H 131 -14.26 4.65 26.79
CA LEU H 131 -13.47 5.66 26.08
C LEU H 131 -12.36 6.18 27.00
N TYR H 132 -12.73 6.57 28.22
CA TYR H 132 -11.75 7.04 29.19
C TYR H 132 -10.73 5.97 29.55
N THR H 133 -11.20 4.73 29.65
CA THR H 133 -10.35 3.60 30.00
C THR H 133 -9.27 3.33 28.94
N ARG H 134 -9.66 3.46 27.66
CA ARG H 134 -8.71 3.33 26.55
C ARG H 134 -7.75 4.52 26.49
N LEU H 135 -8.31 5.73 26.50
CA LEU H 135 -7.51 6.94 26.32
C LEU H 135 -6.47 7.13 27.43
N VAL H 136 -6.82 6.75 28.66
CA VAL H 136 -5.93 6.98 29.78
C VAL H 136 -4.62 6.19 29.64
N GLN H 137 -4.68 5.05 28.95
CA GLN H 137 -3.49 4.23 28.75
C GLN H 137 -2.47 4.91 27.85
N THR H 138 -2.97 5.66 26.87
CA THR H 138 -2.11 6.48 26.02
C THR H 138 -1.40 7.57 26.83
N HIS H 139 -2.15 8.25 27.70
CA HIS H 139 -1.57 9.24 28.61
C HIS H 139 -0.52 8.62 29.53
N GLN H 140 -0.79 7.41 30.02
CA GLN H 140 0.16 6.69 30.87
C GLN H 140 1.45 6.34 30.10
N LYS H 141 1.31 5.98 28.82
CA LYS H 141 2.49 5.75 27.98
C LYS H 141 3.32 7.03 27.82
N HIS H 142 2.65 8.13 27.48
CA HIS H 142 3.30 9.44 27.32
C HIS H 142 4.04 9.86 28.57
N ARG H 143 3.38 9.71 29.73
CA ARG H 143 3.98 10.05 31.01
C ARG H 143 5.26 9.26 31.26
N TRP H 144 5.21 7.96 31.00
CA TRP H 144 6.40 7.09 31.15
C TRP H 144 7.55 7.56 30.27
N PHE H 145 7.29 7.76 28.97
CA PHE H 145 8.31 8.24 28.03
C PHE H 145 8.97 9.52 28.54
N LEU H 146 8.14 10.50 28.91
CA LEU H 146 8.62 11.80 29.37
C LEU H 146 9.47 11.68 30.64
N LYS H 147 8.98 10.89 31.60
CA LYS H 147 9.70 10.70 32.85
C LYS H 147 11.09 10.13 32.60
N GLU H 148 11.22 9.24 31.62
CA GLU H 148 12.52 8.64 31.31
C GLU H 148 13.56 9.70 30.93
N PHE H 149 13.14 10.74 30.22
CA PHE H 149 14.06 11.83 29.80
C PHE H 149 14.64 12.58 30.99
N LEU H 150 13.94 12.49 32.13
CA LEU H 150 14.32 13.19 33.35
C LEU H 150 15.25 12.38 34.26
N ALA H 151 15.40 11.09 33.96
CA ALA H 151 16.27 10.22 34.74
C ALA H 151 17.73 10.58 34.49
N LYS H 152 18.57 10.31 35.50
CA LYS H 152 19.99 10.58 35.39
C LYS H 152 20.80 9.30 35.59
N GLY H 153 22.12 9.40 35.41
CA GLY H 153 23.02 8.29 35.64
C GLY H 153 23.02 7.24 34.55
N ASP H 154 22.75 7.64 33.31
CA ASP H 154 22.78 6.69 32.19
C ASP H 154 24.21 6.27 31.82
N GLY H 155 25.18 7.06 32.26
CA GLY H 155 26.60 6.74 32.03
C GLY H 155 27.15 7.22 30.71
N LEU H 156 26.29 7.83 29.89
CA LEU H 156 26.70 8.39 28.59
C LEU H 156 26.63 9.91 28.57
N VAL H 157 25.50 10.47 28.98
CA VAL H 157 25.30 11.93 28.96
C VAL H 157 24.76 12.47 30.28
N SER H 158 24.45 11.57 31.22
CA SER H 158 23.94 11.95 32.54
C SER H 158 24.42 10.99 33.61
N THR I 5 51.28 -5.12 3.74
CA THR I 5 50.18 -4.80 4.70
C THR I 5 49.37 -6.05 5.06
N THR I 6 48.71 -6.03 6.21
CA THR I 6 47.88 -7.15 6.67
C THR I 6 46.69 -7.36 5.72
N LEU I 7 46.12 -8.57 5.76
CA LEU I 7 44.95 -8.89 4.92
C LEU I 7 43.76 -8.01 5.29
N LYS I 8 43.61 -7.72 6.58
CA LYS I 8 42.59 -6.82 7.09
C LYS I 8 42.69 -5.39 6.52
N GLU I 9 43.89 -4.79 6.56
CA GLU I 9 44.04 -3.46 6.01
C GLU I 9 43.87 -3.46 4.48
N GLN I 10 44.23 -4.59 3.87
CA GLN I 10 44.00 -4.77 2.45
C GLN I 10 42.51 -4.73 2.12
N VAL I 11 41.70 -5.42 2.91
CA VAL I 11 40.24 -5.40 2.68
C VAL I 11 39.69 -3.97 2.75
N LEU I 12 40.13 -3.20 3.75
CA LEU I 12 39.68 -1.81 3.88
C LEU I 12 40.06 -0.98 2.66
N THR I 13 41.26 -1.23 2.13
CA THR I 13 41.72 -0.58 0.90
C THR I 13 40.77 -0.86 -0.25
N THR I 14 40.37 -2.13 -0.40
CA THR I 14 39.45 -2.50 -1.48
C THR I 14 38.12 -1.80 -1.35
N LEU I 15 37.60 -1.68 -0.13
CA LEU I 15 36.31 -1.03 0.09
C LEU I 15 36.32 0.44 -0.28
N LYS I 16 37.41 1.13 0.04
CA LYS I 16 37.56 2.53 -0.33
C LYS I 16 37.51 2.69 -1.85
N ARG I 17 38.29 1.86 -2.56
CA ARG I 17 38.33 1.89 -4.03
C ARG I 17 36.97 1.55 -4.63
N GLU I 18 36.35 0.50 -4.12
CA GLU I 18 35.03 0.05 -4.57
C GLU I 18 33.96 1.12 -4.31
N GLN I 19 33.98 1.71 -3.12
CA GLN I 19 33.02 2.77 -2.80
C GLN I 19 33.18 3.96 -3.73
N ALA I 20 34.42 4.39 -3.93
CA ALA I 20 34.72 5.52 -4.81
C ALA I 20 34.24 5.23 -6.23
N ASN I 21 34.48 4.00 -6.68
CA ASN I 21 34.00 3.52 -7.98
C ASN I 21 32.49 3.63 -8.11
N ALA I 22 31.78 3.23 -7.06
CA ALA I 22 30.32 3.33 -7.06
C ALA I 22 29.85 4.78 -7.22
N VAL I 23 30.53 5.70 -6.54
CA VAL I 23 30.20 7.13 -6.62
C VAL I 23 30.42 7.67 -8.05
N VAL I 24 31.60 7.38 -8.61
CA VAL I 24 31.93 7.87 -9.94
C VAL I 24 31.05 7.21 -11.01
N MET I 25 30.80 5.91 -10.86
CA MET I 25 29.95 5.18 -11.79
C MET I 25 28.52 5.73 -11.75
N TYR I 26 28.04 6.06 -10.56
CA TYR I 26 26.74 6.69 -10.43
C TYR I 26 26.68 8.05 -11.13
N LEU I 27 27.69 8.90 -10.89
CA LEU I 27 27.74 10.22 -11.51
C LEU I 27 27.83 10.11 -13.04
N ASN I 28 28.59 9.13 -13.53
CA ASN I 28 28.61 8.81 -14.96
C ASN I 28 27.22 8.47 -15.49
N TYR I 29 26.49 7.60 -14.77
CA TYR I 29 25.12 7.24 -15.15
C TYR I 29 24.19 8.44 -15.23
N LYS I 30 24.37 9.39 -14.30
CA LYS I 30 23.59 10.63 -14.33
C LYS I 30 23.90 11.44 -15.59
N LYS I 31 25.18 11.55 -15.94
CA LYS I 31 25.55 12.19 -17.20
C LYS I 31 24.81 11.54 -18.39
N TYR I 32 24.84 10.22 -18.47
CA TYR I 32 24.19 9.51 -19.60
C TYR I 32 22.68 9.76 -19.57
N HIS I 33 22.09 9.67 -18.39
CA HIS I 33 20.67 9.96 -18.19
C HIS I 33 20.29 11.35 -18.72
N TRP I 34 21.10 12.36 -18.37
CA TRP I 34 20.81 13.74 -18.76
C TRP I 34 21.11 14.03 -20.21
N LEU I 35 22.18 13.44 -20.74
CA LEU I 35 22.72 13.85 -22.04
C LEU I 35 22.35 12.93 -23.19
N THR I 36 21.66 11.83 -22.88
CA THR I 36 21.23 10.93 -23.95
C THR I 36 20.23 11.66 -24.86
N TYR I 37 20.16 11.21 -26.11
CA TYR I 37 19.40 11.93 -27.14
C TYR I 37 19.05 10.96 -28.27
N GLY I 38 18.19 11.40 -29.17
CA GLY I 38 17.82 10.61 -30.32
C GLY I 38 16.52 9.87 -30.10
N PRO I 39 16.09 9.10 -31.11
CA PRO I 39 14.78 8.41 -31.12
C PRO I 39 14.61 7.35 -30.02
N LEU I 40 15.71 6.97 -29.36
CA LEU I 40 15.64 6.03 -28.25
C LEU I 40 15.57 6.73 -26.89
N PHE I 41 15.30 8.04 -26.90
CA PHE I 41 15.46 8.85 -25.69
C PHE I 41 14.76 8.29 -24.44
N ARG I 42 13.47 8.04 -24.51
CA ARG I 42 12.75 7.67 -23.29
C ARG I 42 13.31 6.35 -22.74
N ASP I 43 13.45 5.37 -23.63
CA ASP I 43 13.95 4.05 -23.24
C ASP I 43 15.33 4.16 -22.58
N LEU I 44 16.24 4.92 -23.19
CA LEU I 44 17.60 5.04 -22.62
C LEU I 44 17.68 5.95 -21.39
N HIS I 45 16.92 7.04 -21.41
CA HIS I 45 16.79 7.93 -20.24
C HIS I 45 16.41 7.07 -19.03
N LEU I 46 15.46 6.18 -19.21
CA LEU I 46 15.03 5.27 -18.15
C LEU I 46 16.10 4.23 -17.78
N LEU I 47 16.68 3.58 -18.79
CA LEU I 47 17.76 2.63 -18.55
C LEU I 47 18.86 3.21 -17.66
N PHE I 48 19.33 4.40 -18.02
CA PHE I 48 20.42 5.02 -17.30
C PHE I 48 20.02 5.35 -15.86
N GLU I 49 18.77 5.77 -15.67
CA GLU I 49 18.29 6.06 -14.33
C GLU I 49 18.17 4.77 -13.50
N GLU I 50 17.63 3.73 -14.12
CA GLU I 50 17.44 2.45 -13.44
C GLU I 50 18.75 1.83 -13.00
N GLN I 51 19.69 1.71 -13.94
CA GLN I 51 20.97 1.10 -13.61
C GLN I 51 21.78 2.02 -12.69
N GLY I 52 21.68 3.33 -12.94
CA GLY I 52 22.28 4.33 -12.05
C GLY I 52 21.78 4.20 -10.62
N SER I 53 20.46 3.99 -10.46
CA SER I 53 19.88 3.81 -9.13
C SER I 53 20.40 2.58 -8.39
N GLU I 54 20.63 1.51 -9.14
CA GLU I 54 21.17 0.27 -8.55
C GLU I 54 22.63 0.44 -8.13
N VAL I 55 23.41 1.13 -8.96
CA VAL I 55 24.78 1.49 -8.57
C VAL I 55 24.76 2.43 -7.35
N PHE I 56 23.85 3.39 -7.36
CA PHE I 56 23.71 4.36 -6.26
C PHE I 56 23.60 3.67 -4.90
N ALA I 57 22.73 2.67 -4.82
CA ALA I 57 22.47 1.95 -3.57
C ALA I 57 23.73 1.32 -2.98
N MET I 58 24.69 1.00 -3.85
CA MET I 58 25.94 0.37 -3.44
C MET I 58 26.88 1.31 -2.67
N ILE I 59 26.73 2.60 -2.88
CA ILE I 59 27.61 3.60 -2.26
C ILE I 59 27.53 3.47 -0.74
N ASP I 60 26.32 3.50 -0.20
CA ASP I 60 26.16 3.41 1.26
C ASP I 60 26.57 2.03 1.80
N GLU I 61 26.25 0.96 1.06
CA GLU I 61 26.63 -0.39 1.46
C GLU I 61 28.14 -0.53 1.60
N LEU I 62 28.87 -0.06 0.59
CA LEU I 62 30.33 -0.16 0.57
C LEU I 62 30.98 0.76 1.60
N ALA I 63 30.43 1.95 1.75
CA ALA I 63 30.94 2.91 2.74
C ALA I 63 30.76 2.38 4.16
N GLU I 64 29.56 1.90 4.48
CA GLU I 64 29.28 1.45 5.84
C GLU I 64 29.96 0.13 6.16
N ARG I 65 30.28 -0.67 5.14
CA ARG I 65 31.09 -1.86 5.35
C ARG I 65 32.43 -1.50 6.02
N SER I 66 33.06 -0.42 5.56
CA SER I 66 34.31 0.06 6.16
C SER I 66 34.14 0.35 7.65
N LEU I 67 33.06 1.04 8.00
CA LEU I 67 32.75 1.34 9.41
C LEU I 67 32.55 0.08 10.25
N MET I 68 31.86 -0.91 9.69
CA MET I 68 31.58 -2.17 10.37
C MET I 68 32.86 -2.97 10.65
N LEU I 69 33.92 -2.65 9.93
CA LEU I 69 35.22 -3.30 10.08
C LEU I 69 36.18 -2.41 10.88
N ASP I 70 35.62 -1.43 11.59
CA ASP I 70 36.38 -0.51 12.43
C ASP I 70 37.32 0.41 11.64
N GLY I 71 37.01 0.61 10.36
CA GLY I 71 37.73 1.54 9.52
C GLY I 71 36.88 2.75 9.18
N GLN I 72 37.30 3.49 8.16
CA GLN I 72 36.56 4.65 7.70
C GLN I 72 36.40 4.57 6.18
N PRO I 73 35.24 5.01 5.67
CA PRO I 73 35.10 5.04 4.22
C PRO I 73 35.78 6.26 3.62
N VAL I 74 35.84 6.33 2.29
CA VAL I 74 36.12 7.60 1.64
C VAL I 74 34.95 8.53 1.97
N ALA I 75 35.24 9.79 2.27
CA ALA I 75 34.18 10.71 2.68
C ALA I 75 34.36 12.15 2.19
N ASP I 76 35.61 12.62 2.10
CA ASP I 76 35.89 13.94 1.57
C ASP I 76 35.59 13.92 0.07
N PRO I 77 34.66 14.77 -0.41
CA PRO I 77 34.37 14.79 -1.86
C PRO I 77 35.60 14.86 -2.77
N ALA I 78 36.63 15.58 -2.36
CA ALA I 78 37.86 15.70 -3.16
C ALA I 78 38.61 14.39 -3.31
N ASP I 79 38.37 13.43 -2.42
CA ASP I 79 39.06 12.15 -2.44
C ASP I 79 38.55 11.15 -3.48
N TYR I 80 37.29 11.27 -3.89
CA TYR I 80 36.67 10.26 -4.76
C TYR I 80 37.46 10.01 -6.04
N LEU I 81 37.83 11.09 -6.73
CA LEU I 81 38.54 10.94 -8.01
C LEU I 81 40.01 10.52 -7.83
N LYS I 82 40.50 10.65 -6.60
CA LYS I 82 41.87 10.25 -6.27
C LYS I 82 41.93 8.75 -5.95
N VAL I 83 40.80 8.18 -5.57
CA VAL I 83 40.74 6.78 -5.12
C VAL I 83 40.09 5.86 -6.16
N ALA I 84 39.10 6.38 -6.89
CA ALA I 84 38.39 5.59 -7.89
C ALA I 84 39.31 5.18 -9.03
N THR I 85 39.12 3.95 -9.52
CA THR I 85 39.83 3.42 -10.69
C THR I 85 38.96 3.45 -11.96
N VAL I 86 37.64 3.55 -11.79
CA VAL I 86 36.75 3.76 -12.95
C VAL I 86 37.03 5.11 -13.60
N THR I 87 36.86 5.16 -14.92
CA THR I 87 37.09 6.38 -15.67
C THR I 87 35.92 7.34 -15.49
N PRO I 88 36.20 8.54 -14.95
CA PRO I 88 35.15 9.55 -14.88
C PRO I 88 34.87 10.06 -16.28
N SER I 89 33.59 10.12 -16.65
CA SER I 89 33.22 10.50 -18.03
C SER I 89 33.66 11.93 -18.33
N SER I 90 34.20 12.11 -19.53
CA SER I 90 34.72 13.41 -19.94
C SER I 90 34.27 13.78 -21.35
N GLY I 91 33.74 14.99 -21.48
CA GLY I 91 33.44 15.58 -22.80
C GLY I 91 32.15 15.12 -23.43
N GLN I 92 31.87 15.65 -24.62
CA GLN I 92 30.66 15.32 -25.36
C GLN I 92 30.80 13.92 -25.93
N LEU I 93 29.77 13.09 -25.73
CA LEU I 93 29.78 11.72 -26.20
C LEU I 93 28.51 11.42 -26.99
N THR I 94 28.62 10.55 -27.98
CA THR I 94 27.42 10.00 -28.63
C THR I 94 26.82 8.97 -27.68
N VAL I 95 25.56 8.59 -27.94
CA VAL I 95 24.93 7.57 -27.10
C VAL I 95 25.70 6.26 -27.18
N LYS I 96 26.12 5.87 -28.39
CA LYS I 96 26.96 4.69 -28.56
C LYS I 96 28.19 4.74 -27.65
N GLN I 97 28.87 5.89 -27.65
CA GLN I 97 30.06 6.08 -26.83
C GLN I 97 29.78 5.97 -25.32
N MET I 98 28.65 6.51 -24.90
CA MET I 98 28.22 6.43 -23.49
C MET I 98 28.08 4.98 -23.06
N ILE I 99 27.39 4.19 -23.89
CA ILE I 99 27.17 2.78 -23.62
C ILE I 99 28.48 2.01 -23.60
N GLU I 100 29.36 2.29 -24.57
CA GLU I 100 30.69 1.67 -24.62
C GLU I 100 31.51 1.97 -23.37
N GLU I 101 31.48 3.23 -22.94
CA GLU I 101 32.19 3.67 -21.75
C GLU I 101 31.63 2.97 -20.52
N ALA I 102 30.29 2.91 -20.42
CA ALA I 102 29.64 2.25 -19.29
C ALA I 102 30.03 0.78 -19.20
N ILE I 103 30.03 0.06 -20.33
CA ILE I 103 30.45 -1.34 -20.38
C ILE I 103 31.89 -1.52 -19.89
N ALA I 104 32.79 -0.69 -20.39
CA ALA I 104 34.20 -0.76 -19.99
C ALA I 104 34.36 -0.56 -18.49
N ASN I 105 33.68 0.44 -17.93
CA ASN I 105 33.69 0.68 -16.50
C ASN I 105 33.07 -0.46 -15.69
N HIS I 106 31.93 -0.99 -16.15
CA HIS I 106 31.34 -2.17 -15.49
C HIS I 106 32.30 -3.37 -15.52
N GLU I 107 33.00 -3.55 -16.63
CA GLU I 107 33.93 -4.68 -16.76
C GLU I 107 35.10 -4.54 -15.79
N LEU I 108 35.60 -3.30 -15.64
CA LEU I 108 36.61 -2.97 -14.64
C LEU I 108 36.13 -3.31 -13.23
N ILE I 109 34.93 -2.84 -12.90
CA ILE I 109 34.34 -3.10 -11.58
C ILE I 109 34.13 -4.60 -11.32
N ILE I 110 33.59 -5.31 -12.31
CA ILE I 110 33.41 -6.78 -12.23
C ILE I 110 34.74 -7.48 -11.95
N THR I 111 35.78 -7.12 -12.69
CA THR I 111 37.09 -7.70 -12.47
C THR I 111 37.57 -7.43 -11.04
N GLU I 112 37.48 -6.17 -10.63
CA GLU I 112 37.90 -5.75 -9.30
C GLU I 112 37.11 -6.46 -8.17
N MET I 113 35.80 -6.59 -8.36
CA MET I 113 34.99 -7.27 -7.33
C MET I 113 35.34 -8.72 -7.15
N HIS I 114 35.69 -9.42 -8.25
CA HIS I 114 36.16 -10.79 -8.13
C HIS I 114 37.49 -10.85 -7.36
N GLN I 115 38.40 -9.95 -7.70
CA GLN I 115 39.68 -9.86 -7.00
C GLN I 115 39.48 -9.52 -5.53
N ASP I 116 38.61 -8.56 -5.26
CA ASP I 116 38.38 -8.08 -3.90
C ASP I 116 37.62 -9.10 -3.05
N ALA I 117 36.72 -9.86 -3.68
CA ALA I 117 36.07 -10.97 -2.99
C ALA I 117 37.10 -12.01 -2.54
N GLU I 118 38.07 -12.30 -3.41
CA GLU I 118 39.12 -13.26 -3.05
C GLU I 118 39.99 -12.76 -1.89
N ILE I 119 40.34 -11.48 -1.90
CA ILE I 119 41.09 -10.85 -0.82
C ILE I 119 40.31 -10.96 0.51
N ALA I 120 39.03 -10.62 0.48
CA ALA I 120 38.17 -10.73 1.65
C ALA I 120 38.10 -12.16 2.17
N THR I 121 37.95 -13.12 1.26
CA THR I 121 37.88 -14.53 1.59
C THR I 121 39.18 -14.99 2.27
N GLU I 122 40.32 -14.59 1.71
CA GLU I 122 41.62 -14.89 2.30
C GLU I 122 41.79 -14.30 3.70
N ALA I 123 41.22 -13.11 3.91
CA ALA I 123 41.20 -12.45 5.20
C ALA I 123 40.23 -13.09 6.22
N GLY I 124 39.41 -14.03 5.75
CA GLY I 124 38.37 -14.65 6.58
C GLY I 124 37.16 -13.75 6.77
N ASP I 125 37.10 -12.67 5.97
CA ASP I 125 36.04 -11.68 6.04
C ASP I 125 34.87 -12.12 5.14
N ILE I 126 34.08 -13.07 5.64
CA ILE I 126 33.00 -13.69 4.84
C ILE I 126 31.92 -12.67 4.45
N GLY I 127 31.67 -11.70 5.34
CA GLY I 127 30.69 -10.65 5.07
C GLY I 127 31.06 -9.79 3.87
N THR I 128 32.30 -9.30 3.84
CA THR I 128 32.77 -8.46 2.74
C THR I 128 32.84 -9.25 1.43
N ALA I 129 33.28 -10.50 1.51
CA ALA I 129 33.29 -11.38 0.34
C ALA I 129 31.87 -11.51 -0.21
N ASP I 130 30.90 -11.71 0.69
CA ASP I 130 29.50 -11.82 0.29
C ASP I 130 28.96 -10.54 -0.34
N LEU I 131 29.31 -9.39 0.22
CA LEU I 131 28.89 -8.10 -0.32
C LEU I 131 29.35 -7.97 -1.77
N TYR I 132 30.63 -8.21 -2.02
CA TYR I 132 31.14 -8.17 -3.38
C TYR I 132 30.46 -9.20 -4.29
N THR I 133 30.22 -10.39 -3.75
CA THR I 133 29.60 -11.48 -4.50
C THR I 133 28.18 -11.14 -4.95
N ARG I 134 27.45 -10.45 -4.08
CA ARG I 134 26.09 -10.00 -4.40
C ARG I 134 26.12 -8.82 -5.40
N LEU I 135 26.93 -7.81 -5.10
CA LEU I 135 26.97 -6.59 -5.92
C LEU I 135 27.47 -6.87 -7.34
N VAL I 136 28.41 -7.79 -7.49
CA VAL I 136 29.00 -8.06 -8.81
C VAL I 136 27.92 -8.57 -9.79
N GLN I 137 26.93 -9.29 -9.27
CA GLN I 137 25.84 -9.81 -10.12
C GLN I 137 24.99 -8.70 -10.72
N THR I 138 24.79 -7.63 -9.96
CA THR I 138 24.09 -6.44 -10.48
C THR I 138 24.91 -5.82 -11.63
N HIS I 139 26.21 -5.68 -11.43
CA HIS I 139 27.09 -5.17 -12.49
C HIS I 139 27.05 -6.06 -13.72
N GLN I 140 26.99 -7.37 -13.52
CA GLN I 140 26.93 -8.31 -14.63
C GLN I 140 25.62 -8.16 -15.40
N LYS I 141 24.52 -7.91 -14.68
CA LYS I 141 23.24 -7.59 -15.32
C LYS I 141 23.32 -6.32 -16.17
N HIS I 142 23.84 -5.24 -15.57
CA HIS I 142 24.00 -3.94 -16.25
C HIS I 142 24.84 -4.09 -17.52
N ARG I 143 25.93 -4.84 -17.42
CA ARG I 143 26.83 -5.07 -18.55
C ARG I 143 26.09 -5.76 -19.69
N TRP I 144 25.33 -6.81 -19.34
CA TRP I 144 24.53 -7.53 -20.34
C TRP I 144 23.54 -6.60 -21.08
N PHE I 145 22.74 -5.87 -20.31
CA PHE I 145 21.79 -4.90 -20.86
C PHE I 145 22.46 -3.94 -21.85
N LEU I 146 23.55 -3.34 -21.42
CA LEU I 146 24.26 -2.35 -22.23
C LEU I 146 24.83 -2.97 -23.51
N LYS I 147 25.44 -4.15 -23.39
CA LYS I 147 25.97 -4.88 -24.54
C LYS I 147 24.90 -5.16 -25.59
N GLU I 148 23.69 -5.50 -25.14
CA GLU I 148 22.59 -5.74 -26.08
C GLU I 148 22.30 -4.54 -26.99
N PHE I 149 22.41 -3.33 -26.45
CA PHE I 149 22.16 -2.11 -27.23
C PHE I 149 23.14 -1.96 -28.38
N LEU I 150 24.30 -2.59 -28.24
CA LEU I 150 25.39 -2.51 -29.21
C LEU I 150 25.33 -3.59 -30.29
N ALA I 151 24.43 -4.55 -30.11
CA ALA I 151 24.21 -5.62 -31.09
C ALA I 151 23.56 -5.07 -32.35
N LYS I 152 23.85 -5.68 -33.49
CA LYS I 152 23.24 -5.29 -34.75
C LYS I 152 22.48 -6.45 -35.38
N GLY I 153 21.78 -6.17 -36.47
CA GLY I 153 21.06 -7.19 -37.22
C GLY I 153 19.75 -7.62 -36.58
N ASP I 154 19.09 -6.70 -35.86
CA ASP I 154 17.80 -7.05 -35.28
C ASP I 154 16.68 -7.14 -36.30
N GLY I 155 16.90 -6.56 -37.49
CA GLY I 155 15.93 -6.62 -38.59
C GLY I 155 14.89 -5.52 -38.59
N LEU I 156 14.93 -4.67 -37.57
CA LEU I 156 13.96 -3.57 -37.42
C LEU I 156 14.65 -2.21 -37.58
N VAL I 157 15.75 -2.01 -36.85
CA VAL I 157 16.47 -0.72 -36.86
C VAL I 157 17.98 -0.89 -37.04
N SER I 158 18.43 -2.14 -37.06
CA SER I 158 19.86 -2.46 -37.22
C SER I 158 20.06 -3.77 -37.98
N THR J 6 24.61 36.55 -23.24
CA THR J 6 23.12 36.57 -23.28
C THR J 6 22.54 36.24 -21.90
N LEU J 7 21.34 36.75 -21.62
CA LEU J 7 20.69 36.49 -20.34
C LEU J 7 20.27 35.03 -20.18
N LYS J 8 19.97 34.36 -21.30
CA LYS J 8 19.71 32.91 -21.30
C LYS J 8 20.87 32.15 -20.67
N GLU J 9 22.10 32.52 -21.04
CA GLU J 9 23.29 31.88 -20.47
C GLU J 9 23.61 32.29 -19.02
N GLN J 10 23.16 33.47 -18.57
CA GLN J 10 23.31 33.85 -17.14
C GLN J 10 22.52 32.90 -16.24
N VAL J 11 21.26 32.66 -16.60
CA VAL J 11 20.42 31.68 -15.90
C VAL J 11 21.06 30.28 -15.93
N LEU J 12 21.52 29.86 -17.11
CA LEU J 12 22.17 28.56 -17.23
C LEU J 12 23.43 28.44 -16.37
N THR J 13 24.19 29.54 -16.27
CA THR J 13 25.35 29.61 -15.39
C THR J 13 24.96 29.33 -13.94
N THR J 14 23.87 29.96 -13.49
CA THR J 14 23.38 29.76 -12.12
C THR J 14 23.00 28.30 -11.86
N LEU J 15 22.33 27.69 -12.84
CA LEU J 15 21.88 26.29 -12.70
C LEU J 15 23.05 25.32 -12.56
N LYS J 16 24.10 25.54 -13.33
CA LYS J 16 25.30 24.71 -13.22
C LYS J 16 25.95 24.80 -11.84
N ARG J 17 26.08 26.03 -11.34
CA ARG J 17 26.66 26.25 -10.01
C ARG J 17 25.77 25.63 -8.93
N GLU J 18 24.47 25.86 -9.04
CA GLU J 18 23.51 25.34 -8.08
C GLU J 18 23.48 23.80 -8.09
N GLN J 19 23.51 23.23 -9.30
CA GLN J 19 23.54 21.78 -9.43
C GLN J 19 24.82 21.19 -8.81
N ALA J 20 25.96 21.80 -9.12
CA ALA J 20 27.24 21.36 -8.56
C ALA J 20 27.21 21.44 -7.03
N ASN J 21 26.66 22.53 -6.50
CA ASN J 21 26.50 22.72 -5.05
C ASN J 21 25.64 21.62 -4.42
N ALA J 22 24.55 21.23 -5.08
CA ALA J 22 23.70 20.13 -4.59
C ALA J 22 24.48 18.81 -4.48
N VAL J 23 25.28 18.51 -5.51
CA VAL J 23 26.13 17.31 -5.52
C VAL J 23 27.14 17.33 -4.37
N VAL J 24 27.87 18.43 -4.21
CA VAL J 24 28.87 18.54 -3.16
C VAL J 24 28.21 18.51 -1.77
N MET J 25 27.10 19.23 -1.64
CA MET J 25 26.36 19.29 -0.38
C MET J 25 25.84 17.89 -0.01
N TYR J 26 25.37 17.15 -1.00
CA TYR J 26 24.91 15.78 -0.78
C TYR J 26 26.07 14.89 -0.29
N LEU J 27 27.19 14.93 -1.00
CA LEU J 27 28.37 14.14 -0.62
C LEU J 27 28.88 14.51 0.77
N ASN J 28 28.86 15.80 1.11
CA ASN J 28 29.15 16.27 2.48
C ASN J 28 28.22 15.61 3.50
N TYR J 29 26.92 15.60 3.21
CA TYR J 29 25.94 14.95 4.10
C TYR J 29 26.24 13.48 4.32
N LYS J 30 26.66 12.78 3.27
CA LYS J 30 27.05 11.39 3.37
C LYS J 30 28.26 11.21 4.29
N LYS J 31 29.26 12.09 4.17
CA LYS J 31 30.37 12.10 5.10
C LYS J 31 29.89 12.21 6.56
N TYR J 32 28.99 13.16 6.82
CA TYR J 32 28.47 13.37 8.19
C TYR J 32 27.69 12.15 8.66
N HIS J 33 26.80 11.63 7.81
CA HIS J 33 26.08 10.39 8.06
C HIS J 33 27.02 9.24 8.48
N TRP J 34 28.11 9.04 7.73
CA TRP J 34 29.01 7.91 7.98
C TRP J 34 29.94 8.11 9.17
N LEU J 35 30.38 9.35 9.37
CA LEU J 35 31.46 9.65 10.32
C LEU J 35 30.96 10.23 11.63
N THR J 36 29.66 10.48 11.75
CA THR J 36 29.15 10.96 13.05
C THR J 36 29.34 9.88 14.12
N TYR J 37 29.40 10.31 15.39
CA TYR J 37 29.78 9.42 16.48
C TYR J 37 29.28 10.02 17.79
N GLY J 38 29.36 9.23 18.86
CA GLY J 38 29.00 9.71 20.19
C GLY J 38 27.58 9.28 20.56
N PRO J 39 27.13 9.67 21.76
CA PRO J 39 25.83 9.24 22.29
C PRO J 39 24.61 9.72 21.51
N LEU J 40 24.80 10.62 20.55
CA LEU J 40 23.69 11.07 19.70
C LEU J 40 23.69 10.33 18.37
N PHE J 41 24.44 9.23 18.28
CA PHE J 41 24.70 8.61 16.98
C PHE J 41 23.45 8.31 16.14
N ARG J 42 22.49 7.56 16.69
CA ARG J 42 21.34 7.17 15.87
C ARG J 42 20.59 8.39 15.35
N ASP J 43 20.32 9.34 16.26
CA ASP J 43 19.57 10.55 15.92
C ASP J 43 20.27 11.33 14.81
N LEU J 44 21.57 11.55 14.95
CA LEU J 44 22.34 12.32 13.96
C LEU J 44 22.57 11.56 12.66
N HIS J 45 22.86 10.26 12.76
CA HIS J 45 22.98 9.36 11.60
C HIS J 45 21.73 9.53 10.72
N LEU J 46 20.56 9.49 11.36
CA LEU J 46 19.29 9.69 10.67
C LEU J 46 19.13 11.12 10.13
N LEU J 47 19.41 12.12 10.96
CA LEU J 47 19.31 13.53 10.52
C LEU J 47 20.08 13.77 9.23
N PHE J 48 21.33 13.32 9.19
CA PHE J 48 22.20 13.54 8.05
C PHE J 48 21.71 12.79 6.82
N GLU J 49 21.14 11.61 7.01
CA GLU J 49 20.57 10.86 5.89
C GLU J 49 19.31 11.54 5.35
N GLU J 50 18.46 12.01 6.26
CA GLU J 50 17.21 12.65 5.90
C GLU J 50 17.43 13.96 5.15
N GLN J 51 18.27 14.84 5.70
CA GLN J 51 18.55 16.11 5.03
C GLN J 51 19.38 15.88 3.77
N GLY J 52 20.32 14.95 3.84
CA GLY J 52 21.08 14.51 2.64
C GLY J 52 20.17 14.06 1.50
N SER J 53 19.14 13.29 1.84
CA SER J 53 18.20 12.79 0.85
C SER J 53 17.40 13.90 0.16
N GLU J 54 17.06 14.93 0.93
CA GLU J 54 16.35 16.09 0.40
C GLU J 54 17.24 16.91 -0.52
N VAL J 55 18.51 17.08 -0.13
CA VAL J 55 19.48 17.73 -1.03
C VAL J 55 19.69 16.90 -2.31
N PHE J 56 19.85 15.59 -2.12
CA PHE J 56 20.03 14.66 -3.24
C PHE J 56 18.98 14.87 -4.35
N ALA J 57 17.71 14.95 -3.96
CA ALA J 57 16.60 15.10 -4.90
C ALA J 57 16.73 16.35 -5.77
N MET J 58 17.43 17.36 -5.25
CA MET J 58 17.64 18.60 -6.01
C MET J 58 18.60 18.46 -7.19
N ILE J 59 19.50 17.48 -7.14
CA ILE J 59 20.52 17.30 -8.16
C ILE J 59 19.86 17.13 -9.53
N ASP J 60 18.92 16.20 -9.62
CA ASP J 60 18.26 15.91 -10.88
C ASP J 60 17.37 17.08 -11.34
N GLU J 61 16.70 17.72 -10.39
CA GLU J 61 15.84 18.87 -10.69
C GLU J 61 16.64 20.01 -11.31
N LEU J 62 17.79 20.31 -10.70
CA LEU J 62 18.64 21.41 -11.15
C LEU J 62 19.32 21.09 -12.47
N ALA J 63 19.75 19.84 -12.64
CA ALA J 63 20.40 19.40 -13.87
C ALA J 63 19.41 19.40 -15.05
N GLU J 64 18.22 18.84 -14.83
CA GLU J 64 17.26 18.75 -15.93
C GLU J 64 16.65 20.11 -16.28
N ARG J 65 16.65 21.04 -15.32
CA ARG J 65 16.24 22.40 -15.63
C ARG J 65 17.10 23.00 -16.75
N SER J 66 18.42 22.76 -16.69
CA SER J 66 19.33 23.21 -17.77
C SER J 66 18.90 22.66 -19.14
N LEU J 67 18.53 21.38 -19.18
CA LEU J 67 18.11 20.71 -20.42
C LEU J 67 16.81 21.30 -20.96
N MET J 68 15.88 21.61 -20.05
CA MET J 68 14.61 22.22 -20.41
C MET J 68 14.76 23.63 -20.96
N LEU J 69 15.93 24.25 -20.70
CA LEU J 69 16.24 25.59 -21.21
C LEU J 69 17.18 25.51 -22.42
N ASP J 70 17.23 24.33 -23.03
CA ASP J 70 18.07 24.06 -24.21
C ASP J 70 19.57 24.21 -23.94
N GLY J 71 19.97 24.03 -22.68
CA GLY J 71 21.37 24.03 -22.30
C GLY J 71 21.81 22.64 -21.88
N GLN J 72 22.96 22.56 -21.23
CA GLN J 72 23.45 21.30 -20.67
C GLN J 72 23.80 21.49 -19.21
N PRO J 73 23.53 20.47 -18.37
CA PRO J 73 23.94 20.55 -16.97
C PRO J 73 25.45 20.29 -16.83
N VAL J 74 25.99 20.49 -15.63
CA VAL J 74 27.29 19.90 -15.30
C VAL J 74 27.07 18.38 -15.37
N ALA J 75 28.05 17.65 -15.91
CA ALA J 75 27.89 16.20 -16.10
C ALA J 75 29.16 15.39 -15.91
N ASP J 76 30.30 15.95 -16.35
CA ASP J 76 31.60 15.29 -16.14
C ASP J 76 31.92 15.33 -14.65
N PRO J 77 32.13 14.16 -14.02
CA PRO J 77 32.40 14.18 -12.57
C PRO J 77 33.56 15.08 -12.15
N ALA J 78 34.58 15.21 -13.00
CA ALA J 78 35.71 16.09 -12.70
C ALA J 78 35.33 17.58 -12.65
N ASP J 79 34.18 17.94 -13.20
CA ASP J 79 33.74 19.34 -13.24
C ASP J 79 33.07 19.84 -11.95
N TYR J 80 32.50 18.92 -11.15
CA TYR J 80 31.73 19.35 -9.99
C TYR J 80 32.49 20.26 -9.03
N LEU J 81 33.70 19.85 -8.65
CA LEU J 81 34.52 20.64 -7.72
C LEU J 81 35.08 21.93 -8.34
N LYS J 82 35.06 21.99 -9.67
CA LYS J 82 35.48 23.19 -10.40
C LYS J 82 34.40 24.26 -10.46
N VAL J 83 33.15 23.84 -10.34
CA VAL J 83 32.01 24.71 -10.54
C VAL J 83 31.35 25.07 -9.21
N ALA J 84 31.37 24.13 -8.27
CA ALA J 84 30.72 24.31 -6.97
C ALA J 84 31.37 25.45 -6.17
N THR J 85 30.55 26.22 -5.48
CA THR J 85 31.03 27.25 -4.56
C THR J 85 30.91 26.84 -3.09
N VAL J 86 30.10 25.83 -2.78
CA VAL J 86 30.09 25.26 -1.42
C VAL J 86 31.44 24.59 -1.14
N THR J 87 31.83 24.58 0.13
CA THR J 87 33.07 23.96 0.55
C THR J 87 32.90 22.45 0.61
N PRO J 88 33.68 21.70 -0.20
CA PRO J 88 33.71 20.26 -0.01
C PRO J 88 34.39 19.93 1.33
N SER J 89 33.77 19.05 2.10
CA SER J 89 34.28 18.72 3.44
C SER J 89 35.67 18.08 3.37
N SER J 90 36.55 18.51 4.27
CA SER J 90 37.91 18.00 4.30
C SER J 90 38.41 17.63 5.71
N GLY J 91 38.95 16.43 5.82
CA GLY J 91 39.61 15.97 7.05
C GLY J 91 38.68 15.51 8.14
N GLN J 92 39.26 15.02 9.23
CA GLN J 92 38.52 14.61 10.41
C GLN J 92 37.88 15.77 11.16
N LEU J 93 36.59 15.64 11.43
CA LEU J 93 35.82 16.69 12.08
C LEU J 93 35.06 16.14 13.28
N THR J 94 34.86 16.98 14.29
CA THR J 94 33.94 16.66 15.39
C THR J 94 32.52 16.78 14.86
N VAL J 95 31.56 16.20 15.58
CA VAL J 95 30.16 16.36 15.21
C VAL J 95 29.76 17.83 15.20
N LYS J 96 30.19 18.59 16.20
CA LYS J 96 29.94 20.03 16.23
C LYS J 96 30.45 20.70 14.95
N GLN J 97 31.67 20.36 14.54
CA GLN J 97 32.28 20.93 13.34
C GLN J 97 31.51 20.59 12.08
N MET J 98 31.05 19.35 11.99
CA MET J 98 30.22 18.92 10.87
C MET J 98 28.97 19.77 10.74
N ILE J 99 28.28 19.98 11.85
CA ILE J 99 27.06 20.78 11.91
C ILE J 99 27.34 22.24 11.54
N GLU J 100 28.43 22.80 12.08
CA GLU J 100 28.84 24.16 11.75
C GLU J 100 29.14 24.32 10.26
N GLU J 101 29.84 23.35 9.70
CA GLU J 101 30.19 23.36 8.28
C GLU J 101 28.93 23.27 7.42
N ALA J 102 28.02 22.37 7.80
CA ALA J 102 26.74 22.22 7.13
C ALA J 102 25.93 23.52 7.13
N ILE J 103 25.84 24.17 8.29
CA ILE J 103 25.11 25.45 8.40
C ILE J 103 25.72 26.49 7.46
N ALA J 104 27.04 26.62 7.49
CA ALA J 104 27.75 27.59 6.65
C ALA J 104 27.47 27.37 5.16
N ASN J 105 27.54 26.11 4.72
CA ASN J 105 27.26 25.76 3.31
C ASN J 105 25.79 26.01 2.96
N HIS J 106 24.87 25.64 3.86
CA HIS J 106 23.45 25.97 3.66
C HIS J 106 23.22 27.48 3.52
N GLU J 107 23.88 28.26 4.37
CA GLU J 107 23.76 29.72 4.30
C GLU J 107 24.26 30.26 2.96
N LEU J 108 25.37 29.72 2.47
CA LEU J 108 25.87 30.09 1.15
C LEU J 108 24.83 29.76 0.06
N ILE J 109 24.28 28.55 0.11
CA ILE J 109 23.28 28.12 -0.87
C ILE J 109 22.02 28.99 -0.81
N ILE J 110 21.55 29.29 0.40
CA ILE J 110 20.37 30.14 0.57
C ILE J 110 20.59 31.53 -0.04
N THR J 111 21.74 32.12 0.25
CA THR J 111 22.11 33.41 -0.33
C THR J 111 22.09 33.33 -1.87
N GLU J 112 22.75 32.30 -2.39
CA GLU J 112 22.86 32.10 -3.84
C GLU J 112 21.50 31.85 -4.49
N MET J 113 20.63 31.05 -3.86
CA MET J 113 19.31 30.81 -4.42
C MET J 113 18.44 32.06 -4.49
N HIS J 114 18.57 32.94 -3.51
CA HIS J 114 17.87 34.22 -3.54
C HIS J 114 18.38 35.08 -4.70
N GLN J 115 19.70 35.14 -4.85
CA GLN J 115 20.34 35.86 -5.97
C GLN J 115 19.92 35.27 -7.31
N ASP J 116 19.95 33.94 -7.39
CA ASP J 116 19.67 33.24 -8.63
C ASP J 116 18.19 33.26 -9.01
N ALA J 117 17.30 33.28 -8.01
CA ALA J 117 15.89 33.49 -8.26
C ALA J 117 15.66 34.86 -8.90
N GLU J 118 16.35 35.88 -8.39
CA GLU J 118 16.20 37.22 -8.96
C GLU J 118 16.71 37.30 -10.39
N ILE J 119 17.84 36.64 -10.66
CA ILE J 119 18.40 36.56 -12.00
C ILE J 119 17.38 35.92 -12.98
N ALA J 120 16.79 34.81 -12.56
CA ALA J 120 15.76 34.13 -13.35
C ALA J 120 14.54 35.01 -13.59
N THR J 121 14.08 35.67 -12.52
CA THR J 121 12.93 36.56 -12.60
C THR J 121 13.17 37.69 -13.61
N GLU J 122 14.37 38.27 -13.56
CA GLU J 122 14.71 39.35 -14.49
C GLU J 122 14.84 38.87 -15.94
N ALA J 123 15.20 37.59 -16.10
CA ALA J 123 15.25 36.96 -17.42
C ALA J 123 13.86 36.54 -17.92
N GLY J 124 12.85 36.69 -17.07
CA GLY J 124 11.48 36.28 -17.37
C GLY J 124 11.27 34.77 -17.27
N ASP J 125 12.23 34.09 -16.67
CA ASP J 125 12.21 32.63 -16.53
C ASP J 125 11.50 32.27 -15.22
N ILE J 126 10.17 32.31 -15.27
CA ILE J 126 9.34 32.12 -14.08
C ILE J 126 9.51 30.71 -13.50
N GLY J 127 9.72 29.71 -14.37
CA GLY J 127 9.93 28.34 -13.92
C GLY J 127 11.19 28.14 -13.09
N THR J 128 12.31 28.69 -13.57
CA THR J 128 13.58 28.61 -12.84
C THR J 128 13.53 29.40 -11.52
N ALA J 129 12.94 30.59 -11.55
CA ALA J 129 12.73 31.37 -10.33
C ALA J 129 11.92 30.55 -9.31
N ASP J 130 10.88 29.86 -9.78
CA ASP J 130 10.04 29.03 -8.92
C ASP J 130 10.82 27.86 -8.33
N LEU J 131 11.65 27.22 -9.15
CA LEU J 131 12.49 26.11 -8.70
C LEU J 131 13.34 26.54 -7.53
N TYR J 132 14.06 27.65 -7.70
CA TYR J 132 14.91 28.17 -6.63
C TYR J 132 14.11 28.57 -5.40
N THR J 133 12.93 29.14 -5.62
CA THR J 133 12.01 29.59 -4.57
C THR J 133 11.52 28.41 -3.72
N ARG J 134 11.19 27.30 -4.37
CA ARG J 134 10.80 26.09 -3.65
C ARG J 134 11.99 25.44 -2.91
N LEU J 135 13.10 25.23 -3.62
CA LEU J 135 14.26 24.54 -3.04
C LEU J 135 14.88 25.28 -1.85
N VAL J 136 14.88 26.62 -1.91
CA VAL J 136 15.52 27.39 -0.84
C VAL J 136 14.84 27.16 0.51
N GLN J 137 13.53 26.91 0.49
CA GLN J 137 12.78 26.65 1.71
C GLN J 137 13.24 25.36 2.41
N THR J 138 13.61 24.35 1.61
CA THR J 138 14.17 23.12 2.17
C THR J 138 15.50 23.41 2.84
N HIS J 139 16.34 24.21 2.19
CA HIS J 139 17.61 24.62 2.79
C HIS J 139 17.40 25.39 4.09
N GLN J 140 16.37 26.23 4.12
CA GLN J 140 16.04 27.01 5.32
C GLN J 140 15.61 26.10 6.46
N LYS J 141 14.85 25.05 6.13
CA LYS J 141 14.48 24.04 7.11
C LYS J 141 15.72 23.33 7.66
N HIS J 142 16.60 22.89 6.77
CA HIS J 142 17.81 22.18 7.16
C HIS J 142 18.68 23.04 8.08
N ARG J 143 18.80 24.31 7.73
CA ARG J 143 19.58 25.27 8.50
C ARG J 143 19.02 25.39 9.92
N TRP J 144 17.71 25.52 10.03
CA TRP J 144 17.06 25.63 11.34
C TRP J 144 17.35 24.40 12.21
N PHE J 145 17.11 23.20 11.67
CA PHE J 145 17.38 21.94 12.36
C PHE J 145 18.80 21.90 12.89
N LEU J 146 19.77 22.17 12.01
CA LEU J 146 21.17 22.11 12.38
C LEU J 146 21.52 23.11 13.48
N LYS J 147 21.03 24.33 13.34
CA LYS J 147 21.30 25.38 14.33
C LYS J 147 20.79 24.99 15.71
N GLU J 148 19.63 24.33 15.75
CA GLU J 148 19.08 23.88 17.04
C GLU J 148 20.05 22.97 17.79
N PHE J 149 20.74 22.10 17.07
CA PHE J 149 21.71 21.18 17.69
C PHE J 149 22.87 21.90 18.40
N LEU J 150 23.11 23.14 17.97
CA LEU J 150 24.19 23.97 18.53
C LEU J 150 23.76 24.84 19.71
N ALA J 151 22.45 24.92 19.95
CA ALA J 151 21.93 25.67 21.11
C ALA J 151 22.32 25.00 22.41
N LYS J 152 22.46 25.80 23.47
CA LYS J 152 22.80 25.27 24.79
C LYS J 152 21.73 25.64 25.82
N GLY J 153 21.89 25.12 27.03
CA GLY J 153 20.97 25.42 28.13
C GLY J 153 19.62 24.72 28.03
N ASP J 154 19.60 23.52 27.45
CA ASP J 154 18.37 22.73 27.41
C ASP J 154 17.96 22.16 28.77
N GLY J 155 18.91 22.08 29.69
CA GLY J 155 18.65 21.65 31.06
C GLY J 155 18.77 20.15 31.25
N LEU J 156 19.01 19.42 30.17
CA LEU J 156 19.15 17.97 30.21
C LEU J 156 20.57 17.51 29.92
N VAL J 157 21.16 18.05 28.84
CA VAL J 157 22.51 17.66 28.43
C VAL J 157 23.39 18.86 28.07
N SER J 158 22.80 20.05 28.12
CA SER J 158 23.53 21.29 27.81
C SER J 158 23.01 22.45 28.67
N THR K 6 -19.76 -4.59 -45.42
CA THR K 6 -19.48 -5.83 -44.64
C THR K 6 -19.78 -5.61 -43.17
N LEU K 7 -20.16 -6.69 -42.49
CA LEU K 7 -20.49 -6.65 -41.06
C LEU K 7 -19.26 -6.18 -40.25
N LYS K 8 -18.07 -6.55 -40.70
CA LYS K 8 -16.83 -6.15 -40.05
C LYS K 8 -16.56 -4.63 -40.17
N GLU K 9 -16.81 -4.05 -41.35
CA GLU K 9 -16.73 -2.60 -41.54
C GLU K 9 -17.75 -1.89 -40.62
N GLN K 10 -18.93 -2.46 -40.54
CA GLN K 10 -20.00 -1.94 -39.69
C GLN K 10 -19.59 -1.88 -38.22
N VAL K 11 -18.90 -2.92 -37.75
CA VAL K 11 -18.41 -2.94 -36.36
C VAL K 11 -17.49 -1.74 -36.10
N LEU K 12 -16.57 -1.48 -37.02
CA LEU K 12 -15.65 -0.36 -36.88
C LEU K 12 -16.41 0.97 -36.83
N THR K 13 -17.47 1.08 -37.62
CA THR K 13 -18.30 2.28 -37.61
C THR K 13 -18.92 2.49 -36.23
N THR K 14 -19.40 1.41 -35.61
CA THR K 14 -19.99 1.49 -34.29
C THR K 14 -18.97 1.97 -33.25
N LEU K 15 -17.74 1.46 -33.34
CA LEU K 15 -16.69 1.80 -32.38
C LEU K 15 -16.33 3.29 -32.44
N LYS K 16 -16.26 3.84 -33.64
CA LYS K 16 -16.01 5.27 -33.80
C LYS K 16 -17.09 6.11 -33.14
N ARG K 17 -18.35 5.76 -33.40
CA ARG K 17 -19.49 6.48 -32.81
C ARG K 17 -19.49 6.34 -31.28
N GLU K 18 -19.27 5.11 -30.82
CA GLU K 18 -19.25 4.84 -29.38
C GLU K 18 -18.09 5.54 -28.67
N GLN K 19 -16.91 5.52 -29.29
CA GLN K 19 -15.75 6.23 -28.76
C GLN K 19 -16.02 7.74 -28.66
N ALA K 20 -16.53 8.32 -29.74
CA ALA K 20 -16.84 9.75 -29.78
C ALA K 20 -17.87 10.10 -28.70
N ASN K 21 -18.88 9.24 -28.54
CA ASN K 21 -19.87 9.41 -27.48
C ASN K 21 -19.25 9.41 -26.08
N ALA K 22 -18.27 8.54 -25.85
CA ALA K 22 -17.59 8.48 -24.56
C ALA K 22 -16.87 9.81 -24.28
N VAL K 23 -16.20 10.33 -25.30
CA VAL K 23 -15.49 11.61 -25.16
C VAL K 23 -16.47 12.75 -24.84
N VAL K 24 -17.56 12.85 -25.60
CA VAL K 24 -18.53 13.92 -25.39
C VAL K 24 -19.22 13.76 -24.03
N MET K 25 -19.57 12.52 -23.71
CA MET K 25 -20.22 12.21 -22.43
C MET K 25 -19.31 12.59 -21.27
N TYR K 26 -18.02 12.28 -21.41
CA TYR K 26 -17.04 12.66 -20.40
C TYR K 26 -16.95 14.18 -20.22
N LEU K 27 -16.80 14.90 -21.33
CA LEU K 27 -16.72 16.35 -21.27
C LEU K 27 -17.98 16.97 -20.69
N ASN K 28 -19.15 16.40 -21.01
CA ASN K 28 -20.42 16.79 -20.37
C ASN K 28 -20.35 16.63 -18.85
N TYR K 29 -19.86 15.48 -18.39
CA TYR K 29 -19.72 15.23 -16.96
C TYR K 29 -18.82 16.26 -16.29
N LYS K 30 -17.75 16.66 -16.98
CA LYS K 30 -16.87 17.70 -16.47
C LYS K 30 -17.60 19.02 -16.31
N LYS K 31 -18.40 19.40 -17.32
CA LYS K 31 -19.26 20.57 -17.21
C LYS K 31 -20.15 20.52 -15.96
N TYR K 32 -20.84 19.41 -15.75
CA TYR K 32 -21.70 19.25 -14.57
C TYR K 32 -20.90 19.35 -13.27
N HIS K 33 -19.78 18.63 -13.22
CA HIS K 33 -18.83 18.71 -12.10
C HIS K 33 -18.49 20.16 -11.77
N TRP K 34 -18.11 20.95 -12.78
CA TRP K 34 -17.67 22.31 -12.53
C TRP K 34 -18.80 23.28 -12.22
N LEU K 35 -19.95 23.10 -12.88
CA LEU K 35 -21.01 24.10 -12.86
C LEU K 35 -22.14 23.79 -11.89
N THR K 36 -22.09 22.63 -11.23
CA THR K 36 -23.13 22.30 -10.25
C THR K 36 -23.06 23.30 -9.09
N TYR K 37 -24.20 23.50 -8.44
CA TYR K 37 -24.32 24.54 -7.41
C TYR K 37 -25.46 24.20 -6.46
N GLY K 38 -25.56 24.94 -5.37
CA GLY K 38 -26.64 24.75 -4.42
C GLY K 38 -26.22 23.89 -3.22
N PRO K 39 -27.16 23.67 -2.27
CA PRO K 39 -26.90 22.93 -1.04
C PRO K 39 -26.46 21.46 -1.21
N LEU K 40 -26.58 20.93 -2.42
CA LEU K 40 -26.12 19.55 -2.71
C LEU K 40 -24.74 19.56 -3.36
N PHE K 41 -24.03 20.67 -3.31
CA PHE K 41 -22.80 20.83 -4.08
C PHE K 41 -21.77 19.71 -3.92
N ARG K 42 -21.33 19.44 -2.69
CA ARG K 42 -20.25 18.47 -2.50
C ARG K 42 -20.69 17.11 -3.05
N ASP K 43 -21.89 16.67 -2.67
CA ASP K 43 -22.42 15.35 -3.10
C ASP K 43 -22.46 15.24 -4.63
N LEU K 44 -23.01 16.25 -5.28
CA LEU K 44 -23.13 16.24 -6.75
C LEU K 44 -21.80 16.46 -7.47
N HIS K 45 -20.98 17.36 -6.93
CA HIS K 45 -19.62 17.60 -7.44
C HIS K 45 -18.89 16.23 -7.52
N LEU K 46 -18.98 15.46 -6.44
CA LEU K 46 -18.39 14.12 -6.41
C LEU K 46 -19.07 13.12 -7.38
N LEU K 47 -20.40 13.09 -7.38
CA LEU K 47 -21.13 12.21 -8.28
C LEU K 47 -20.68 12.38 -9.73
N PHE K 48 -20.62 13.63 -10.17
CA PHE K 48 -20.28 13.95 -11.55
C PHE K 48 -18.84 13.55 -11.88
N GLU K 49 -17.94 13.75 -10.91
CA GLU K 49 -16.55 13.32 -11.08
C GLU K 49 -16.44 11.79 -11.15
N GLU K 50 -17.15 11.11 -10.24
CA GLU K 50 -17.11 9.65 -10.15
C GLU K 50 -17.65 8.99 -11.42
N GLN K 51 -18.84 9.39 -11.84
CA GLN K 51 -19.43 8.82 -13.05
C GLN K 51 -18.66 9.27 -14.29
N GLY K 52 -18.21 10.52 -14.29
CA GLY K 52 -17.34 11.03 -15.36
C GLY K 52 -16.09 10.19 -15.52
N SER K 53 -15.48 9.81 -14.41
CA SER K 53 -14.25 9.01 -14.41
C SER K 53 -14.47 7.61 -15.01
N GLU K 54 -15.64 7.04 -14.75
CA GLU K 54 -15.99 5.74 -15.30
C GLU K 54 -16.22 5.81 -16.81
N VAL K 55 -16.90 6.87 -17.26
CA VAL K 55 -17.06 7.12 -18.69
C VAL K 55 -15.70 7.38 -19.34
N PHE K 56 -14.87 8.17 -18.68
CA PHE K 56 -13.51 8.49 -19.18
C PHE K 56 -12.72 7.23 -19.54
N ALA K 57 -12.73 6.24 -18.65
CA ALA K 57 -11.99 5.00 -18.85
C ALA K 57 -12.39 4.29 -20.15
N MET K 58 -13.63 4.52 -20.58
CA MET K 58 -14.13 3.84 -21.79
C MET K 58 -13.55 4.40 -23.08
N ILE K 59 -13.05 5.64 -23.03
CA ILE K 59 -12.51 6.29 -24.23
C ILE K 59 -11.38 5.45 -24.82
N ASP K 60 -10.39 5.15 -24.00
CA ASP K 60 -9.24 4.38 -24.46
C ASP K 60 -9.62 2.96 -24.88
N GLU K 61 -10.53 2.34 -24.13
CA GLU K 61 -10.99 0.99 -24.45
C GLU K 61 -11.62 0.91 -25.83
N LEU K 62 -12.51 1.86 -26.09
CA LEU K 62 -13.25 1.88 -27.36
C LEU K 62 -12.34 2.28 -28.52
N ALA K 63 -11.42 3.21 -28.26
CA ALA K 63 -10.47 3.64 -29.28
C ALA K 63 -9.52 2.50 -29.67
N GLU K 64 -8.94 1.85 -28.67
CA GLU K 64 -7.96 0.79 -28.95
C GLU K 64 -8.62 -0.47 -29.54
N ARG K 65 -9.91 -0.68 -29.26
CA ARG K 65 -10.65 -1.78 -29.89
C ARG K 65 -10.58 -1.66 -31.42
N SER K 66 -10.71 -0.43 -31.93
CA SER K 66 -10.61 -0.19 -33.37
C SER K 66 -9.25 -0.65 -33.91
N LEU K 67 -8.17 -0.31 -33.20
CA LEU K 67 -6.82 -0.70 -33.60
C LEU K 67 -6.63 -2.22 -33.58
N MET K 68 -7.23 -2.87 -32.58
CA MET K 68 -7.13 -4.32 -32.45
C MET K 68 -7.87 -5.07 -33.56
N LEU K 69 -8.76 -4.34 -34.25
CA LEU K 69 -9.50 -4.87 -35.37
C LEU K 69 -8.92 -4.38 -36.71
N ASP K 70 -7.69 -3.89 -36.66
CA ASP K 70 -6.94 -3.41 -37.84
C ASP K 70 -7.60 -2.18 -38.48
N GLY K 71 -8.33 -1.43 -37.67
CA GLY K 71 -8.91 -0.17 -38.09
C GLY K 71 -8.23 0.99 -37.39
N GLN K 72 -8.88 2.15 -37.42
CA GLN K 72 -8.39 3.33 -36.71
C GLN K 72 -9.55 3.94 -35.90
N PRO K 73 -9.23 4.49 -34.73
CA PRO K 73 -10.23 5.17 -33.92
C PRO K 73 -10.48 6.57 -34.47
N VAL K 74 -11.50 7.25 -33.95
CA VAL K 74 -11.57 8.71 -34.12
C VAL K 74 -10.36 9.25 -33.37
N ALA K 75 -9.71 10.27 -33.92
CA ALA K 75 -8.47 10.79 -33.33
C ALA K 75 -8.31 12.30 -33.49
N ASP K 76 -8.70 12.84 -34.64
CA ASP K 76 -8.62 14.29 -34.84
C ASP K 76 -9.68 14.94 -33.94
N PRO K 77 -9.26 15.84 -33.03
CA PRO K 77 -10.26 16.47 -32.13
C PRO K 77 -11.47 17.09 -32.84
N ALA K 78 -11.27 17.62 -34.04
CA ALA K 78 -12.37 18.20 -34.82
C ALA K 78 -13.44 17.18 -35.23
N ASP K 79 -13.08 15.90 -35.25
CA ASP K 79 -13.99 14.85 -35.69
C ASP K 79 -15.00 14.39 -34.62
N TYR K 80 -14.69 14.59 -33.34
CA TYR K 80 -15.56 14.06 -32.28
C TYR K 80 -17.02 14.47 -32.37
N LEU K 81 -17.25 15.78 -32.53
CA LEU K 81 -18.62 16.31 -32.59
C LEU K 81 -19.31 15.99 -33.91
N LYS K 82 -18.52 15.60 -34.91
CA LYS K 82 -19.08 15.18 -36.20
C LYS K 82 -19.54 13.72 -36.19
N VAL K 83 -18.99 12.93 -35.27
CA VAL K 83 -19.25 11.49 -35.22
C VAL K 83 -20.21 11.12 -34.06
N ALA K 84 -20.11 11.86 -32.96
CA ALA K 84 -20.90 11.59 -31.76
C ALA K 84 -22.39 11.75 -32.06
N THR K 85 -23.19 10.89 -31.44
CA THR K 85 -24.64 11.02 -31.48
C THR K 85 -25.23 11.53 -30.16
N VAL K 86 -24.46 11.40 -29.08
CA VAL K 86 -24.87 12.05 -27.82
C VAL K 86 -24.85 13.57 -27.97
N THR K 87 -25.72 14.24 -27.23
CA THR K 87 -25.84 15.68 -27.32
C THR K 87 -24.75 16.34 -26.47
N PRO K 88 -23.87 17.12 -27.12
CA PRO K 88 -22.93 17.89 -26.31
C PRO K 88 -23.67 19.00 -25.57
N SER K 89 -23.35 19.14 -24.29
CA SER K 89 -24.06 20.08 -23.43
C SER K 89 -23.85 21.51 -23.91
N SER K 90 -24.91 22.31 -23.86
CA SER K 90 -24.85 23.68 -24.37
C SER K 90 -25.63 24.65 -23.48
N GLY K 91 -24.97 25.74 -23.13
CA GLY K 91 -25.60 26.83 -22.38
C GLY K 91 -25.72 26.59 -20.89
N GLN K 92 -26.24 27.59 -20.19
CA GLN K 92 -26.47 27.53 -18.74
C GLN K 92 -27.56 26.53 -18.43
N LEU K 93 -27.33 25.71 -17.41
CA LEU K 93 -28.28 24.68 -17.02
C LEU K 93 -28.47 24.71 -15.51
N THR K 94 -29.68 24.43 -15.04
CA THR K 94 -29.87 24.17 -13.61
C THR K 94 -29.33 22.78 -13.32
N VAL K 95 -29.14 22.46 -12.04
CA VAL K 95 -28.69 21.12 -11.64
C VAL K 95 -29.68 20.06 -12.14
N LYS K 96 -30.98 20.30 -11.96
CA LYS K 96 -32.01 19.39 -12.45
C LYS K 96 -31.87 19.14 -13.97
N GLN K 97 -31.65 20.21 -14.73
CA GLN K 97 -31.47 20.10 -16.19
C GLN K 97 -30.21 19.31 -16.57
N MET K 98 -29.13 19.49 -15.81
CA MET K 98 -27.90 18.70 -16.02
C MET K 98 -28.17 17.22 -15.87
N ILE K 99 -28.89 16.88 -14.80
CA ILE K 99 -29.22 15.48 -14.51
C ILE K 99 -30.12 14.88 -15.59
N GLU K 100 -31.15 15.64 -15.99
CA GLU K 100 -32.06 15.23 -17.05
C GLU K 100 -31.30 14.98 -18.38
N GLU K 101 -30.39 15.89 -18.70
CA GLU K 101 -29.58 15.79 -19.91
C GLU K 101 -28.71 14.54 -19.86
N ALA K 102 -28.06 14.32 -18.71
CA ALA K 102 -27.20 13.16 -18.50
C ALA K 102 -28.00 11.86 -18.69
N ILE K 103 -29.20 11.79 -18.10
CA ILE K 103 -30.04 10.58 -18.22
C ILE K 103 -30.39 10.29 -19.68
N ALA K 104 -30.81 11.34 -20.39
CA ALA K 104 -31.17 11.22 -21.80
C ALA K 104 -29.99 10.69 -22.63
N ASN K 105 -28.80 11.26 -22.40
CA ASN K 105 -27.59 10.81 -23.10
C ASN K 105 -27.22 9.37 -22.72
N HIS K 106 -27.28 9.04 -21.42
CA HIS K 106 -27.05 7.64 -21.01
C HIS K 106 -28.03 6.70 -21.69
N GLU K 107 -29.30 7.09 -21.77
CA GLU K 107 -30.31 6.25 -22.41
C GLU K 107 -30.02 6.02 -23.90
N LEU K 108 -29.53 7.04 -24.58
CA LEU K 108 -29.10 6.89 -25.97
C LEU K 108 -27.93 5.92 -26.08
N ILE K 109 -26.92 6.09 -25.23
CA ILE K 109 -25.75 5.21 -25.24
C ILE K 109 -26.14 3.76 -24.94
N ILE K 110 -27.00 3.56 -23.95
CA ILE K 110 -27.47 2.22 -23.58
C ILE K 110 -28.16 1.56 -24.77
N THR K 111 -29.04 2.31 -25.44
CA THR K 111 -29.74 1.76 -26.61
C THR K 111 -28.73 1.42 -27.72
N GLU K 112 -27.80 2.33 -27.99
CA GLU K 112 -26.77 2.09 -29.01
C GLU K 112 -25.85 0.91 -28.68
N MET K 113 -25.46 0.76 -27.41
CA MET K 113 -24.59 -0.35 -27.03
C MET K 113 -25.27 -1.71 -27.21
N HIS K 114 -26.59 -1.77 -26.95
CA HIS K 114 -27.34 -3.00 -27.21
C HIS K 114 -27.39 -3.30 -28.71
N GLN K 115 -27.69 -2.28 -29.51
CA GLN K 115 -27.67 -2.38 -30.96
C GLN K 115 -26.29 -2.80 -31.48
N ASP K 116 -25.25 -2.15 -30.95
CA ASP K 116 -23.89 -2.36 -31.43
C ASP K 116 -23.32 -3.73 -30.99
N ALA K 117 -23.74 -4.20 -29.81
CA ALA K 117 -23.39 -5.55 -29.37
C ALA K 117 -23.97 -6.59 -30.32
N GLU K 118 -25.21 -6.37 -30.75
CA GLU K 118 -25.85 -7.26 -31.71
C GLU K 118 -25.13 -7.28 -33.07
N ILE K 119 -24.74 -6.11 -33.55
CA ILE K 119 -23.95 -6.00 -34.78
C ILE K 119 -22.63 -6.78 -34.66
N ALA K 120 -21.92 -6.58 -33.55
CA ALA K 120 -20.66 -7.29 -33.31
C ALA K 120 -20.88 -8.81 -33.25
N THR K 121 -21.93 -9.23 -32.57
CA THR K 121 -22.28 -10.65 -32.46
C THR K 121 -22.55 -11.27 -33.84
N GLU K 122 -23.31 -10.56 -34.66
CA GLU K 122 -23.59 -11.00 -36.03
C GLU K 122 -22.32 -11.10 -36.88
N ALA K 123 -21.36 -10.22 -36.61
CA ALA K 123 -20.07 -10.24 -37.29
C ALA K 123 -19.13 -11.33 -36.77
N GLY K 124 -19.54 -12.01 -35.69
CA GLY K 124 -18.71 -13.02 -35.03
C GLY K 124 -17.62 -12.42 -34.15
N ASP K 125 -17.72 -11.11 -33.90
CA ASP K 125 -16.74 -10.36 -33.13
C ASP K 125 -17.11 -10.43 -31.64
N ILE K 126 -16.79 -11.56 -31.03
CA ILE K 126 -17.18 -11.83 -29.63
C ILE K 126 -16.55 -10.83 -28.65
N GLY K 127 -15.32 -10.40 -28.96
CA GLY K 127 -14.63 -9.45 -28.10
C GLY K 127 -15.32 -8.09 -28.05
N THR K 128 -15.68 -7.56 -29.21
CA THR K 128 -16.35 -6.27 -29.27
C THR K 128 -17.76 -6.34 -28.64
N ALA K 129 -18.48 -7.42 -28.90
CA ALA K 129 -19.77 -7.65 -28.26
C ALA K 129 -19.62 -7.64 -26.73
N ASP K 130 -18.57 -8.31 -26.24
CA ASP K 130 -18.28 -8.35 -24.81
C ASP K 130 -17.97 -6.95 -24.26
N LEU K 131 -17.18 -6.18 -25.00
CA LEU K 131 -16.82 -4.82 -24.58
C LEU K 131 -18.09 -3.99 -24.35
N TYR K 132 -18.97 -4.00 -25.35
CA TYR K 132 -20.24 -3.28 -25.22
C TYR K 132 -21.10 -3.81 -24.08
N THR K 133 -21.08 -5.13 -23.89
CA THR K 133 -21.88 -5.81 -22.85
C THR K 133 -21.42 -5.40 -21.45
N ARG K 134 -20.10 -5.28 -21.27
CA ARG K 134 -19.55 -4.84 -19.99
C ARG K 134 -19.83 -3.35 -19.76
N LEU K 135 -19.51 -2.52 -20.76
CA LEU K 135 -19.64 -1.07 -20.60
C LEU K 135 -21.07 -0.61 -20.40
N VAL K 136 -22.03 -1.27 -21.05
CA VAL K 136 -23.42 -0.82 -20.94
C VAL K 136 -23.93 -0.91 -19.48
N GLN K 137 -23.38 -1.85 -18.71
CA GLN K 137 -23.78 -2.02 -17.32
C GLN K 137 -23.38 -0.83 -16.46
N THR K 138 -22.23 -0.25 -16.75
CA THR K 138 -21.81 0.98 -16.08
C THR K 138 -22.76 2.14 -16.42
N HIS K 139 -23.13 2.26 -17.70
CA HIS K 139 -24.13 3.28 -18.10
C HIS K 139 -25.48 3.06 -17.40
N GLN K 140 -25.86 1.80 -17.25
CA GLN K 140 -27.12 1.48 -16.57
C GLN K 140 -27.06 1.85 -15.09
N LYS K 141 -25.90 1.63 -14.47
CA LYS K 141 -25.68 2.11 -13.08
C LYS K 141 -25.79 3.63 -12.99
N HIS K 142 -25.10 4.35 -13.88
CA HIS K 142 -25.12 5.81 -13.90
C HIS K 142 -26.54 6.35 -14.06
N ARG K 143 -27.28 5.77 -15.00
CA ARG K 143 -28.68 6.14 -15.24
C ARG K 143 -29.52 5.98 -13.97
N TRP K 144 -29.39 4.84 -13.30
CA TRP K 144 -30.12 4.61 -12.05
C TRP K 144 -29.81 5.68 -10.99
N PHE K 145 -28.53 5.92 -10.72
CA PHE K 145 -28.12 6.97 -9.76
C PHE K 145 -28.75 8.31 -10.08
N LEU K 146 -28.63 8.73 -11.34
CA LEU K 146 -29.14 10.03 -11.77
C LEU K 146 -30.66 10.12 -11.62
N LYS K 147 -31.36 9.08 -12.04
CA LYS K 147 -32.81 9.03 -11.92
C LYS K 147 -33.25 9.20 -10.47
N GLU K 148 -32.51 8.60 -9.54
CA GLU K 148 -32.88 8.72 -8.13
C GLU K 148 -32.89 10.16 -7.64
N PHE K 149 -31.97 10.98 -8.14
CA PHE K 149 -31.91 12.39 -7.75
C PHE K 149 -33.17 13.17 -8.16
N LEU K 150 -33.87 12.64 -9.17
CA LEU K 150 -35.08 13.26 -9.70
C LEU K 150 -36.37 12.81 -9.01
N ALA K 151 -36.27 11.79 -8.15
CA ALA K 151 -37.42 11.29 -7.40
C ALA K 151 -37.84 12.30 -6.33
N LYS K 152 -39.13 12.31 -6.00
CA LYS K 152 -39.62 13.20 -4.95
C LYS K 152 -40.30 12.39 -3.84
N GLY K 153 -40.74 13.09 -2.81
CA GLY K 153 -41.42 12.46 -1.69
C GLY K 153 -40.53 11.67 -0.75
N ASP K 154 -39.26 12.07 -0.62
CA ASP K 154 -38.37 11.42 0.34
C ASP K 154 -38.70 11.73 1.80
N GLY K 155 -39.46 12.81 2.02
CA GLY K 155 -39.90 13.20 3.36
C GLY K 155 -38.95 14.09 4.13
N LEU K 156 -37.79 14.37 3.53
CA LEU K 156 -36.76 15.19 4.16
C LEU K 156 -36.59 16.52 3.42
N VAL K 157 -36.43 16.46 2.10
CA VAL K 157 -36.19 17.65 1.27
C VAL K 157 -37.08 17.72 0.03
N SER K 158 -37.85 16.67 -0.19
CA SER K 158 -38.77 16.59 -1.33
C SER K 158 -40.00 15.78 -0.97
N THR L 4 -15.93 43.27 -9.10
CA THR L 4 -14.92 42.72 -10.05
C THR L 4 -14.45 43.79 -11.04
N THR L 5 -13.34 43.50 -11.71
CA THR L 5 -12.64 44.49 -12.52
C THR L 5 -12.39 43.97 -13.94
N THR L 6 -12.02 44.90 -14.81
CA THR L 6 -11.65 44.58 -16.18
C THR L 6 -10.45 43.64 -16.20
N LEU L 7 -9.49 43.88 -15.31
CA LEU L 7 -8.30 43.04 -15.22
C LEU L 7 -8.67 41.64 -14.74
N LYS L 8 -9.58 41.55 -13.76
CA LYS L 8 -10.08 40.24 -13.31
C LYS L 8 -10.73 39.47 -14.46
N GLU L 9 -11.48 40.18 -15.31
CA GLU L 9 -12.05 39.57 -16.50
C GLU L 9 -10.95 39.10 -17.46
N GLN L 10 -9.85 39.84 -17.60
CA GLN L 10 -8.74 39.42 -18.48
C GLN L 10 -8.07 38.13 -17.97
N VAL L 11 -7.86 38.03 -16.66
CA VAL L 11 -7.35 36.78 -16.06
C VAL L 11 -8.30 35.62 -16.39
N LEU L 12 -9.61 35.84 -16.22
CA LEU L 12 -10.59 34.80 -16.54
C LEU L 12 -10.51 34.38 -18.01
N THR L 13 -10.30 35.35 -18.90
CA THR L 13 -10.14 35.03 -20.32
C THR L 13 -8.93 34.12 -20.55
N THR L 14 -7.82 34.40 -19.86
CA THR L 14 -6.62 33.56 -20.02
C THR L 14 -6.91 32.13 -19.59
N LEU L 15 -7.63 31.98 -18.47
CA LEU L 15 -7.91 30.65 -17.93
C LEU L 15 -8.75 29.82 -18.89
N LYS L 16 -9.73 30.45 -19.53
CA LYS L 16 -10.55 29.76 -20.52
C LYS L 16 -9.72 29.25 -21.71
N ARG L 17 -8.89 30.13 -22.26
CA ARG L 17 -7.99 29.75 -23.35
C ARG L 17 -7.01 28.64 -22.92
N GLU L 18 -6.42 28.79 -21.75
CA GLU L 18 -5.47 27.81 -21.23
C GLU L 18 -6.15 26.46 -20.99
N GLN L 19 -7.34 26.50 -20.40
CA GLN L 19 -8.09 25.26 -20.16
C GLN L 19 -8.43 24.56 -21.48
N ALA L 20 -8.93 25.34 -22.45
CA ALA L 20 -9.26 24.79 -23.76
C ALA L 20 -8.04 24.19 -24.42
N ASN L 21 -6.90 24.86 -24.32
CA ASN L 21 -5.62 24.34 -24.82
C ASN L 21 -5.25 23.00 -24.17
N ALA L 22 -5.45 22.88 -22.85
CA ALA L 22 -5.16 21.64 -22.15
C ALA L 22 -6.01 20.49 -22.69
N VAL L 23 -7.30 20.76 -22.94
CA VAL L 23 -8.22 19.76 -23.49
C VAL L 23 -7.77 19.31 -24.89
N VAL L 24 -7.50 20.27 -25.77
CA VAL L 24 -7.07 19.92 -27.14
C VAL L 24 -5.71 19.21 -27.14
N MET L 25 -4.80 19.70 -26.31
CA MET L 25 -3.47 19.10 -26.19
C MET L 25 -3.59 17.66 -25.70
N TYR L 26 -4.47 17.44 -24.73
CA TYR L 26 -4.72 16.09 -24.24
C TYR L 26 -5.24 15.18 -25.35
N LEU L 27 -6.28 15.64 -26.05
CA LEU L 27 -6.86 14.86 -27.14
C LEU L 27 -5.83 14.59 -28.25
N ASN L 28 -4.97 15.58 -28.53
CA ASN L 28 -3.85 15.36 -29.44
C ASN L 28 -2.94 14.23 -28.97
N TYR L 29 -2.58 14.25 -27.68
CA TYR L 29 -1.72 13.19 -27.10
C TYR L 29 -2.37 11.82 -27.22
N LYS L 30 -3.69 11.75 -27.06
CA LYS L 30 -4.39 10.49 -27.24
C LYS L 30 -4.28 10.00 -28.68
N LYS L 31 -4.47 10.90 -29.66
CA LYS L 31 -4.23 10.55 -31.05
C LYS L 31 -2.83 9.94 -31.25
N TYR L 32 -1.80 10.59 -30.72
CA TYR L 32 -0.44 10.09 -30.89
C TYR L 32 -0.25 8.74 -30.21
N HIS L 33 -0.77 8.62 -28.98
CA HIS L 33 -0.79 7.36 -28.24
C HIS L 33 -1.39 6.22 -29.09
N TRP L 34 -2.56 6.47 -29.70
CA TRP L 34 -3.27 5.44 -30.46
C TRP L 34 -2.64 5.13 -31.81
N LEU L 35 -2.12 6.16 -32.48
CA LEU L 35 -1.73 6.05 -33.89
C LEU L 35 -0.23 5.94 -34.12
N THR L 36 0.54 5.95 -33.04
CA THR L 36 1.98 5.77 -33.18
C THR L 36 2.26 4.34 -33.68
N TYR L 37 3.40 4.16 -34.33
CA TYR L 37 3.72 2.91 -34.99
C TYR L 37 5.22 2.81 -35.22
N GLY L 38 5.67 1.63 -35.65
CA GLY L 38 7.07 1.42 -35.97
C GLY L 38 7.80 0.76 -34.81
N PRO L 39 9.11 0.50 -34.98
CA PRO L 39 9.93 -0.20 -34.00
C PRO L 39 10.05 0.46 -32.62
N LEU L 40 9.63 1.72 -32.50
CA LEU L 40 9.65 2.43 -31.22
C LEU L 40 8.28 2.40 -30.54
N PHE L 41 7.40 1.52 -31.02
CA PHE L 41 6.01 1.57 -30.59
C PHE L 41 5.79 1.62 -29.07
N ARG L 42 6.32 0.65 -28.33
CA ARG L 42 6.01 0.58 -26.91
C ARG L 42 6.50 1.85 -26.21
N ASP L 43 7.75 2.23 -26.48
CA ASP L 43 8.36 3.42 -25.86
C ASP L 43 7.53 4.68 -26.12
N LEU L 44 7.12 4.89 -27.38
CA LEU L 44 6.37 6.08 -27.76
C LEU L 44 4.92 6.03 -27.27
N HIS L 45 4.31 4.84 -27.37
CA HIS L 45 2.96 4.61 -26.86
C HIS L 45 2.89 5.07 -25.39
N LEU L 46 3.90 4.69 -24.61
CA LEU L 46 4.01 5.10 -23.21
C LEU L 46 4.30 6.59 -23.04
N LEU L 47 5.26 7.10 -23.79
CA LEU L 47 5.58 8.53 -23.77
C LEU L 47 4.33 9.39 -23.94
N PHE L 48 3.57 9.10 -24.98
CA PHE L 48 2.38 9.88 -25.30
C PHE L 48 1.32 9.75 -24.20
N GLU L 49 1.18 8.56 -23.63
CA GLU L 49 0.25 8.38 -22.52
C GLU L 49 0.71 9.14 -21.25
N GLU L 50 2.01 9.08 -20.97
CA GLU L 50 2.58 9.73 -19.78
C GLU L 50 2.46 11.25 -19.85
N GLN L 51 2.90 11.84 -20.97
CA GLN L 51 2.80 13.28 -21.12
C GLN L 51 1.34 13.70 -21.26
N GLY L 52 0.56 12.90 -21.98
CA GLY L 52 -0.87 13.13 -22.09
C GLY L 52 -1.55 13.18 -20.72
N SER L 53 -1.17 12.27 -19.83
CA SER L 53 -1.76 12.24 -18.48
C SER L 53 -1.43 13.46 -17.65
N GLU L 54 -0.21 13.98 -17.83
CA GLU L 54 0.20 15.20 -17.14
C GLU L 54 -0.54 16.43 -17.66
N VAL L 55 -0.73 16.52 -18.97
CA VAL L 55 -1.57 17.59 -19.52
C VAL L 55 -3.01 17.43 -19.06
N PHE L 56 -3.51 16.20 -19.06
CA PHE L 56 -4.88 15.91 -18.63
C PHE L 56 -5.20 16.51 -17.25
N ALA L 57 -4.29 16.31 -16.30
CA ALA L 57 -4.48 16.79 -14.92
C ALA L 57 -4.66 18.31 -14.86
N MET L 58 -4.10 19.01 -15.84
CA MET L 58 -4.22 20.47 -15.90
C MET L 58 -5.62 20.97 -16.22
N ILE L 59 -6.42 20.15 -16.90
CA ILE L 59 -7.77 20.53 -17.33
C ILE L 59 -8.61 20.96 -16.12
N ASP L 60 -8.71 20.09 -15.13
CA ASP L 60 -9.48 20.38 -13.93
C ASP L 60 -8.91 21.54 -13.13
N GLU L 61 -7.58 21.63 -13.04
CA GLU L 61 -6.93 22.73 -12.31
C GLU L 61 -7.27 24.08 -12.92
N LEU L 62 -7.15 24.18 -14.23
CA LEU L 62 -7.42 25.42 -14.95
C LEU L 62 -8.90 25.79 -14.95
N ALA L 63 -9.76 24.77 -15.09
CA ALA L 63 -11.21 24.96 -15.06
C ALA L 63 -11.67 25.44 -13.68
N GLU L 64 -11.21 24.76 -12.63
CA GLU L 64 -11.67 25.12 -11.28
C GLU L 64 -11.08 26.44 -10.80
N ARG L 65 -9.93 26.84 -11.35
CA ARG L 65 -9.37 28.16 -11.06
C ARG L 65 -10.38 29.27 -11.43
N SER L 66 -11.03 29.12 -12.58
CA SER L 66 -12.09 30.06 -13.00
C SER L 66 -13.20 30.19 -11.96
N LEU L 67 -13.65 29.04 -11.45
CA LEU L 67 -14.69 28.98 -10.42
C LEU L 67 -14.25 29.67 -9.11
N MET L 68 -12.99 29.46 -8.73
CA MET L 68 -12.42 30.05 -7.51
C MET L 68 -12.31 31.58 -7.62
N LEU L 69 -12.33 32.08 -8.84
CA LEU L 69 -12.29 33.53 -9.10
C LEU L 69 -13.68 34.08 -9.44
N ASP L 70 -14.72 33.32 -9.07
CA ASP L 70 -16.13 33.69 -9.27
C ASP L 70 -16.54 33.81 -10.74
N GLY L 71 -15.81 33.09 -11.60
CA GLY L 71 -16.14 33.03 -13.02
C GLY L 71 -16.62 31.64 -13.40
N GLN L 72 -16.69 31.37 -14.70
CA GLN L 72 -17.02 30.03 -15.17
C GLN L 72 -15.96 29.56 -16.15
N PRO L 73 -15.64 28.25 -16.12
CA PRO L 73 -14.70 27.72 -17.10
C PRO L 73 -15.39 27.52 -18.45
N VAL L 74 -14.62 27.19 -19.48
CA VAL L 74 -15.20 26.62 -20.69
C VAL L 74 -15.80 25.29 -20.26
N ALA L 75 -16.97 24.95 -20.80
CA ALA L 75 -17.65 23.73 -20.35
C ALA L 75 -18.42 23.02 -21.47
N ASP L 76 -19.01 23.79 -22.39
CA ASP L 76 -19.72 23.20 -23.52
C ASP L 76 -18.70 22.54 -24.43
N PRO L 77 -18.83 21.23 -24.70
CA PRO L 77 -17.86 20.62 -25.61
C PRO L 77 -17.65 21.36 -26.94
N ALA L 78 -18.70 21.96 -27.49
CA ALA L 78 -18.58 22.71 -28.75
C ALA L 78 -17.68 23.94 -28.65
N ASP L 79 -17.44 24.43 -27.44
CA ASP L 79 -16.66 25.64 -27.25
C ASP L 79 -15.15 25.44 -27.28
N TYR L 80 -14.69 24.23 -27.00
CA TYR L 80 -13.25 24.00 -26.86
C TYR L 80 -12.44 24.42 -28.09
N LEU L 81 -12.87 23.98 -29.26
CA LEU L 81 -12.16 24.33 -30.49
C LEU L 81 -12.37 25.78 -30.92
N LYS L 82 -13.37 26.44 -30.35
CA LYS L 82 -13.61 27.87 -30.61
C LYS L 82 -12.70 28.76 -29.76
N VAL L 83 -12.25 28.23 -28.62
CA VAL L 83 -11.47 29.01 -27.64
C VAL L 83 -9.97 28.66 -27.69
N ALA L 84 -9.67 27.40 -27.97
CA ALA L 84 -8.29 26.93 -27.98
C ALA L 84 -7.47 27.65 -29.06
N THR L 85 -6.21 27.93 -28.74
CA THR L 85 -5.27 28.47 -29.72
C THR L 85 -4.25 27.43 -30.21
N VAL L 86 -4.10 26.33 -29.48
CA VAL L 86 -3.27 25.22 -29.99
C VAL L 86 -3.95 24.58 -31.19
N THR L 87 -3.14 23.99 -32.07
CA THR L 87 -3.66 23.36 -33.27
C THR L 87 -4.22 21.98 -32.95
N PRO L 88 -5.51 21.76 -33.21
CA PRO L 88 -6.03 20.39 -33.07
C PRO L 88 -5.43 19.54 -34.18
N SER L 89 -4.96 18.34 -33.84
CA SER L 89 -4.30 17.49 -34.82
C SER L 89 -5.25 17.07 -35.92
N SER L 90 -4.74 17.07 -37.15
CA SER L 90 -5.57 16.77 -38.31
C SER L 90 -4.83 15.84 -39.26
N GLY L 91 -5.50 14.78 -39.68
CA GLY L 91 -5.00 13.90 -40.75
C GLY L 91 -3.98 12.86 -40.32
N GLN L 92 -3.59 12.01 -41.27
CA GLN L 92 -2.61 10.97 -41.02
C GLN L 92 -1.21 11.57 -40.91
N LEU L 93 -0.53 11.24 -39.82
CA LEU L 93 0.78 11.82 -39.50
C LEU L 93 1.81 10.73 -39.28
N THR L 94 3.06 10.99 -39.67
CA THR L 94 4.15 10.09 -39.26
C THR L 94 4.45 10.36 -37.80
N VAL L 95 5.21 9.48 -37.17
CA VAL L 95 5.62 9.70 -35.78
C VAL L 95 6.46 10.98 -35.65
N LYS L 96 7.39 11.19 -36.57
CA LYS L 96 8.15 12.44 -36.57
C LYS L 96 7.23 13.67 -36.60
N GLN L 97 6.19 13.63 -37.45
CA GLN L 97 5.24 14.73 -37.57
C GLN L 97 4.45 14.94 -36.27
N MET L 98 4.06 13.84 -35.62
CA MET L 98 3.36 13.93 -34.34
C MET L 98 4.20 14.67 -33.31
N ILE L 99 5.47 14.27 -33.24
CA ILE L 99 6.41 14.86 -32.28
C ILE L 99 6.63 16.35 -32.59
N GLU L 100 6.81 16.69 -33.86
CA GLU L 100 6.99 18.09 -34.23
C GLU L 100 5.77 18.94 -33.91
N GLU L 101 4.58 18.36 -34.14
CA GLU L 101 3.33 19.05 -33.86
C GLU L 101 3.19 19.29 -32.36
N ALA L 102 3.49 18.25 -31.59
CA ALA L 102 3.45 18.34 -30.13
C ALA L 102 4.40 19.44 -29.63
N ILE L 103 5.64 19.46 -30.13
CA ILE L 103 6.59 20.50 -29.74
C ILE L 103 6.06 21.90 -30.03
N ALA L 104 5.54 22.09 -31.24
CA ALA L 104 5.03 23.39 -31.67
C ALA L 104 3.89 23.85 -30.76
N ASN L 105 2.99 22.92 -30.42
CA ASN L 105 1.88 23.24 -29.53
C ASN L 105 2.35 23.52 -28.11
N HIS L 106 3.31 22.73 -27.61
CA HIS L 106 3.91 23.00 -26.29
C HIS L 106 4.57 24.38 -26.25
N GLU L 107 5.27 24.74 -27.32
CA GLU L 107 5.94 26.04 -27.38
C GLU L 107 4.94 27.19 -27.34
N LEU L 108 3.81 27.02 -28.03
CA LEU L 108 2.73 28.00 -27.97
C LEU L 108 2.20 28.13 -26.54
N ILE L 109 1.94 27.00 -25.90
CA ILE L 109 1.42 26.99 -24.53
C ILE L 109 2.42 27.63 -23.56
N ILE L 110 3.70 27.29 -23.71
CA ILE L 110 4.78 27.87 -22.88
C ILE L 110 4.79 29.41 -23.00
N THR L 111 4.74 29.89 -24.24
CA THR L 111 4.71 31.34 -24.48
C THR L 111 3.48 31.95 -23.82
N GLU L 112 2.31 31.35 -24.05
CA GLU L 112 1.08 31.85 -23.46
C GLU L 112 1.06 31.82 -21.93
N MET L 113 1.61 30.77 -21.34
CA MET L 113 1.64 30.68 -19.88
C MET L 113 2.52 31.75 -19.24
N HIS L 114 3.63 32.10 -19.91
CA HIS L 114 4.48 33.20 -19.44
C HIS L 114 3.73 34.53 -19.55
N GLN L 115 3.05 34.74 -20.68
CA GLN L 115 2.22 35.94 -20.87
C GLN L 115 1.09 35.99 -19.83
N ASP L 116 0.44 34.86 -19.63
CA ASP L 116 -0.73 34.79 -18.75
C ASP L 116 -0.35 34.91 -17.28
N ALA L 117 0.83 34.39 -16.91
CA ALA L 117 1.35 34.59 -15.55
C ALA L 117 1.59 36.09 -15.29
N GLU L 118 2.12 36.79 -16.28
CA GLU L 118 2.33 38.24 -16.13
C GLU L 118 1.02 39.01 -15.98
N ILE L 119 0.00 38.63 -16.76
CA ILE L 119 -1.34 39.21 -16.62
C ILE L 119 -1.92 38.98 -15.22
N ALA L 120 -1.81 37.75 -14.71
CA ALA L 120 -2.24 37.42 -13.36
C ALA L 120 -1.51 38.26 -12.30
N THR L 121 -0.19 38.38 -12.47
CA THR L 121 0.67 39.15 -11.56
C THR L 121 0.26 40.62 -11.54
N GLU L 122 -0.01 41.18 -12.72
CA GLU L 122 -0.51 42.56 -12.84
C GLU L 122 -1.83 42.76 -12.10
N ALA L 123 -2.68 41.73 -12.13
CA ALA L 123 -3.97 41.75 -11.46
C ALA L 123 -3.86 41.50 -9.96
N GLY L 124 -2.65 41.20 -9.49
CA GLY L 124 -2.42 40.87 -8.09
C GLY L 124 -2.90 39.45 -7.75
N ASP L 125 -3.19 38.67 -8.79
CA ASP L 125 -3.72 37.31 -8.62
C ASP L 125 -2.54 36.33 -8.49
N ILE L 126 -1.99 36.30 -7.28
CA ILE L 126 -0.77 35.51 -7.03
C ILE L 126 -1.03 34.00 -7.22
N GLY L 127 -2.24 33.55 -6.89
CA GLY L 127 -2.60 32.14 -7.06
C GLY L 127 -2.58 31.70 -8.51
N THR L 128 -3.22 32.49 -9.37
CA THR L 128 -3.27 32.15 -10.80
C THR L 128 -1.88 32.25 -11.43
N ALA L 129 -1.12 33.27 -11.06
CA ALA L 129 0.26 33.39 -11.53
C ALA L 129 1.07 32.14 -11.12
N ASP L 130 0.83 31.66 -9.90
CA ASP L 130 1.51 30.48 -9.41
C ASP L 130 1.13 29.22 -10.18
N LEU L 131 -0.16 29.10 -10.48
CA LEU L 131 -0.67 27.95 -11.25
C LEU L 131 0.04 27.86 -12.59
N TYR L 132 0.08 28.97 -13.32
CA TYR L 132 0.77 29.02 -14.59
C TYR L 132 2.27 28.73 -14.46
N THR L 133 2.87 29.25 -13.39
CA THR L 133 4.30 29.07 -13.13
C THR L 133 4.66 27.60 -12.87
N ARG L 134 3.79 26.90 -12.14
CA ARG L 134 3.98 25.47 -11.92
C ARG L 134 3.73 24.65 -13.20
N LEU L 135 2.60 24.90 -13.85
CA LEU L 135 2.23 24.10 -15.02
C LEU L 135 3.20 24.27 -16.20
N VAL L 136 3.73 25.48 -16.36
CA VAL L 136 4.61 25.72 -17.51
C VAL L 136 5.86 24.84 -17.45
N GLN L 137 6.32 24.51 -16.24
CA GLN L 137 7.50 23.67 -16.06
C GLN L 137 7.27 22.25 -16.58
N THR L 138 6.04 21.76 -16.43
CA THR L 138 5.69 20.45 -16.99
C THR L 138 5.73 20.50 -18.52
N HIS L 139 5.17 21.56 -19.10
CA HIS L 139 5.27 21.77 -20.56
C HIS L 139 6.72 21.84 -21.04
N GLN L 140 7.58 22.49 -20.25
CA GLN L 140 8.98 22.61 -20.62
C GLN L 140 9.68 21.24 -20.57
N LYS L 141 9.29 20.40 -19.61
CA LYS L 141 9.79 19.03 -19.56
C LYS L 141 9.34 18.22 -20.79
N HIS L 142 8.05 18.29 -21.11
CA HIS L 142 7.49 17.60 -22.27
C HIS L 142 8.20 18.02 -23.56
N ARG L 143 8.42 19.32 -23.71
CA ARG L 143 9.09 19.87 -24.89
C ARG L 143 10.50 19.31 -25.02
N TRP L 144 11.23 19.27 -23.90
CA TRP L 144 12.57 18.71 -23.88
C TRP L 144 12.59 17.24 -24.32
N PHE L 145 11.75 16.41 -23.69
CA PHE L 145 11.64 14.98 -24.05
C PHE L 145 11.41 14.80 -25.56
N LEU L 146 10.42 15.52 -26.07
CA LEU L 146 10.05 15.42 -27.48
C LEU L 146 11.17 15.84 -28.42
N LYS L 147 11.83 16.95 -28.08
CA LYS L 147 12.93 17.45 -28.89
C LYS L 147 14.06 16.44 -28.97
N GLU L 148 14.32 15.72 -27.89
CA GLU L 148 15.35 14.69 -27.89
C GLU L 148 15.10 13.59 -28.93
N PHE L 149 13.84 13.22 -29.12
CA PHE L 149 13.49 12.18 -30.11
C PHE L 149 13.86 12.61 -31.55
N LEU L 150 13.99 13.91 -31.75
CA LEU L 150 14.28 14.48 -33.07
C LEU L 150 15.76 14.69 -33.33
N ALA L 151 16.58 14.47 -32.29
CA ALA L 151 18.04 14.60 -32.42
C ALA L 151 18.57 13.44 -33.25
N LYS L 152 19.67 13.70 -33.96
CA LYS L 152 20.32 12.67 -34.76
C LYS L 152 21.76 12.45 -34.31
N GLY L 153 22.41 11.43 -34.86
CA GLY L 153 23.80 11.14 -34.56
C GLY L 153 24.03 10.45 -33.23
N ASP L 154 23.06 9.66 -32.78
CA ASP L 154 23.24 8.90 -31.54
C ASP L 154 24.23 7.74 -31.67
N GLY L 155 24.48 7.30 -32.91
CA GLY L 155 25.47 6.26 -33.20
C GLY L 155 24.91 4.84 -33.16
N LEU L 156 23.64 4.72 -32.80
CA LEU L 156 22.96 3.42 -32.73
C LEU L 156 21.91 3.26 -33.81
N VAL L 157 21.01 4.25 -33.93
CA VAL L 157 19.92 4.21 -34.90
C VAL L 157 19.78 5.50 -35.71
N SER L 158 20.63 6.49 -35.40
CA SER L 158 20.60 7.79 -36.08
C SER L 158 22.00 8.40 -36.14
CL CL M . -3.93 -20.61 4.39
O1 PG4 N . -24.51 -21.12 -24.68
C1 PG4 N . -25.83 -20.67 -24.34
C2 PG4 N . -26.81 -21.08 -25.44
O2 PG4 N . -26.88 -22.51 -25.48
C3 PG4 N . -27.33 -22.98 -26.74
C4 PG4 N . -27.35 -24.51 -26.74
O3 PG4 N . -28.05 -25.02 -25.60
C5 PG4 N . -27.86 -26.43 -25.45
C6 PG4 N . -28.14 -26.92 -24.03
O4 PG4 N . -29.00 -26.02 -23.31
C7 PG4 N . -29.78 -26.67 -22.31
C8 PG4 N . -29.55 -25.99 -20.96
O5 PG4 N . -30.19 -24.71 -20.92
C1 PGE O . 0.18 -2.76 -38.75
O1 PGE O . -1.19 -2.78 -39.16
C2 PGE O . 1.06 -3.34 -39.86
O2 PGE O . 1.96 -4.30 -39.31
C3 PGE O . 2.31 -5.33 -40.24
C4 PGE O . 2.43 -6.67 -39.52
O4 PGE O . -0.61 -9.89 -39.52
C6 PGE O . 0.47 -9.60 -40.44
C5 PGE O . 1.61 -8.90 -39.69
O3 PGE O . 2.03 -7.73 -40.39
C1 PGE P . -9.35 -20.33 -11.73
O1 PGE P . -8.74 -19.31 -12.53
C2 PGE P . -10.55 -19.74 -10.99
O2 PGE P . -11.60 -19.48 -11.91
C3 PGE P . -12.84 -19.17 -11.25
C4 PGE P . -13.75 -18.40 -12.19
O4 PGE P . -12.01 -14.40 -13.17
C6 PGE P . -12.99 -15.21 -13.85
C5 PGE P . -13.69 -16.11 -12.85
O3 PGE P . -13.00 -17.36 -12.83
C1 PGE Q . 18.94 8.49 -41.17
O1 PGE Q . 19.09 7.10 -41.46
C2 PGE Q . 17.51 8.91 -41.49
O2 PGE Q . 16.58 8.08 -40.80
C3 PGE Q . 15.22 8.46 -41.06
C4 PGE Q . 14.26 7.29 -40.79
O4 PGE Q . 15.15 2.98 -42.40
C6 PGE Q . 15.78 4.24 -42.16
C5 PGE Q . 14.73 5.33 -42.04
O3 PGE Q . 14.93 6.03 -40.82
CL CL R . 8.98 1.57 -19.46
O1 PG4 S . -17.15 -17.53 30.36
C1 PG4 S . -16.12 -16.63 30.77
C2 PG4 S . -16.31 -16.37 32.26
O2 PG4 S . -15.05 -16.35 32.93
C3 PG4 S . -14.94 -17.27 34.01
C4 PG4 S . -15.70 -16.82 35.24
O3 PG4 S . -16.20 -18.00 35.82
C5 PG4 S . -16.81 -17.83 37.10
C6 PG4 S . -18.12 -18.59 37.06
O4 PG4 S . -17.95 -19.95 37.47
C7 PG4 S . -17.80 -20.85 36.38
C8 PG4 S . -19.03 -21.73 36.20
O5 PG4 S . -18.98 -22.24 34.87
C1 PGE T . -13.85 -13.25 16.16
O1 PGE T . -14.14 -11.87 15.95
C2 PGE T . -12.48 -13.38 16.79
O2 PGE T . -12.51 -12.74 18.07
C3 PGE T . -11.29 -12.89 18.80
C4 PGE T . -11.18 -11.78 19.83
O4 PGE T . -10.72 -7.92 18.37
C6 PGE T . -11.75 -8.15 19.34
C5 PGE T . -11.43 -9.43 20.12
O3 PGE T . -11.36 -10.53 19.19
CL CL U . -18.33 11.02 0.09
C1 PGE V . -20.17 -27.18 -13.93
O1 PGE V . -21.40 -26.52 -14.26
C2 PGE V . -20.24 -28.64 -14.35
O2 PGE V . -21.23 -29.29 -13.55
C3 PGE V . -21.36 -30.67 -13.88
C4 PGE V . -22.57 -31.20 -13.13
O4 PGE V . -26.38 -29.41 -14.04
C6 PGE V . -26.17 -30.78 -13.62
C5 PGE V . -24.87 -30.86 -12.81
O3 PGE V . -23.76 -30.65 -13.68
C1 PGE W . 36.30 -14.09 13.19
O1 PGE W . 35.89 -13.21 14.23
C2 PGE W . 36.80 -15.46 13.69
O2 PGE W . 37.09 -16.18 12.49
C3 PGE W . 37.17 -17.59 12.63
C4 PGE W . 36.96 -18.31 11.28
O4 PGE W . 34.56 -18.28 8.05
C6 PGE W . 35.81 -17.58 8.09
C5 PGE W . 35.97 -17.05 9.51
O3 PGE W . 37.16 -17.47 10.15
C1 PGE X . 13.13 -20.37 7.39
O1 PGE X . 13.54 -18.99 7.37
C2 PGE X . 12.86 -20.83 5.97
O2 PGE X . 14.06 -20.67 5.21
C3 PGE X . 14.02 -21.38 3.99
C4 PGE X . 14.03 -20.41 2.82
O4 PGE X . 16.97 -16.71 2.94
C6 PGE X . 16.93 -18.14 2.95
C5 PGE X . 15.47 -18.55 2.95
O3 PGE X . 15.36 -19.93 2.61
C1 PGE Y . 12.10 -4.96 39.78
O1 PGE Y . 10.70 -5.14 40.01
C2 PGE Y . 12.58 -5.96 38.73
O2 PGE Y . 12.00 -7.24 38.98
C3 PGE Y . 12.14 -8.12 37.88
C4 PGE Y . 12.45 -9.52 38.40
O4 PGE Y . 9.03 -10.67 40.99
C6 PGE Y . 9.69 -11.42 39.96
C5 PGE Y . 11.12 -10.90 39.79
O3 PGE Y . 11.23 -10.24 38.53
C1 PGE Z . 3.00 -0.40 24.99
O1 PGE Z . 2.42 -1.54 24.34
C2 PGE Z . 2.19 0.83 24.61
O2 PGE Z . 0.88 0.74 25.19
C3 PGE Z . 0.41 2.00 25.64
C4 PGE Z . -1.11 2.08 25.54
O4 PGE Z . -3.52 -0.42 22.37
C6 PGE Z . -3.29 -0.32 23.79
C5 PGE Z . -2.60 1.01 24.07
O3 PGE Z . -1.64 0.83 25.11
C1 PGE AA . -16.19 9.07 17.25
O1 PGE AA . -14.89 9.45 16.77
C2 PGE AA . -16.53 7.68 16.73
O2 PGE AA . -17.20 6.94 17.75
C3 PGE AA . -17.63 5.65 17.31
C4 PGE AA . -16.98 4.55 18.14
O4 PGE AA . -14.91 2.01 19.70
C6 PGE AA . -14.37 3.33 19.75
C5 PGE AA . -14.69 4.03 18.44
O3 PGE AA . -15.72 4.98 18.65
C1 PGE BA . -1.24 11.16 39.38
O1 PGE BA . -1.78 10.78 38.10
C2 PGE BA . 0.16 10.56 39.57
O2 PGE BA . 0.15 9.16 39.32
C3 PGE BA . 1.37 8.52 39.71
C4 PGE BA . 1.36 7.05 39.28
O4 PGE BA . -1.13 6.30 36.09
C6 PGE BA . 0.19 5.75 36.04
C5 PGE BA . 0.77 5.66 37.45
O3 PGE BA . 1.05 6.98 37.90
CL CL CA . 13.43 8.13 14.53
C1 PGE DA . -8.61 22.30 -8.29
O1 PGE DA . -7.43 21.72 -8.86
C2 PGE DA . -8.40 22.52 -6.81
O2 PGE DA . -7.34 23.47 -6.64
C3 PGE DA . -7.33 24.09 -5.35
C4 PGE DA . -5.95 23.91 -4.73
O4 PGE DA . -1.96 22.69 -5.53
C6 PGE DA . -2.65 23.95 -5.62
C5 PGE DA . -4.06 23.67 -6.13
O3 PGE DA . -4.99 24.57 -5.54
#